data_8T18
#
_entry.id   8T18
#
_cell.length_a   1.00
_cell.length_b   1.00
_cell.length_c   1.00
_cell.angle_alpha   90.00
_cell.angle_beta   90.00
_cell.angle_gamma   90.00
#
_symmetry.space_group_name_H-M   'P 1'
#
_entity_poly.entity_id   1
_entity_poly.type   'polypeptide(L)'
_entity_poly.pdbx_seq_one_letter_code
;MGSSHHHHHHSSGLVPRGSHVSKGEELFTGVVPILVELDGDVNGHKFSVSGEGEGDATYGKLTLKLICTTGKLPVPWPTL
VTTLGYGLQCFARYPDHMKQHDFFKSAMPEGYVQERTIFFKDDGNYKTRAEVKFEGDTLVNRIELKGIDFKEDGNILGHK
LEYNYNSHNVYITADKQKNGIKANFKIRHNIEDGGVQLADHYQQNTPIGDGPVLLPDNHYLSYQSKLSKDPNEKRDHMVL
LEFVTAAGITLGMDELYKSGLRSRAQASNSAVDARKQEIIKTTEQLIEAVNNGDFEAYAKICDPGLTSFEPEALGNLVEG
MDFHRFYFENLLAKNSKPIHTTILNPHVHVIGEDAACIAYIRLTQYIDGQGRPRTSQSEETRVWHRPDGKWQNVHFHCSG
APVAPLQ
;
_entity_poly.pdbx_strand_id   A,B,C,D,E,F,G,H,I,J,K,L
#
# COMPACT_ATOMS: atom_id res chain seq x y z
N ASP A 273 0.76 9.25 -52.17
CA ASP A 273 1.19 8.18 -51.28
C ASP A 273 2.68 7.85 -51.41
N ALA A 274 3.32 8.23 -52.53
CA ALA A 274 4.75 8.01 -52.77
C ALA A 274 5.63 8.75 -51.75
N ARG A 275 5.36 10.04 -51.51
CA ARG A 275 6.09 10.86 -50.53
C ARG A 275 5.86 10.39 -49.09
N LYS A 276 4.66 9.90 -48.76
CA LYS A 276 4.36 9.29 -47.45
C LYS A 276 5.12 7.99 -47.22
N GLN A 277 5.21 7.11 -48.21
CA GLN A 277 6.02 5.89 -48.14
C GLN A 277 7.52 6.19 -47.96
N GLU A 278 8.02 7.30 -48.51
CA GLU A 278 9.39 7.77 -48.33
C GLU A 278 9.71 8.17 -46.86
N ILE A 279 8.79 8.89 -46.21
CA ILE A 279 8.90 9.24 -44.79
C ILE A 279 8.81 8.00 -43.90
N ILE A 280 7.93 7.05 -44.23
CA ILE A 280 7.82 5.76 -43.55
C ILE A 280 9.15 4.99 -43.64
N LYS A 281 9.69 4.83 -44.85
CA LYS A 281 10.96 4.16 -45.10
C LYS A 281 12.12 4.78 -44.31
N THR A 282 12.23 6.10 -44.33
CA THR A 282 13.27 6.83 -43.58
C THR A 282 13.09 6.71 -42.07
N THR A 283 11.86 6.65 -41.57
CA THR A 283 11.57 6.43 -40.15
C THR A 283 11.94 5.02 -39.69
N GLU A 284 11.72 4.00 -40.52
CA GLU A 284 12.16 2.63 -40.29
C GLU A 284 13.68 2.47 -40.29
N GLN A 285 14.42 3.22 -41.13
CA GLN A 285 15.88 3.30 -41.07
C GLN A 285 16.40 3.86 -39.75
N LEU A 286 15.74 4.86 -39.17
CA LEU A 286 16.09 5.41 -37.86
C LEU A 286 15.92 4.34 -36.78
N ILE A 287 14.76 3.69 -36.74
CA ILE A 287 14.41 2.72 -35.70
C ILE A 287 15.36 1.52 -35.71
N GLU A 288 15.72 0.99 -36.87
CA GLU A 288 16.69 -0.10 -36.95
C GLU A 288 18.15 0.35 -36.71
N ALA A 289 18.56 1.57 -37.06
CA ALA A 289 19.88 2.07 -36.65
C ALA A 289 20.00 2.20 -35.12
N VAL A 290 18.95 2.65 -34.42
CA VAL A 290 18.90 2.70 -32.96
C VAL A 290 19.03 1.30 -32.35
N ASN A 291 18.19 0.33 -32.74
CA ASN A 291 18.24 -0.99 -32.10
C ASN A 291 19.44 -1.87 -32.52
N ASN A 292 20.16 -1.51 -33.60
CA ASN A 292 21.49 -2.04 -33.90
C ASN A 292 22.62 -1.41 -33.07
N GLY A 293 22.38 -0.28 -32.38
CA GLY A 293 23.41 0.46 -31.66
C GLY A 293 24.37 1.23 -32.58
N ASP A 294 23.95 1.55 -33.80
CA ASP A 294 24.78 2.18 -34.84
C ASP A 294 24.82 3.72 -34.72
N PHE A 295 25.50 4.24 -33.68
CA PHE A 295 25.51 5.67 -33.39
C PHE A 295 26.07 6.54 -34.53
N GLU A 296 27.00 6.01 -35.32
CA GLU A 296 27.54 6.72 -36.48
C GLU A 296 26.52 6.88 -37.62
N ALA A 297 25.55 5.98 -37.78
CA ALA A 297 24.43 6.18 -38.69
C ALA A 297 23.34 7.08 -38.09
N TYR A 298 23.04 6.95 -36.80
CA TYR A 298 22.12 7.83 -36.08
C TYR A 298 22.52 9.30 -36.21
N ALA A 299 23.80 9.61 -36.01
CA ALA A 299 24.34 10.96 -36.19
C ALA A 299 24.17 11.56 -37.60
N LYS A 300 23.98 10.76 -38.65
CA LYS A 300 23.72 11.24 -40.02
C LYS A 300 22.24 11.53 -40.30
N ILE A 301 21.34 10.92 -39.52
CA ILE A 301 19.88 11.13 -39.58
C ILE A 301 19.44 12.38 -38.81
N CYS A 302 20.16 12.78 -37.76
CA CYS A 302 19.80 13.85 -36.84
C CYS A 302 20.46 15.20 -37.18
N ASP A 303 19.71 16.30 -37.09
CA ASP A 303 20.24 17.66 -37.10
C ASP A 303 21.09 17.96 -35.84
N PRO A 304 22.18 18.75 -35.90
CA PRO A 304 23.01 19.04 -34.72
C PRO A 304 22.29 19.80 -33.59
N GLY A 305 21.24 20.56 -33.91
CA GLY A 305 20.39 21.31 -32.98
C GLY A 305 19.09 20.59 -32.60
N LEU A 306 18.91 19.30 -32.92
CA LEU A 306 17.75 18.46 -32.55
C LEU A 306 17.37 18.64 -31.07
N THR A 307 16.07 18.75 -30.77
CA THR A 307 15.51 18.81 -29.41
C THR A 307 14.58 17.64 -29.13
N SER A 308 14.44 17.21 -27.88
CA SER A 308 13.52 16.13 -27.53
C SER A 308 12.90 16.16 -26.13
N PHE A 309 11.68 15.63 -26.05
CA PHE A 309 11.00 15.21 -24.83
C PHE A 309 10.89 13.68 -24.79
N GLU A 310 11.28 13.04 -23.68
CA GLU A 310 11.18 11.59 -23.50
C GLU A 310 11.18 11.23 -22.01
N PRO A 311 10.67 10.05 -21.59
CA PRO A 311 10.59 9.69 -20.16
C PRO A 311 11.93 9.72 -19.41
N GLU A 312 13.05 9.38 -20.06
CA GLU A 312 14.39 9.40 -19.48
C GLU A 312 14.89 10.80 -19.06
N ALA A 313 14.37 11.88 -19.65
CA ALA A 313 14.78 13.26 -19.36
C ALA A 313 14.00 13.93 -18.21
N LEU A 314 13.12 13.21 -17.52
CA LEU A 314 12.42 13.63 -16.29
C LEU A 314 11.57 14.92 -16.40
N GLY A 315 11.01 15.20 -17.58
CA GLY A 315 10.21 16.40 -17.85
C GLY A 315 10.95 17.59 -18.45
N ASN A 316 12.25 17.50 -18.75
CA ASN A 316 13.06 18.55 -19.34
C ASN A 316 13.20 18.44 -20.87
N LEU A 317 13.38 19.54 -21.59
CA LEU A 317 13.67 19.54 -23.04
C LEU A 317 15.18 19.46 -23.29
N VAL A 318 15.64 18.32 -23.80
CA VAL A 318 17.05 18.06 -24.16
C VAL A 318 17.39 18.67 -25.52
N GLU A 319 18.62 19.12 -25.72
CA GLU A 319 19.15 19.61 -27.00
C GLU A 319 20.48 18.90 -27.37
N GLY A 320 20.69 18.58 -28.65
CA GLY A 320 21.90 17.95 -29.18
C GLY A 320 22.02 16.44 -28.94
N MET A 321 23.17 15.86 -29.32
CA MET A 321 23.40 14.41 -29.39
C MET A 321 23.89 13.74 -28.10
N ASP A 322 24.49 14.50 -27.17
CA ASP A 322 25.31 13.92 -26.09
C ASP A 322 24.53 13.24 -24.96
N PHE A 323 23.26 13.60 -24.76
CA PHE A 323 22.38 12.90 -23.82
C PHE A 323 22.05 11.48 -24.30
N HIS A 324 21.82 11.32 -25.60
CA HIS A 324 21.45 10.04 -26.21
C HIS A 324 22.66 9.10 -26.38
N ARG A 325 23.84 9.66 -26.69
CA ARG A 325 25.14 8.96 -26.80
C ARG A 325 25.39 7.99 -25.65
N PHE A 326 25.07 8.36 -24.41
CA PHE A 326 25.24 7.51 -23.23
C PHE A 326 24.53 6.16 -23.32
N TYR A 327 23.34 6.08 -23.93
CA TYR A 327 22.59 4.83 -24.09
C TYR A 327 23.12 3.95 -25.23
N PHE A 328 23.72 4.52 -26.26
CA PHE A 328 24.43 3.72 -27.26
C PHE A 328 25.64 3.02 -26.64
N GLU A 329 26.44 3.76 -25.87
CA GLU A 329 27.66 3.26 -25.23
C GLU A 329 27.42 2.29 -24.07
N ASN A 330 26.26 2.34 -23.39
CA ASN A 330 26.00 1.54 -22.19
C ASN A 330 24.92 0.46 -22.36
N LEU A 331 24.24 0.39 -23.51
CA LEU A 331 23.28 -0.67 -23.86
C LEU A 331 23.43 -1.10 -25.32
N LEU A 332 23.10 -0.22 -26.26
CA LEU A 332 22.73 -0.64 -27.61
C LEU A 332 23.91 -1.28 -28.39
N ALA A 333 25.14 -0.83 -28.14
CA ALA A 333 26.36 -1.45 -28.70
C ALA A 333 26.73 -2.81 -28.07
N LYS A 334 26.18 -3.14 -26.89
CA LYS A 334 26.57 -4.26 -26.04
C LYS A 334 25.53 -5.41 -25.97
N ASN A 335 24.25 -5.11 -26.14
CA ASN A 335 23.17 -6.10 -26.06
C ASN A 335 23.19 -7.14 -27.19
N SER A 336 22.65 -8.34 -26.91
CA SER A 336 22.59 -9.48 -27.86
C SER A 336 21.23 -10.22 -27.91
N LYS A 337 20.34 -10.02 -26.94
CA LYS A 337 19.05 -10.75 -26.85
C LYS A 337 18.08 -10.34 -27.97
N PRO A 338 17.16 -11.24 -28.39
CA PRO A 338 16.19 -10.96 -29.45
C PRO A 338 15.14 -9.92 -29.03
N ILE A 339 14.80 -9.02 -29.96
CA ILE A 339 13.78 -7.97 -29.84
C ILE A 339 12.93 -7.93 -31.11
N HIS A 340 11.63 -7.74 -30.97
CA HIS A 340 10.70 -7.50 -32.09
C HIS A 340 9.87 -6.22 -31.86
N THR A 341 9.63 -5.44 -32.91
CA THR A 341 8.91 -4.17 -32.85
C THR A 341 7.79 -4.11 -33.88
N THR A 342 6.61 -3.70 -33.45
CA THR A 342 5.42 -3.47 -34.28
C THR A 342 5.09 -1.99 -34.30
N ILE A 343 4.89 -1.42 -35.49
CA ILE A 343 4.41 -0.04 -35.68
C ILE A 343 2.93 -0.09 -36.07
N LEU A 344 2.07 0.57 -35.30
CA LEU A 344 0.62 0.59 -35.46
C LEU A 344 0.09 1.97 -35.86
N ASN A 345 -0.86 1.95 -36.78
CA ASN A 345 -1.71 3.08 -37.19
C ASN A 345 -0.93 4.37 -37.55
N PRO A 346 0.17 4.34 -38.34
CA PRO A 346 0.94 5.54 -38.65
C PRO A 346 0.12 6.59 -39.39
N HIS A 347 0.36 7.87 -39.10
CA HIS A 347 -0.25 9.01 -39.80
C HIS A 347 0.85 10.02 -40.19
N VAL A 348 0.84 10.51 -41.42
CA VAL A 348 1.85 11.43 -41.97
C VAL A 348 1.17 12.73 -42.41
N HIS A 349 1.71 13.88 -41.99
CA HIS A 349 1.38 15.20 -42.52
C HIS A 349 2.54 15.69 -43.37
N VAL A 350 2.31 16.00 -44.64
CA VAL A 350 3.34 16.51 -45.55
C VAL A 350 3.08 18.00 -45.77
N ILE A 351 4.09 18.83 -45.54
CA ILE A 351 3.90 20.25 -45.22
C ILE A 351 4.66 21.11 -46.27
N GLY A 352 4.19 21.10 -47.51
CA GLY A 352 4.94 21.58 -48.68
C GLY A 352 5.90 20.52 -49.25
N GLU A 353 7.11 20.93 -49.65
CA GLU A 353 8.12 20.02 -50.22
C GLU A 353 9.35 19.83 -49.32
N ASP A 354 9.61 20.73 -48.37
CA ASP A 354 10.75 20.67 -47.46
C ASP A 354 10.47 19.95 -46.13
N ALA A 355 9.22 19.77 -45.73
CA ALA A 355 8.86 19.42 -44.35
C ALA A 355 7.81 18.30 -44.25
N ALA A 356 7.89 17.50 -43.19
CA ALA A 356 6.92 16.45 -42.89
C ALA A 356 6.91 16.10 -41.39
N CYS A 357 5.83 15.49 -40.93
CA CYS A 357 5.62 15.04 -39.56
C CYS A 357 4.99 13.63 -39.58
N ILE A 358 5.43 12.72 -38.69
CA ILE A 358 4.85 11.37 -38.57
C ILE A 358 4.53 11.03 -37.11
N ALA A 359 3.38 10.37 -36.89
CA ALA A 359 2.92 9.94 -35.57
C ALA A 359 2.48 8.47 -35.59
N TYR A 360 2.89 7.67 -34.61
CA TYR A 360 2.61 6.23 -34.57
C TYR A 360 2.63 5.67 -33.14
N ILE A 361 1.98 4.52 -32.96
CA ILE A 361 2.07 3.69 -31.77
C ILE A 361 3.13 2.60 -32.02
N ARG A 362 3.95 2.34 -31.01
CA ARG A 362 5.04 1.36 -31.05
C ARG A 362 4.84 0.32 -29.95
N LEU A 363 4.84 -0.95 -30.32
CA LEU A 363 4.87 -2.08 -29.38
C LEU A 363 6.21 -2.81 -29.50
N THR A 364 6.90 -3.05 -28.38
CA THR A 364 8.16 -3.80 -28.35
C THR A 364 8.04 -5.08 -27.51
N GLN A 365 8.36 -6.21 -28.14
CA GLN A 365 8.50 -7.54 -27.53
C GLN A 365 9.98 -7.82 -27.24
N TYR A 366 10.29 -8.18 -26.00
CA TYR A 366 11.67 -8.33 -25.51
C TYR A 366 11.77 -9.41 -24.43
N ILE A 367 12.99 -9.87 -24.14
CA ILE A 367 13.27 -10.87 -23.10
C ILE A 367 13.87 -10.17 -21.88
N ASP A 368 13.32 -10.41 -20.69
CA ASP A 368 13.79 -9.76 -19.46
C ASP A 368 15.11 -10.33 -18.89
N GLY A 369 15.56 -9.82 -17.74
CA GLY A 369 16.80 -10.23 -17.06
C GLY A 369 16.82 -11.67 -16.54
N GLN A 370 15.73 -12.43 -16.70
CA GLN A 370 15.60 -13.84 -16.31
C GLN A 370 14.85 -14.70 -17.34
N GLY A 371 14.84 -14.28 -18.61
CA GLY A 371 14.45 -15.12 -19.75
C GLY A 371 12.96 -15.14 -20.12
N ARG A 372 12.10 -14.37 -19.43
CA ARG A 372 10.65 -14.27 -19.74
C ARG A 372 10.39 -13.24 -20.85
N PRO A 373 9.60 -13.55 -21.89
CA PRO A 373 9.08 -12.54 -22.82
C PRO A 373 8.16 -11.50 -22.15
N ARG A 374 8.30 -10.24 -22.54
CA ARG A 374 7.57 -9.04 -22.06
C ARG A 374 7.12 -8.14 -23.22
N THR A 375 6.11 -7.30 -23.00
CA THR A 375 5.64 -6.25 -23.93
C THR A 375 5.55 -4.87 -23.27
N SER A 376 5.84 -3.81 -24.03
CA SER A 376 5.65 -2.41 -23.63
C SER A 376 5.22 -1.51 -24.80
N GLN A 377 4.57 -0.38 -24.51
CA GLN A 377 4.02 0.56 -25.50
C GLN A 377 4.58 1.99 -25.35
N SER A 378 4.88 2.65 -26.48
CA SER A 378 5.12 4.09 -26.57
C SER A 378 4.26 4.73 -27.65
N GLU A 379 4.06 6.04 -27.52
CA GLU A 379 3.46 6.92 -28.52
C GLU A 379 4.51 7.95 -28.94
N GLU A 380 4.76 8.10 -30.24
CA GLU A 380 5.90 8.86 -30.74
C GLU A 380 5.52 9.84 -31.85
N THR A 381 6.09 11.04 -31.81
CA THR A 381 6.02 12.08 -32.86
C THR A 381 7.41 12.41 -33.37
N ARG A 382 7.62 12.51 -34.68
CA ARG A 382 8.90 12.90 -35.30
C ARG A 382 8.71 13.95 -36.39
N VAL A 383 9.53 15.00 -36.36
CA VAL A 383 9.46 16.17 -37.26
C VAL A 383 10.69 16.19 -38.17
N TRP A 384 10.47 16.19 -39.48
CA TRP A 384 11.49 16.02 -40.52
C TRP A 384 11.60 17.25 -41.42
N HIS A 385 12.82 17.66 -41.75
CA HIS A 385 13.16 18.74 -42.69
C HIS A 385 14.12 18.21 -43.75
N ARG A 386 14.10 18.77 -44.96
CA ARG A 386 15.01 18.41 -46.06
C ARG A 386 16.04 19.51 -46.43
N PRO A 387 16.98 19.90 -45.54
CA PRO A 387 18.10 20.74 -45.93
C PRO A 387 19.03 19.97 -46.90
N ASP A 388 19.60 20.65 -47.88
CA ASP A 388 20.64 20.12 -48.80
C ASP A 388 20.29 18.77 -49.49
N GLY A 389 19.01 18.55 -49.78
CA GLY A 389 18.51 17.35 -50.48
C GLY A 389 18.33 16.09 -49.62
N LYS A 390 18.75 16.10 -48.35
CA LYS A 390 18.67 14.94 -47.42
C LYS A 390 17.70 15.21 -46.27
N TRP A 391 16.76 14.29 -46.03
CA TRP A 391 15.86 14.36 -44.86
C TRP A 391 16.61 14.19 -43.53
N GLN A 392 16.42 15.11 -42.60
CA GLN A 392 16.98 15.06 -41.25
C GLN A 392 15.98 15.45 -40.16
N ASN A 393 16.15 14.86 -38.98
CA ASN A 393 15.22 14.98 -37.86
C ASN A 393 15.57 16.19 -36.98
N VAL A 394 14.59 17.05 -36.67
CA VAL A 394 14.81 18.32 -35.92
C VAL A 394 14.12 18.36 -34.55
N HIS A 395 13.05 17.60 -34.33
CA HIS A 395 12.38 17.49 -33.04
C HIS A 395 11.72 16.13 -32.86
N PHE A 396 11.72 15.61 -31.63
CA PHE A 396 11.12 14.32 -31.27
C PHE A 396 10.41 14.36 -29.91
N HIS A 397 9.23 13.74 -29.80
CA HIS A 397 8.46 13.64 -28.56
C HIS A 397 7.99 12.20 -28.35
N CYS A 398 8.23 11.65 -27.16
CA CYS A 398 7.83 10.30 -26.76
C CYS A 398 7.04 10.30 -25.44
N SER A 399 5.99 9.49 -25.38
CA SER A 399 5.16 9.17 -24.21
C SER A 399 5.06 7.66 -24.00
N GLY A 400 4.77 7.22 -22.78
CA GLY A 400 4.56 5.82 -22.44
C GLY A 400 5.78 5.19 -21.77
N ALA A 401 6.11 3.95 -22.14
CA ALA A 401 7.28 3.26 -21.61
C ALA A 401 8.61 3.92 -22.03
N PRO A 402 9.65 3.92 -21.16
CA PRO A 402 11.01 4.31 -21.53
C PRO A 402 11.59 3.42 -22.66
N VAL A 403 12.47 3.95 -23.51
CA VAL A 403 13.15 3.17 -24.55
C VAL A 403 14.26 2.33 -23.95
N ALA A 404 14.92 2.80 -22.88
CA ALA A 404 15.74 1.95 -22.03
C ALA A 404 14.84 0.85 -21.43
N PRO A 405 15.03 -0.44 -21.77
CA PRO A 405 14.02 -1.46 -21.56
C PRO A 405 13.86 -1.85 -20.08
N LEU A 406 12.66 -2.30 -19.71
CA LEU A 406 12.29 -2.69 -18.35
C LEU A 406 12.54 -4.20 -18.14
N GLN A 407 13.82 -4.60 -18.25
CA GLN A 407 14.31 -5.98 -18.07
C GLN A 407 14.58 -6.33 -16.60
N ASP B 273 29.15 39.69 -19.58
CA ASP B 273 29.10 38.23 -19.73
C ASP B 273 30.43 37.54 -19.39
N ALA B 274 31.55 38.28 -19.40
CA ALA B 274 32.88 37.77 -19.07
C ALA B 274 32.96 37.27 -17.61
N ARG B 275 32.48 38.07 -16.66
CA ARG B 275 32.46 37.71 -15.23
C ARG B 275 31.50 36.56 -14.94
N LYS B 276 30.37 36.46 -15.66
CA LYS B 276 29.45 35.31 -15.56
C LYS B 276 30.06 34.02 -16.08
N GLN B 277 30.77 34.04 -17.21
CA GLN B 277 31.51 32.89 -17.71
C GLN B 277 32.61 32.41 -16.75
N GLU B 278 33.23 33.32 -16.00
CA GLU B 278 34.22 33.02 -14.95
C GLU B 278 33.61 32.21 -13.77
N ILE B 279 32.43 32.61 -13.29
CA ILE B 279 31.68 31.88 -12.26
C ILE B 279 31.23 30.51 -12.77
N ILE B 280 30.77 30.43 -14.02
CA ILE B 280 30.41 29.15 -14.67
C ILE B 280 31.63 28.22 -14.71
N LYS B 281 32.77 28.69 -15.22
CA LYS B 281 34.02 27.94 -15.29
C LYS B 281 34.46 27.41 -13.92
N THR B 282 34.45 28.26 -12.90
CA THR B 282 34.82 27.86 -11.53
C THR B 282 33.84 26.87 -10.91
N THR B 283 32.55 26.96 -11.23
CA THR B 283 31.54 25.99 -10.78
C THR B 283 31.71 24.63 -11.45
N GLU B 284 32.07 24.59 -12.73
CA GLU B 284 32.43 23.35 -13.43
C GLU B 284 33.70 22.69 -12.88
N GLN B 285 34.70 23.46 -12.45
CA GLN B 285 35.86 22.93 -11.72
C GLN B 285 35.49 22.25 -10.40
N LEU B 286 34.54 22.81 -9.64
CA LEU B 286 34.04 22.19 -8.41
C LEU B 286 33.40 20.84 -8.73
N ILE B 287 32.47 20.81 -9.70
CA ILE B 287 31.69 19.62 -10.04
C ILE B 287 32.58 18.47 -10.51
N GLU B 288 33.59 18.74 -11.35
CA GLU B 288 34.52 17.70 -11.78
C GLU B 288 35.54 17.30 -10.68
N ALA B 289 35.96 18.19 -9.78
CA ALA B 289 36.77 17.78 -8.63
C ALA B 289 36.00 16.82 -7.69
N VAL B 290 34.70 17.05 -7.47
CA VAL B 290 33.85 16.15 -6.68
C VAL B 290 33.72 14.78 -7.35
N ASN B 291 33.34 14.70 -8.63
CA ASN B 291 33.14 13.39 -9.27
C ASN B 291 34.45 12.64 -9.62
N ASN B 292 35.61 13.31 -9.59
CA ASN B 292 36.92 12.65 -9.56
C ASN B 292 37.32 12.12 -8.17
N GLY B 293 36.64 12.51 -7.09
CA GLY B 293 37.02 12.17 -5.72
C GLY B 293 38.25 12.91 -5.21
N ASP B 294 38.56 14.07 -5.77
CA ASP B 294 39.76 14.85 -5.49
C ASP B 294 39.58 15.79 -4.26
N PHE B 295 39.51 15.22 -3.06
CA PHE B 295 39.23 15.98 -1.83
C PHE B 295 40.25 17.09 -1.54
N GLU B 296 41.51 16.91 -1.93
CA GLU B 296 42.54 17.93 -1.77
C GLU B 296 42.33 19.15 -2.67
N ALA B 297 41.70 19.01 -3.85
CA ALA B 297 41.28 20.15 -4.66
C ALA B 297 39.97 20.77 -4.15
N TYR B 298 39.01 19.95 -3.72
CA TYR B 298 37.76 20.40 -3.10
C TYR B 298 38.03 21.32 -1.90
N ALA B 299 38.94 20.94 -1.02
CA ALA B 299 39.34 21.74 0.14
C ALA B 299 39.95 23.11 -0.20
N LYS B 300 40.48 23.33 -1.41
CA LYS B 300 41.00 24.64 -1.85
C LYS B 300 39.91 25.56 -2.43
N ILE B 301 38.81 25.01 -2.91
CA ILE B 301 37.63 25.71 -3.42
C ILE B 301 36.70 26.18 -2.28
N CYS B 302 36.59 25.42 -1.19
CA CYS B 302 35.68 25.70 -0.07
C CYS B 302 36.30 26.59 1.00
N ASP B 303 35.53 27.55 1.54
CA ASP B 303 35.90 28.30 2.75
C ASP B 303 35.86 27.42 4.02
N PRO B 304 36.75 27.60 5.01
CA PRO B 304 36.77 26.79 6.23
C PRO B 304 35.49 26.83 7.08
N GLY B 305 34.70 27.91 6.98
CA GLY B 305 33.41 28.10 7.63
C GLY B 305 32.18 27.82 6.76
N LEU B 306 32.33 27.20 5.59
CA LEU B 306 31.23 26.82 4.67
C LEU B 306 30.05 26.14 5.41
N THR B 307 28.82 26.50 5.06
CA THR B 307 27.58 25.87 5.57
C THR B 307 26.77 25.24 4.44
N SER B 308 25.99 24.19 4.72
CA SER B 308 25.12 23.60 3.70
C SER B 308 23.82 22.95 4.17
N PHE B 309 22.80 23.01 3.30
CA PHE B 309 21.61 22.17 3.31
C PHE B 309 21.63 21.18 2.15
N GLU B 310 21.39 19.90 2.41
CA GLU B 310 21.34 18.85 1.39
C GLU B 310 20.54 17.63 1.90
N PRO B 311 20.01 16.76 1.01
CA PRO B 311 19.18 15.61 1.41
C PRO B 311 19.83 14.65 2.41
N GLU B 312 21.15 14.41 2.33
CA GLU B 312 21.91 13.54 3.22
C GLU B 312 21.96 14.02 4.69
N ALA B 313 21.79 15.32 4.96
CA ALA B 313 21.84 15.90 6.30
C ALA B 313 20.48 15.90 7.05
N LEU B 314 19.43 15.29 6.50
CA LEU B 314 18.14 15.03 7.13
C LEU B 314 17.39 16.29 7.66
N GLY B 315 17.55 17.44 7.01
CA GLY B 315 16.93 18.71 7.40
C GLY B 315 17.76 19.62 8.31
N ASN B 316 18.99 19.25 8.68
CA ASN B 316 19.90 20.01 9.53
C ASN B 316 20.88 20.90 8.72
N LEU B 317 21.34 22.03 9.27
CA LEU B 317 22.38 22.86 8.64
C LEU B 317 23.79 22.42 9.07
N VAL B 318 24.57 21.84 8.15
CA VAL B 318 25.94 21.37 8.39
C VAL B 318 26.93 22.54 8.28
N GLU B 319 28.02 22.52 9.06
CA GLU B 319 29.13 23.47 9.00
C GLU B 319 30.49 22.75 8.85
N GLY B 320 31.41 23.28 8.04
CA GLY B 320 32.77 22.76 7.84
C GLY B 320 32.87 21.55 6.89
N MET B 321 34.08 21.00 6.77
CA MET B 321 34.44 19.99 5.75
C MET B 321 34.17 18.52 6.15
N ASP B 322 34.08 18.20 7.44
CA ASP B 322 34.20 16.82 7.92
C ASP B 322 32.98 15.92 7.66
N PHE B 323 31.80 16.49 7.48
CA PHE B 323 30.60 15.75 7.05
C PHE B 323 30.73 15.23 5.62
N HIS B 324 31.30 16.06 4.73
CA HIS B 324 31.46 15.74 3.32
C HIS B 324 32.62 14.78 3.06
N ARG B 325 33.72 14.91 3.81
CA ARG B 325 34.91 14.04 3.82
C ARG B 325 34.57 12.55 3.80
N PHE B 326 33.56 12.12 4.56
CA PHE B 326 33.10 10.73 4.61
C PHE B 326 32.68 10.15 3.24
N TYR B 327 32.08 10.94 2.36
CA TYR B 327 31.66 10.49 1.02
C TYR B 327 32.82 10.43 0.02
N PHE B 328 33.85 11.25 0.19
CA PHE B 328 35.07 11.10 -0.61
C PHE B 328 35.78 9.79 -0.29
N GLU B 329 35.93 9.49 1.00
CA GLU B 329 36.62 8.30 1.49
C GLU B 329 35.85 6.98 1.27
N ASN B 330 34.52 7.00 1.15
CA ASN B 330 33.70 5.78 1.06
C ASN B 330 32.98 5.58 -0.29
N LEU B 331 33.08 6.54 -1.23
CA LEU B 331 32.58 6.42 -2.60
C LEU B 331 33.58 7.00 -3.60
N LEU B 332 33.78 8.32 -3.59
CA LEU B 332 34.27 9.06 -4.75
C LEU B 332 35.73 8.70 -5.12
N ALA B 333 36.57 8.38 -4.12
CA ALA B 333 37.94 7.88 -4.34
C ALA B 333 38.01 6.43 -4.86
N LYS B 334 36.93 5.65 -4.74
CA LYS B 334 36.87 4.20 -4.96
C LYS B 334 36.09 3.78 -6.22
N ASN B 335 35.11 4.57 -6.65
CA ASN B 335 34.26 4.26 -7.81
C ASN B 335 35.02 4.29 -9.16
N SER B 336 34.52 3.51 -10.14
CA SER B 336 35.11 3.38 -11.50
C SER B 336 34.10 3.43 -12.65
N LYS B 337 32.79 3.27 -12.40
CA LYS B 337 31.76 3.19 -13.45
C LYS B 337 31.53 4.54 -14.15
N PRO B 338 31.12 4.56 -15.43
CA PRO B 338 30.88 5.79 -16.18
C PRO B 338 29.69 6.60 -15.65
N ILE B 339 29.86 7.93 -15.61
CA ILE B 339 28.86 8.93 -15.22
C ILE B 339 28.88 10.09 -16.23
N HIS B 340 27.70 10.61 -16.57
CA HIS B 340 27.55 11.84 -17.36
C HIS B 340 26.61 12.84 -16.65
N THR B 341 26.94 14.13 -16.72
CA THR B 341 26.20 15.21 -16.06
C THR B 341 25.86 16.34 -17.03
N THR B 342 24.60 16.76 -17.02
CA THR B 342 24.07 17.89 -17.80
C THR B 342 23.67 19.01 -16.85
N ILE B 343 24.13 20.24 -17.13
CA ILE B 343 23.71 21.46 -16.41
C ILE B 343 22.73 22.23 -17.30
N LEU B 344 21.53 22.48 -16.78
CA LEU B 344 20.42 23.14 -17.48
C LEU B 344 20.08 24.51 -16.90
N ASN B 345 19.82 25.45 -17.80
CA ASN B 345 19.26 26.78 -17.54
C ASN B 345 19.98 27.58 -16.42
N PRO B 346 21.33 27.67 -16.39
CA PRO B 346 22.03 28.38 -15.31
C PRO B 346 21.67 29.87 -15.27
N HIS B 347 21.59 30.45 -14.07
CA HIS B 347 21.38 31.87 -13.85
C HIS B 347 22.41 32.39 -12.82
N VAL B 348 23.05 33.53 -13.10
CA VAL B 348 24.10 34.12 -12.26
C VAL B 348 23.67 35.53 -11.81
N HIS B 349 23.78 35.82 -10.52
CA HIS B 349 23.67 37.16 -9.96
C HIS B 349 25.07 37.61 -9.52
N VAL B 350 25.57 38.72 -10.05
CA VAL B 350 26.88 39.27 -9.69
C VAL B 350 26.65 40.49 -8.81
N ILE B 351 27.27 40.52 -7.64
CA ILE B 351 26.83 41.33 -6.50
C ILE B 351 27.97 42.29 -6.09
N GLY B 352 28.26 43.28 -6.93
CA GLY B 352 29.48 44.08 -6.84
C GLY B 352 30.69 43.39 -7.50
N GLU B 353 31.87 43.48 -6.89
CA GLU B 353 33.11 42.86 -7.41
C GLU B 353 33.63 41.70 -6.56
N ASP B 354 33.22 41.59 -5.29
CA ASP B 354 33.66 40.54 -4.37
C ASP B 354 32.75 39.31 -4.31
N ALA B 355 31.50 39.37 -4.78
CA ALA B 355 30.49 38.34 -4.50
C ALA B 355 29.66 37.97 -5.74
N ALA B 356 29.19 36.72 -5.78
CA ALA B 356 28.31 36.19 -6.81
C ALA B 356 27.48 35.00 -6.31
N CYS B 357 26.38 34.70 -6.99
CA CYS B 357 25.49 33.58 -6.71
C CYS B 357 25.13 32.88 -8.04
N ILE B 358 25.07 31.56 -8.08
CA ILE B 358 24.66 30.79 -9.28
C ILE B 358 23.61 29.74 -8.92
N ALA B 359 22.61 29.55 -9.79
CA ALA B 359 21.56 28.54 -9.62
C ALA B 359 21.31 27.76 -10.91
N TYR B 360 21.18 26.43 -10.82
CA TYR B 360 21.03 25.55 -11.99
C TYR B 360 20.30 24.25 -11.67
N ILE B 361 19.75 23.61 -12.71
CA ILE B 361 19.25 22.24 -12.68
C ILE B 361 20.38 21.30 -13.13
N ARG B 362 20.52 20.17 -12.45
CA ARG B 362 21.54 19.16 -12.72
C ARG B 362 20.85 17.83 -13.00
N LEU B 363 21.14 17.24 -14.14
CA LEU B 363 20.74 15.87 -14.50
C LEU B 363 21.97 14.97 -14.51
N THR B 364 21.91 13.83 -13.82
CA THR B 364 23.00 12.84 -13.80
C THR B 364 22.55 11.49 -14.38
N GLN B 365 23.29 11.02 -15.39
CA GLN B 365 23.19 9.70 -16.00
C GLN B 365 24.28 8.78 -15.43
N TYR B 366 23.87 7.62 -14.92
CA TYR B 366 24.74 6.72 -14.18
C TYR B 366 24.33 5.24 -14.38
N ILE B 367 25.21 4.30 -14.06
CA ILE B 367 24.95 2.86 -14.12
C ILE B 367 24.68 2.33 -12.70
N ASP B 368 23.60 1.59 -12.50
CA ASP B 368 23.21 1.06 -11.19
C ASP B 368 24.06 -0.14 -10.72
N GLY B 369 23.72 -0.71 -9.56
CA GLY B 369 24.40 -1.87 -8.97
C GLY B 369 24.26 -3.19 -9.76
N GLN B 370 23.58 -3.18 -10.91
CA GLN B 370 23.39 -4.36 -11.77
C GLN B 370 23.43 -4.02 -13.28
N GLY B 371 24.11 -2.93 -13.65
CA GLY B 371 24.50 -2.65 -15.05
C GLY B 371 23.45 -1.92 -15.90
N ARG B 372 22.34 -1.44 -15.33
CA ARG B 372 21.29 -0.68 -16.05
C ARG B 372 21.54 0.83 -15.94
N PRO B 373 21.53 1.59 -17.04
CA PRO B 373 21.55 3.06 -16.99
C PRO B 373 20.30 3.67 -16.31
N ARG B 374 20.50 4.74 -15.53
CA ARG B 374 19.48 5.47 -14.74
C ARG B 374 19.69 6.99 -14.86
N THR B 375 18.65 7.77 -14.56
CA THR B 375 18.69 9.25 -14.44
C THR B 375 18.10 9.78 -13.13
N SER B 376 18.67 10.87 -12.61
CA SER B 376 18.14 11.62 -11.46
C SER B 376 18.39 13.13 -11.60
N GLN B 377 17.58 13.94 -10.90
CA GLN B 377 17.60 15.41 -10.94
C GLN B 377 17.85 16.05 -9.57
N SER B 378 18.66 17.10 -9.52
CA SER B 378 18.78 18.02 -8.38
C SER B 378 18.64 19.48 -8.82
N GLU B 379 18.23 20.32 -7.88
CA GLU B 379 18.24 21.78 -7.99
C GLU B 379 19.26 22.34 -7.00
N GLU B 380 20.18 23.20 -7.44
CA GLU B 380 21.33 23.61 -6.65
C GLU B 380 21.55 25.13 -6.67
N THR B 381 21.87 25.70 -5.51
CA THR B 381 22.31 27.09 -5.30
C THR B 381 23.72 27.11 -4.70
N ARG B 382 24.63 27.96 -5.19
CA ARG B 382 25.98 28.13 -4.65
C ARG B 382 26.35 29.61 -4.50
N VAL B 383 26.91 30.00 -3.35
CA VAL B 383 27.27 31.39 -3.02
C VAL B 383 28.79 31.56 -2.93
N TRP B 384 29.34 32.47 -3.72
CA TRP B 384 30.77 32.67 -3.95
C TRP B 384 31.26 34.03 -3.45
N HIS B 385 32.42 34.06 -2.79
CA HIS B 385 33.13 35.25 -2.32
C HIS B 385 34.56 35.25 -2.86
N ARG B 386 35.18 36.41 -3.09
CA ARG B 386 36.57 36.55 -3.54
C ARG B 386 37.51 37.13 -2.47
N PRO B 387 37.75 36.48 -1.32
CA PRO B 387 38.81 36.90 -0.40
C PRO B 387 40.19 36.65 -1.03
N ASP B 388 41.16 37.53 -0.75
CA ASP B 388 42.58 37.37 -1.17
C ASP B 388 42.81 37.07 -2.66
N GLY B 389 41.94 37.58 -3.54
CA GLY B 389 42.03 37.42 -4.99
C GLY B 389 41.52 36.09 -5.58
N LYS B 390 41.15 35.11 -4.73
CA LYS B 390 40.69 33.76 -5.12
C LYS B 390 39.20 33.54 -4.77
N TRP B 391 38.39 33.11 -5.73
CA TRP B 391 36.98 32.74 -5.49
C TRP B 391 36.85 31.49 -4.61
N GLN B 392 36.05 31.56 -3.54
CA GLN B 392 35.77 30.45 -2.63
C GLN B 392 34.30 30.36 -2.20
N ASN B 393 33.82 29.14 -1.99
CA ASN B 393 32.43 28.84 -1.70
C ASN B 393 32.12 28.96 -0.19
N VAL B 394 31.09 29.72 0.18
CA VAL B 394 30.72 30.00 1.59
C VAL B 394 29.38 29.39 2.03
N HIS B 395 28.46 29.12 1.12
CA HIS B 395 27.18 28.46 1.41
C HIS B 395 26.67 27.67 0.19
N PHE B 396 26.01 26.55 0.44
CA PHE B 396 25.43 25.68 -0.59
C PHE B 396 24.08 25.10 -0.17
N HIS B 397 23.11 25.03 -1.08
CA HIS B 397 21.78 24.44 -0.85
C HIS B 397 21.41 23.54 -2.03
N CYS B 398 21.00 22.30 -1.74
CA CYS B 398 20.55 21.31 -2.71
C CYS B 398 19.16 20.74 -2.38
N SER B 399 18.35 20.50 -3.40
CA SER B 399 17.03 19.85 -3.34
C SER B 399 16.94 18.77 -4.43
N GLY B 400 16.01 17.84 -4.30
CA GLY B 400 15.79 16.75 -5.25
C GLY B 400 16.51 15.48 -4.81
N ALA B 401 17.11 14.76 -5.77
CA ALA B 401 17.84 13.52 -5.50
C ALA B 401 19.12 13.75 -4.68
N PRO B 402 19.50 12.82 -3.78
CA PRO B 402 20.80 12.82 -3.08
C PRO B 402 22.00 12.79 -4.06
N VAL B 403 23.14 13.34 -3.66
CA VAL B 403 24.38 13.27 -4.48
C VAL B 403 25.05 11.91 -4.34
N ALA B 404 24.92 11.26 -3.17
CA ALA B 404 25.20 9.85 -3.04
C ALA B 404 24.24 9.06 -3.98
N PRO B 405 24.72 8.38 -5.02
CA PRO B 405 23.85 7.93 -6.12
C PRO B 405 22.94 6.76 -5.73
N LEU B 406 21.78 6.69 -6.36
CA LEU B 406 20.74 5.68 -6.09
C LEU B 406 20.96 4.43 -6.96
N GLN B 407 22.13 3.80 -6.81
CA GLN B 407 22.56 2.57 -7.50
C GLN B 407 21.95 1.30 -6.89
N ASP C 273 31.32 28.33 32.01
CA ASP C 273 31.50 27.49 30.84
C ASP C 273 32.46 26.31 31.07
N ALA C 274 33.31 26.40 32.10
CA ALA C 274 34.27 25.35 32.47
C ALA C 274 33.56 24.05 32.89
N ARG C 275 32.55 24.13 33.76
CA ARG C 275 31.76 22.98 34.21
C ARG C 275 30.92 22.37 33.09
N LYS C 276 30.41 23.19 32.16
CA LYS C 276 29.70 22.71 30.96
C LYS C 276 30.61 21.95 30.00
N GLN C 277 31.83 22.44 29.75
CA GLN C 277 32.83 21.73 28.96
C GLN C 277 33.23 20.38 29.58
N GLU C 278 33.23 20.27 30.91
CA GLU C 278 33.48 19.02 31.64
C GLU C 278 32.40 17.94 31.39
N ILE C 279 31.11 18.34 31.42
CA ILE C 279 29.99 17.46 31.08
C ILE C 279 30.04 17.05 29.61
N ILE C 280 30.37 17.97 28.71
CA ILE C 280 30.56 17.68 27.27
C ILE C 280 31.66 16.63 27.09
N LYS C 281 32.84 16.85 27.68
CA LYS C 281 33.98 15.93 27.62
C LYS C 281 33.62 14.53 28.13
N THR C 282 32.96 14.44 29.27
CA THR C 282 32.53 13.16 29.86
C THR C 282 31.46 12.45 29.00
N THR C 283 30.58 13.20 28.34
CA THR C 283 29.58 12.64 27.42
C THR C 283 30.22 12.09 26.14
N GLU C 284 31.24 12.76 25.62
CA GLU C 284 32.05 12.26 24.50
C GLU C 284 32.84 11.00 24.84
N GLN C 285 33.35 10.86 26.07
CA GLN C 285 33.94 9.60 26.55
C GLN C 285 32.96 8.44 26.57
N LEU C 286 31.70 8.66 26.95
CA LEU C 286 30.65 7.65 26.91
C LEU C 286 30.42 7.19 25.46
N ILE C 287 30.21 8.13 24.54
CA ILE C 287 29.87 7.85 23.15
C ILE C 287 30.98 7.06 22.44
N GLU C 288 32.25 7.41 22.65
CA GLU C 288 33.35 6.64 22.07
C GLU C 288 33.61 5.30 22.78
N ALA C 289 33.37 5.16 24.08
CA ALA C 289 33.42 3.84 24.71
C ALA C 289 32.34 2.87 24.16
N VAL C 290 31.14 3.37 23.87
CA VAL C 290 30.07 2.58 23.24
C VAL C 290 30.48 2.14 21.83
N ASN C 291 30.90 3.06 20.94
CA ASN C 291 31.21 2.67 19.56
C ASN C 291 32.55 1.91 19.40
N ASN C 292 33.42 1.91 20.40
CA ASN C 292 34.55 0.98 20.52
C ASN C 292 34.14 -0.43 21.00
N GLY C 293 32.93 -0.62 21.55
CA GLY C 293 32.50 -1.87 22.16
C GLY C 293 33.15 -2.17 23.51
N ASP C 294 33.62 -1.14 24.22
CA ASP C 294 34.38 -1.25 25.47
C ASP C 294 33.45 -1.36 26.70
N PHE C 295 32.77 -2.50 26.87
CA PHE C 295 31.78 -2.68 27.94
C PHE C 295 32.35 -2.51 29.36
N GLU C 296 33.62 -2.84 29.56
CA GLU C 296 34.28 -2.65 30.86
C GLU C 296 34.50 -1.17 31.20
N ALA C 297 34.67 -0.27 30.22
CA ALA C 297 34.67 1.18 30.48
C ALA C 297 33.25 1.74 30.62
N TYR C 298 32.29 1.26 29.82
CA TYR C 298 30.88 1.63 29.93
C TYR C 298 30.34 1.37 31.34
N ALA C 299 30.62 0.20 31.91
CA ALA C 299 30.23 -0.15 33.27
C ALA C 299 30.80 0.76 34.38
N LYS C 300 31.87 1.54 34.14
CA LYS C 300 32.42 2.51 35.10
C LYS C 300 31.78 3.90 35.01
N ILE C 301 31.16 4.22 33.88
CA ILE C 301 30.41 5.45 33.62
C ILE C 301 28.97 5.38 34.16
N CYS C 302 28.36 4.19 34.18
CA CYS C 302 26.96 3.97 34.54
C CYS C 302 26.77 3.60 36.02
N ASP C 303 25.76 4.16 36.68
CA ASP C 303 25.31 3.72 38.01
C ASP C 303 24.62 2.33 37.94
N PRO C 304 24.77 1.44 38.95
CA PRO C 304 24.17 0.11 38.93
C PRO C 304 22.63 0.09 38.85
N GLY C 305 21.95 1.15 39.29
CA GLY C 305 20.50 1.35 39.22
C GLY C 305 20.02 2.20 38.05
N LEU C 306 20.87 2.53 37.06
CA LEU C 306 20.54 3.28 35.84
C LEU C 306 19.22 2.79 35.19
N THR C 307 18.37 3.71 34.75
CA THR C 307 17.13 3.43 34.00
C THR C 307 17.16 4.03 32.60
N SER C 308 16.45 3.44 31.63
CA SER C 308 16.38 4.03 30.29
C SER C 308 15.10 3.78 29.46
N PHE C 309 14.79 4.77 28.62
CA PHE C 309 13.87 4.65 27.48
C PHE C 309 14.66 4.72 26.17
N GLU C 310 14.43 3.78 25.26
CA GLU C 310 15.05 3.75 23.93
C GLU C 310 14.21 2.93 22.94
N PRO C 311 14.33 3.13 21.62
CA PRO C 311 13.51 2.43 20.63
C PRO C 311 13.57 0.88 20.71
N GLU C 312 14.72 0.30 21.03
CA GLU C 312 14.92 -1.15 21.17
C GLU C 312 14.10 -1.79 22.31
N ALA C 313 13.70 -1.05 23.33
CA ALA C 313 12.92 -1.55 24.47
C ALA C 313 11.39 -1.53 24.27
N LEU C 314 10.91 -1.18 23.07
CA LEU C 314 9.50 -1.29 22.64
C LEU C 314 8.47 -0.54 23.52
N GLY C 315 8.85 0.59 24.13
CA GLY C 315 8.00 1.40 25.00
C GLY C 315 8.10 1.11 26.50
N ASN C 316 8.94 0.18 26.94
CA ASN C 316 9.14 -0.19 28.35
C ASN C 316 10.32 0.55 29.00
N LEU C 317 10.29 0.80 30.31
CA LEU C 317 11.42 1.37 31.06
C LEU C 317 12.35 0.25 31.56
N VAL C 318 13.58 0.18 31.02
CA VAL C 318 14.61 -0.79 31.40
C VAL C 318 15.38 -0.31 32.64
N GLU C 319 15.84 -1.23 33.49
CA GLU C 319 16.70 -0.97 34.65
C GLU C 319 17.96 -1.86 34.63
N GLY C 320 19.13 -1.32 35.01
CA GLY C 320 20.40 -2.03 35.11
C GLY C 320 21.13 -2.27 33.78
N MET C 321 22.25 -3.00 33.83
CA MET C 321 23.20 -3.15 32.72
C MET C 321 22.89 -4.29 31.72
N ASP C 322 22.12 -5.30 32.10
CA ASP C 322 22.07 -6.59 31.37
C ASP C 322 21.30 -6.56 30.05
N PHE C 323 20.39 -5.61 29.86
CA PHE C 323 19.71 -5.40 28.58
C PHE C 323 20.67 -4.85 27.51
N HIS C 324 21.56 -3.94 27.91
CA HIS C 324 22.53 -3.30 27.02
C HIS C 324 23.71 -4.20 26.68
N ARG C 325 24.17 -5.01 27.65
CA ARG C 325 25.23 -6.03 27.51
C ARG C 325 25.09 -6.88 26.26
N PHE C 326 23.87 -7.29 25.89
CA PHE C 326 23.60 -8.08 24.68
C PHE C 326 24.09 -7.43 23.39
N TYR C 327 24.01 -6.11 23.24
CA TYR C 327 24.46 -5.39 22.04
C TYR C 327 25.98 -5.20 21.99
N PHE C 328 26.66 -5.14 23.14
CA PHE C 328 28.13 -5.17 23.15
C PHE C 328 28.64 -6.52 22.65
N GLU C 329 28.07 -7.61 23.16
CA GLU C 329 28.47 -8.99 22.82
C GLU C 329 28.08 -9.44 21.40
N ASN C 330 27.07 -8.85 20.76
CA ASN C 330 26.55 -9.29 19.47
C ASN C 330 26.74 -8.29 18.31
N LEU C 331 27.30 -7.11 18.58
CA LEU C 331 27.66 -6.11 17.58
C LEU C 331 28.98 -5.43 17.94
N LEU C 332 29.00 -4.62 19.01
CA LEU C 332 29.99 -3.56 19.17
C LEU C 332 31.42 -4.10 19.36
N ALA C 333 31.58 -5.27 19.98
CA ALA C 333 32.88 -5.96 20.10
C ALA C 333 33.37 -6.62 18.79
N LYS C 334 32.48 -6.81 17.81
CA LYS C 334 32.69 -7.61 16.59
C LYS C 334 32.79 -6.79 15.29
N ASN C 335 32.15 -5.63 15.23
CA ASN C 335 32.14 -4.77 14.03
C ASN C 335 33.51 -4.15 13.70
N SER C 336 33.74 -3.86 12.41
CA SER C 336 34.99 -3.28 11.87
C SER C 336 34.81 -2.13 10.87
N LYS C 337 33.61 -1.92 10.31
CA LYS C 337 33.37 -0.90 9.26
C LYS C 337 33.44 0.54 9.81
N PRO C 338 33.82 1.53 8.99
CA PRO C 338 33.94 2.92 9.41
C PRO C 338 32.59 3.56 9.77
N ILE C 339 32.58 4.36 10.84
CA ILE C 339 31.44 5.13 11.34
C ILE C 339 31.92 6.55 11.69
N HIS C 340 31.10 7.56 11.40
CA HIS C 340 31.31 8.95 11.83
C HIS C 340 30.06 9.51 12.54
N THR C 341 30.24 10.28 13.60
CA THR C 341 29.16 10.85 14.41
C THR C 341 29.32 12.35 14.60
N THR C 342 28.25 13.09 14.37
CA THR C 342 28.15 14.54 14.58
C THR C 342 27.18 14.83 15.72
N ILE C 343 27.59 15.65 16.69
CA ILE C 343 26.74 16.16 17.77
C ILE C 343 26.36 17.61 17.46
N LEU C 344 25.06 17.88 17.40
CA LEU C 344 24.49 19.18 17.04
C LEU C 344 23.75 19.84 18.21
N ASN C 345 23.97 21.16 18.33
CA ASN C 345 23.23 22.07 19.20
C ASN C 345 23.11 21.62 20.68
N PRO C 346 24.19 21.15 21.34
CA PRO C 346 24.11 20.68 22.73
C PRO C 346 23.66 21.78 23.71
N HIS C 347 22.85 21.41 24.71
CA HIS C 347 22.43 22.30 25.79
C HIS C 347 22.64 21.59 27.14
N VAL C 348 23.22 22.29 28.11
CA VAL C 348 23.56 21.76 29.45
C VAL C 348 22.83 22.56 30.53
N HIS C 349 22.16 21.87 31.46
CA HIS C 349 21.63 22.44 32.70
C HIS C 349 22.49 21.94 33.86
N VAL C 350 23.09 22.85 34.63
CA VAL C 350 23.92 22.50 35.78
C VAL C 350 23.12 22.82 37.05
N ILE C 351 22.96 21.85 37.94
CA ILE C 351 21.88 21.82 38.93
C ILE C 351 22.50 21.77 40.34
N GLY C 352 23.13 22.87 40.77
CA GLY C 352 24.01 22.89 41.94
C GLY C 352 25.44 22.41 41.61
N GLU C 353 26.05 21.63 42.50
CA GLU C 353 27.42 21.10 42.32
C GLU C 353 27.48 19.58 42.12
N ASP C 354 26.43 18.84 42.51
CA ASP C 354 26.37 17.38 42.41
C ASP C 354 25.70 16.86 41.12
N ALA C 355 24.94 17.67 40.39
CA ALA C 355 24.05 17.18 39.33
C ALA C 355 24.10 18.03 38.05
N ALA C 356 23.85 17.40 36.91
CA ALA C 356 23.76 18.05 35.61
C ALA C 356 22.90 17.23 34.62
N CYS C 357 22.40 17.88 33.57
CA CYS C 357 21.62 17.27 32.50
C CYS C 357 22.13 17.82 31.15
N ILE C 358 22.23 16.99 30.11
CA ILE C 358 22.64 17.39 28.75
C ILE C 358 21.68 16.85 27.70
N ALA C 359 21.37 17.66 26.69
CA ALA C 359 20.50 17.27 25.56
C ALA C 359 21.08 17.68 24.21
N TYR C 360 21.05 16.79 23.22
CA TYR C 360 21.67 17.01 21.91
C TYR C 360 21.01 16.20 20.79
N ILE C 361 21.20 16.66 19.55
CA ILE C 361 20.90 15.90 18.32
C ILE C 361 22.17 15.15 17.89
N ARG C 362 22.01 13.91 17.48
CA ARG C 362 23.09 13.04 17.02
C ARG C 362 22.81 12.58 15.60
N LEU C 363 23.75 12.82 14.68
CA LEU C 363 23.73 12.28 13.33
C LEU C 363 24.84 11.23 13.19
N THR C 364 24.53 10.06 12.67
CA THR C 364 25.51 8.99 12.42
C THR C 364 25.58 8.62 10.94
N GLN C 365 26.78 8.68 10.38
CA GLN C 365 27.16 8.22 9.04
C GLN C 365 27.80 6.82 9.14
N TYR C 366 27.28 5.87 8.37
CA TYR C 366 27.66 4.46 8.45
C TYR C 366 27.58 3.78 7.07
N ILE C 367 28.22 2.63 6.91
CA ILE C 367 28.15 1.80 5.69
C ILE C 367 27.18 0.64 5.90
N ASP C 368 26.23 0.44 4.98
CA ASP C 368 25.25 -0.65 5.10
C ASP C 368 25.81 -2.06 4.78
N GLY C 369 24.96 -3.08 4.78
CA GLY C 369 25.33 -4.47 4.48
C GLY C 369 25.78 -4.76 3.05
N GLN C 370 25.81 -3.75 2.17
CA GLN C 370 26.23 -3.87 0.76
C GLN C 370 27.07 -2.67 0.28
N GLY C 371 27.75 -1.97 1.21
CA GLY C 371 28.81 -1.01 0.89
C GLY C 371 28.37 0.42 0.62
N ARG C 372 27.07 0.76 0.74
CA ARG C 372 26.55 2.12 0.52
C ARG C 372 26.60 2.96 1.81
N PRO C 373 27.15 4.19 1.81
CA PRO C 373 26.98 5.13 2.92
C PRO C 373 25.53 5.55 3.18
N ARG C 374 25.15 5.65 4.45
CA ARG C 374 23.79 5.99 4.97
C ARG C 374 23.88 6.99 6.13
N THR C 375 22.79 7.70 6.41
CA THR C 375 22.62 8.60 7.56
C THR C 375 21.37 8.33 8.38
N SER C 376 21.44 8.52 9.70
CA SER C 376 20.30 8.46 10.63
C SER C 376 20.42 9.49 11.77
N GLN C 377 19.29 9.87 12.37
CA GLN C 377 19.18 10.88 13.43
C GLN C 377 18.55 10.30 14.71
N SER C 378 19.09 10.66 15.87
CA SER C 378 18.47 10.49 17.20
C SER C 378 18.48 11.79 18.00
N GLU C 379 17.55 11.88 18.94
CA GLU C 379 17.48 12.92 19.97
C GLU C 379 17.70 12.27 21.33
N GLU C 380 18.62 12.78 22.13
CA GLU C 380 19.08 12.11 23.35
C GLU C 380 19.14 13.05 24.56
N THR C 381 18.70 12.55 25.73
CA THR C 381 18.81 13.19 27.05
C THR C 381 19.62 12.30 28.00
N ARG C 382 20.57 12.86 28.74
CA ARG C 382 21.39 12.13 29.74
C ARG C 382 21.47 12.90 31.07
N VAL C 383 21.23 12.20 32.18
CA VAL C 383 21.20 12.78 33.54
C VAL C 383 22.41 12.29 34.36
N TRP C 384 23.21 13.21 34.87
CA TRP C 384 24.50 12.94 35.53
C TRP C 384 24.49 13.36 37.01
N HIS C 385 25.05 12.51 37.88
CA HIS C 385 25.25 12.74 39.31
C HIS C 385 26.73 12.57 39.65
N ARG C 386 27.25 13.26 40.66
CA ARG C 386 28.64 13.14 41.13
C ARG C 386 28.78 12.48 42.52
N PRO C 387 28.39 11.21 42.73
CA PRO C 387 28.71 10.49 43.96
C PRO C 387 30.23 10.23 44.07
N ASP C 388 30.78 10.26 45.28
CA ASP C 388 32.18 9.90 45.58
C ASP C 388 33.24 10.58 44.68
N GLY C 389 32.98 11.81 44.23
CA GLY C 389 33.89 12.62 43.41
C GLY C 389 33.92 12.29 41.91
N LYS C 390 33.23 11.23 41.45
CA LYS C 390 33.20 10.76 40.06
C LYS C 390 31.80 10.93 39.43
N TRP C 391 31.71 11.59 38.27
CA TRP C 391 30.46 11.70 37.52
C TRP C 391 29.97 10.34 37.00
N GLN C 392 28.70 9.99 37.25
CA GLN C 392 28.06 8.77 36.77
C GLN C 392 26.62 9.00 36.28
N ASN C 393 26.22 8.22 35.29
CA ASN C 393 24.96 8.35 34.59
C ASN C 393 23.84 7.56 35.30
N VAL C 394 22.70 8.20 35.59
CA VAL C 394 21.58 7.60 36.36
C VAL C 394 20.30 7.41 35.55
N HIS C 395 20.07 8.18 34.48
CA HIS C 395 18.92 8.01 33.60
C HIS C 395 19.25 8.47 32.17
N PHE C 396 18.70 7.78 31.17
CA PHE C 396 18.87 8.11 29.76
C PHE C 396 17.57 7.93 28.96
N HIS C 397 17.31 8.81 28.01
CA HIS C 397 16.13 8.76 27.14
C HIS C 397 16.56 9.04 25.68
N CYS C 398 16.16 8.19 24.75
CA CYS C 398 16.43 8.31 23.32
C CYS C 398 15.14 8.24 22.47
N SER C 399 15.05 9.08 21.44
CA SER C 399 14.03 9.11 20.39
C SER C 399 14.69 9.12 19.01
N GLY C 400 13.94 8.76 17.97
CA GLY C 400 14.41 8.73 16.59
C GLY C 400 14.88 7.34 16.18
N ALA C 401 15.98 7.25 15.43
CA ALA C 401 16.53 5.98 14.98
C ALA C 401 17.08 5.12 16.14
N PRO C 402 16.94 3.78 16.07
CA PRO C 402 17.64 2.83 16.96
C PRO C 402 19.17 3.00 16.94
N VAL C 403 19.86 2.68 18.03
CA VAL C 403 21.34 2.67 18.07
C VAL C 403 21.89 1.42 17.40
N ALA C 404 21.17 0.29 17.47
CA ALA C 404 21.43 -0.85 16.61
C ALA C 404 21.25 -0.41 15.13
N PRO C 405 22.31 -0.40 14.29
CA PRO C 405 22.27 0.33 13.03
C PRO C 405 21.40 -0.36 11.97
N LEU C 406 20.83 0.43 11.07
CA LEU C 406 19.92 -0.02 10.01
C LEU C 406 20.71 -0.37 8.74
N GLN C 407 21.62 -1.34 8.86
CA GLN C 407 22.50 -1.85 7.79
C GLN C 407 21.81 -2.90 6.89
N ASP D 273 5.08 -13.46 51.01
CA ASP D 273 5.97 -13.32 49.85
C ASP D 273 6.73 -14.62 49.52
N ALA D 274 6.85 -15.53 50.49
CA ALA D 274 7.52 -16.83 50.32
C ALA D 274 6.83 -17.71 49.26
N ARG D 275 5.50 -17.84 49.33
CA ARG D 275 4.70 -18.61 48.36
C ARG D 275 4.70 -17.97 46.98
N LYS D 276 4.72 -16.64 46.89
CA LYS D 276 4.86 -15.92 45.61
C LYS D 276 6.22 -16.13 44.95
N GLN D 277 7.32 -16.11 45.71
CA GLN D 277 8.66 -16.43 45.21
C GLN D 277 8.76 -17.88 44.71
N GLU D 278 8.02 -18.82 45.31
CA GLU D 278 7.93 -20.21 44.87
C GLU D 278 7.27 -20.37 43.46
N ILE D 279 6.17 -19.65 43.22
CA ILE D 279 5.51 -19.60 41.90
C ILE D 279 6.42 -18.94 40.86
N ILE D 280 7.12 -17.86 41.23
CA ILE D 280 8.10 -17.21 40.36
C ILE D 280 9.22 -18.19 39.97
N LYS D 281 9.83 -18.86 40.95
CA LYS D 281 10.88 -19.85 40.74
C LYS D 281 10.43 -20.98 39.80
N THR D 282 9.26 -21.54 40.04
CA THR D 282 8.68 -22.60 39.20
C THR D 282 8.36 -22.12 37.77
N THR D 283 7.93 -20.87 37.60
CA THR D 283 7.68 -20.29 36.28
C THR D 283 8.98 -20.06 35.50
N GLU D 284 10.06 -19.65 36.17
CA GLU D 284 11.39 -19.56 35.57
C GLU D 284 11.97 -20.92 35.15
N GLN D 285 11.71 -21.99 35.91
CA GLN D 285 12.04 -23.35 35.48
C GLN D 285 11.33 -23.78 34.19
N LEU D 286 10.06 -23.41 34.01
CA LEU D 286 9.32 -23.69 32.78
C LEU D 286 9.98 -22.97 31.61
N ILE D 287 10.23 -21.67 31.74
CA ILE D 287 10.77 -20.83 30.66
C ILE D 287 12.14 -21.31 30.20
N GLU D 288 13.05 -21.66 31.12
CA GLU D 288 14.35 -22.21 30.74
C GLU D 288 14.29 -23.66 30.22
N ALA D 289 13.37 -24.51 30.67
CA ALA D 289 13.17 -25.82 30.04
C ALA D 289 12.69 -25.70 28.58
N VAL D 290 11.82 -24.74 28.27
CA VAL D 290 11.38 -24.47 26.90
C VAL D 290 12.55 -23.99 26.04
N ASN D 291 13.30 -22.96 26.43
CA ASN D 291 14.36 -22.44 25.58
C ASN D 291 15.63 -23.33 25.51
N ASN D 292 15.78 -24.31 26.41
CA ASN D 292 16.72 -25.42 26.25
C ASN D 292 16.25 -26.52 25.28
N GLY D 293 14.96 -26.55 24.91
CA GLY D 293 14.38 -27.62 24.11
C GLY D 293 14.18 -28.95 24.87
N ASP D 294 14.07 -28.89 26.19
CA ASP D 294 14.00 -30.06 27.08
C ASP D 294 12.56 -30.58 27.23
N PHE D 295 12.00 -31.19 26.18
CA PHE D 295 10.61 -31.64 26.16
C PHE D 295 10.27 -32.65 27.27
N GLU D 296 11.22 -33.49 27.68
CA GLU D 296 11.02 -34.43 28.77
C GLU D 296 10.87 -33.76 30.14
N ALA D 297 11.47 -32.58 30.37
CA ALA D 297 11.20 -31.78 31.57
C ALA D 297 9.90 -30.98 31.45
N TYR D 298 9.62 -30.42 30.28
CA TYR D 298 8.36 -29.71 30.00
C TYR D 298 7.13 -30.61 30.28
N ALA D 299 7.16 -31.86 29.81
CA ALA D 299 6.11 -32.84 30.08
C ALA D 299 5.88 -33.17 31.57
N LYS D 300 6.82 -32.90 32.48
CA LYS D 300 6.64 -33.09 33.93
C LYS D 300 6.04 -31.86 34.64
N ILE D 301 6.16 -30.68 34.04
CA ILE D 301 5.57 -29.43 34.50
C ILE D 301 4.09 -29.30 34.09
N CYS D 302 3.71 -29.80 32.91
CA CYS D 302 2.36 -29.68 32.36
C CYS D 302 1.42 -30.80 32.81
N ASP D 303 0.16 -30.47 33.08
CA ASP D 303 -0.94 -31.44 33.23
C ASP D 303 -1.32 -32.09 31.87
N PRO D 304 -1.70 -33.39 31.80
CA PRO D 304 -2.04 -34.04 30.53
C PRO D 304 -3.25 -33.46 29.79
N GLY D 305 -4.15 -32.78 30.50
CA GLY D 305 -5.32 -32.08 29.95
C GLY D 305 -5.16 -30.56 29.84
N LEU D 306 -3.94 -30.01 29.95
CA LEU D 306 -3.61 -28.59 29.75
C LEU D 306 -4.27 -28.02 28.48
N THR D 307 -4.82 -26.81 28.55
CA THR D 307 -5.39 -26.07 27.41
C THR D 307 -4.63 -24.77 27.15
N SER D 308 -4.60 -24.28 25.90
CA SER D 308 -3.95 -23.00 25.61
C SER D 308 -4.53 -22.18 24.45
N PHE D 309 -4.43 -20.84 24.60
CA PHE D 309 -4.53 -19.85 23.52
C PHE D 309 -3.15 -19.23 23.25
N GLU D 310 -2.73 -19.18 21.99
CA GLU D 310 -1.47 -18.56 21.56
C GLU D 310 -1.51 -18.17 20.08
N PRO D 311 -0.68 -17.22 19.60
CA PRO D 311 -0.71 -16.76 18.21
C PRO D 311 -0.55 -17.87 17.15
N GLU D 312 0.24 -18.91 17.41
CA GLU D 312 0.45 -20.04 16.50
C GLU D 312 -0.80 -20.91 16.25
N ALA D 313 -1.81 -20.88 17.13
CA ALA D 313 -3.04 -21.69 17.00
C ALA D 313 -4.19 -20.98 16.26
N LEU D 314 -3.95 -19.78 15.70
CA LEU D 314 -4.85 -19.05 14.79
C LEU D 314 -6.26 -18.73 15.35
N GLY D 315 -6.37 -18.53 16.66
CA GLY D 315 -7.63 -18.23 17.36
C GLY D 315 -8.38 -19.44 17.93
N ASN D 316 -7.86 -20.66 17.80
CA ASN D 316 -8.45 -21.89 18.34
C ASN D 316 -7.93 -22.24 19.76
N LEU D 317 -8.71 -22.94 20.59
CA LEU D 317 -8.26 -23.46 21.90
C LEU D 317 -7.65 -24.87 21.75
N VAL D 318 -6.34 -25.01 21.95
CA VAL D 318 -5.61 -26.28 21.87
C VAL D 318 -5.72 -27.05 23.19
N GLU D 319 -5.74 -28.38 23.15
CA GLU D 319 -5.71 -29.27 24.31
C GLU D 319 -4.58 -30.32 24.20
N GLY D 320 -3.89 -30.64 25.30
CA GLY D 320 -2.83 -31.65 25.37
C GLY D 320 -1.46 -31.21 24.84
N MET D 321 -0.51 -32.14 24.79
CA MET D 321 0.92 -31.88 24.53
C MET D 321 1.34 -31.87 23.04
N ASP D 322 0.57 -32.51 22.16
CA ASP D 322 1.06 -32.88 20.82
C ASP D 322 1.18 -31.71 19.82
N PHE D 323 0.44 -30.62 20.02
CA PHE D 323 0.59 -29.40 19.23
C PHE D 323 1.93 -28.69 19.51
N HIS D 324 2.35 -28.68 20.77
CA HIS D 324 3.58 -28.04 21.21
C HIS D 324 4.83 -28.85 20.87
N ARG D 325 4.73 -30.19 20.98
CA ARG D 325 5.77 -31.18 20.62
C ARG D 325 6.44 -30.88 19.27
N PHE D 326 5.69 -30.47 18.26
CA PHE D 326 6.21 -30.10 16.94
C PHE D 326 7.29 -29.01 16.97
N TYR D 327 7.18 -28.00 17.84
CA TYR D 327 8.17 -26.92 17.96
C TYR D 327 9.43 -27.32 18.73
N PHE D 328 9.33 -28.28 19.65
CA PHE D 328 10.54 -28.84 20.27
C PHE D 328 11.36 -29.62 19.24
N GLU D 329 10.71 -30.46 18.45
CA GLU D 329 11.35 -31.30 17.42
C GLU D 329 11.88 -30.53 16.21
N ASN D 330 11.35 -29.36 15.87
CA ASN D 330 11.71 -28.62 14.66
C ASN D 330 12.44 -27.28 14.90
N LEU D 331 12.63 -26.86 16.16
CA LEU D 331 13.39 -25.68 16.55
C LEU D 331 14.21 -25.94 17.81
N LEU D 332 13.54 -26.10 18.95
CA LEU D 332 14.17 -25.88 20.27
C LEU D 332 15.28 -26.90 20.57
N ALA D 333 15.17 -28.13 20.08
CA ALA D 333 16.23 -29.16 20.19
C ALA D 333 17.42 -28.93 19.24
N LYS D 334 17.27 -28.08 18.21
CA LYS D 334 18.20 -27.91 17.08
C LYS D 334 18.94 -26.56 17.07
N ASN D 335 18.35 -25.50 17.62
CA ASN D 335 18.93 -24.15 17.63
C ASN D 335 20.19 -24.04 18.51
N SER D 336 21.07 -23.08 18.17
CA SER D 336 22.35 -22.82 18.87
C SER D 336 22.66 -21.33 19.13
N LYS D 337 21.96 -20.39 18.49
CA LYS D 337 22.26 -18.95 18.59
C LYS D 337 21.89 -18.37 19.97
N PRO D 338 22.57 -17.31 20.44
CA PRO D 338 22.30 -16.71 21.74
C PRO D 338 20.94 -16.01 21.82
N ILE D 339 20.25 -16.17 22.95
CA ILE D 339 18.95 -15.55 23.29
C ILE D 339 19.02 -15.02 24.72
N HIS D 340 18.42 -13.85 24.97
CA HIS D 340 18.23 -13.28 26.31
C HIS D 340 16.75 -12.90 26.54
N THR D 341 16.23 -13.14 27.74
CA THR D 341 14.84 -12.89 28.09
C THR D 341 14.72 -12.08 29.38
N THR D 342 13.90 -11.04 29.35
CA THR D 342 13.57 -10.17 30.48
C THR D 342 12.10 -10.36 30.86
N ILE D 343 11.82 -10.60 32.14
CA ILE D 343 10.46 -10.65 32.71
C ILE D 343 10.19 -9.33 33.45
N LEU D 344 9.13 -8.63 33.05
CA LEU D 344 8.75 -7.32 33.58
C LEU D 344 7.43 -7.36 34.35
N ASN D 345 7.41 -6.65 35.48
CA ASN D 345 6.23 -6.34 36.29
C ASN D 345 5.35 -7.54 36.66
N PRO D 346 5.90 -8.69 37.13
CA PRO D 346 5.10 -9.87 37.45
C PRO D 346 4.07 -9.61 38.56
N HIS D 347 2.89 -10.20 38.45
CA HIS D 347 1.84 -10.16 39.48
C HIS D 347 1.32 -11.57 39.75
N VAL D 348 1.18 -11.97 41.02
CA VAL D 348 0.76 -13.30 41.45
C VAL D 348 -0.52 -13.20 42.28
N HIS D 349 -1.53 -14.01 41.96
CA HIS D 349 -2.72 -14.23 42.78
C HIS D 349 -2.63 -15.64 43.38
N VAL D 350 -2.64 -15.76 44.70
CA VAL D 350 -2.58 -17.05 45.40
C VAL D 350 -3.97 -17.35 45.94
N ILE D 351 -4.51 -18.52 45.62
CA ILE D 351 -5.96 -18.77 45.64
C ILE D 351 -6.26 -19.95 46.58
N GLY D 352 -6.07 -19.74 47.89
CA GLY D 352 -6.01 -20.81 48.89
C GLY D 352 -4.61 -21.45 48.99
N GLU D 353 -4.53 -22.77 49.14
CA GLU D 353 -3.26 -23.51 49.24
C GLU D 353 -2.96 -24.41 48.05
N ASP D 354 -3.97 -24.76 47.23
CA ASP D 354 -3.85 -25.62 46.06
C ASP D 354 -3.60 -24.88 44.73
N ALA D 355 -3.89 -23.58 44.65
CA ALA D 355 -4.01 -22.86 43.37
C ALA D 355 -3.28 -21.52 43.33
N ALA D 356 -2.78 -21.14 42.16
CA ALA D 356 -2.18 -19.84 41.90
C ALA D 356 -2.29 -19.43 40.43
N CYS D 357 -2.16 -18.13 40.17
CA CYS D 357 -2.13 -17.53 38.84
C CYS D 357 -0.99 -16.50 38.77
N ILE D 358 -0.25 -16.43 37.66
CA ILE D 358 0.81 -15.42 37.45
C ILE D 358 0.64 -14.73 36.10
N ALA D 359 0.87 -13.41 36.05
CA ALA D 359 0.81 -12.60 34.84
C ALA D 359 2.04 -11.70 34.70
N TYR D 360 2.66 -11.65 33.52
CA TYR D 360 3.88 -10.89 33.27
C TYR D 360 4.04 -10.46 31.81
N ILE D 361 4.87 -9.44 31.59
CA ILE D 361 5.36 -9.03 30.27
C ILE D 361 6.72 -9.69 30.03
N ARG D 362 6.93 -10.19 28.82
CA ARG D 362 8.15 -10.87 28.39
C ARG D 362 8.77 -10.12 27.21
N LEU D 363 10.05 -9.77 27.35
CA LEU D 363 10.86 -9.22 26.25
C LEU D 363 11.95 -10.24 25.87
N THR D 364 12.08 -10.56 24.59
CA THR D 364 13.12 -11.48 24.10
C THR D 364 14.05 -10.80 23.09
N GLN D 365 15.35 -10.82 23.39
CA GLN D 365 16.45 -10.40 22.55
C GLN D 365 17.06 -11.62 21.84
N TYR D 366 17.18 -11.57 20.52
CA TYR D 366 17.57 -12.70 19.68
C TYR D 366 18.33 -12.24 18.42
N ILE D 367 19.05 -13.15 17.77
CA ILE D 367 19.77 -12.89 16.50
C ILE D 367 18.97 -13.45 15.33
N ASP D 368 18.73 -12.66 14.29
CA ASP D 368 17.94 -13.08 13.12
C ASP D 368 18.70 -14.04 12.17
N GLY D 369 18.07 -14.39 11.04
CA GLY D 369 18.64 -15.26 10.00
C GLY D 369 19.84 -14.68 9.23
N GLN D 370 20.31 -13.47 9.56
CA GLN D 370 21.47 -12.82 8.94
C GLN D 370 22.32 -12.02 9.94
N GLY D 371 22.27 -12.36 11.22
CA GLY D 371 23.24 -11.91 12.23
C GLY D 371 22.91 -10.60 12.96
N ARG D 372 21.75 -9.99 12.73
CA ARG D 372 21.34 -8.73 13.40
C ARG D 372 20.57 -9.02 14.68
N PRO D 373 20.90 -8.39 15.83
CA PRO D 373 20.05 -8.43 17.02
C PRO D 373 18.67 -7.79 16.81
N ARG D 374 17.62 -8.41 17.37
CA ARG D 374 16.19 -8.04 17.31
C ARG D 374 15.54 -8.14 18.68
N THR D 375 14.41 -7.43 18.88
CA THR D 375 13.54 -7.52 20.07
C THR D 375 12.07 -7.76 19.72
N SER D 376 11.37 -8.52 20.57
CA SER D 376 9.92 -8.73 20.50
C SER D 376 9.28 -8.85 21.89
N GLN D 377 7.97 -8.57 21.99
CA GLN D 377 7.19 -8.55 23.24
C GLN D 377 5.99 -9.53 23.22
N SER D 378 5.74 -10.21 24.33
CA SER D 378 4.50 -10.95 24.60
C SER D 378 3.93 -10.62 25.99
N GLU D 379 2.64 -10.87 26.15
CA GLU D 379 1.92 -10.82 27.41
C GLU D 379 1.40 -12.21 27.74
N GLU D 380 1.66 -12.72 28.94
CA GLU D 380 1.42 -14.12 29.28
C GLU D 380 0.69 -14.29 30.62
N THR D 381 -0.30 -15.20 30.65
CA THR D 381 -1.00 -15.69 31.85
C THR D 381 -0.77 -17.18 32.02
N ARG D 382 -0.47 -17.66 33.24
CA ARG D 382 -0.31 -19.09 33.56
C ARG D 382 -1.06 -19.46 34.83
N VAL D 383 -1.81 -20.57 34.80
CA VAL D 383 -2.66 -21.06 35.90
C VAL D 383 -2.09 -22.36 36.45
N TRP D 384 -1.79 -22.40 37.75
CA TRP D 384 -1.10 -23.48 38.45
C TRP D 384 -1.98 -24.16 39.50
N HIS D 385 -1.95 -25.49 39.54
CA HIS D 385 -2.60 -26.34 40.55
C HIS D 385 -1.55 -27.22 41.23
N ARG D 386 -1.76 -27.62 42.49
CA ARG D 386 -0.88 -28.52 43.24
C ARG D 386 -1.51 -29.91 43.52
N PRO D 387 -1.80 -30.75 42.51
CA PRO D 387 -2.16 -32.14 42.75
C PRO D 387 -0.95 -32.93 43.31
N ASP D 388 -1.17 -33.89 44.20
CA ASP D 388 -0.15 -34.84 44.70
C ASP D 388 1.16 -34.20 45.20
N GLY D 389 1.09 -32.98 45.77
CA GLY D 389 2.22 -32.26 46.34
C GLY D 389 3.12 -31.51 45.34
N LYS D 390 2.90 -31.66 44.02
CA LYS D 390 3.70 -31.06 42.94
C LYS D 390 2.90 -30.01 42.15
N TRP D 391 3.44 -28.80 41.98
CA TRP D 391 2.83 -27.78 41.11
C TRP D 391 2.85 -28.17 39.64
N GLN D 392 1.69 -28.11 38.97
CA GLN D 392 1.53 -28.38 37.54
C GLN D 392 0.61 -27.38 36.83
N ASN D 393 0.90 -27.11 35.57
CA ASN D 393 0.23 -26.09 34.78
C ASN D 393 -1.01 -26.64 34.06
N VAL D 394 -2.17 -25.98 34.19
CA VAL D 394 -3.47 -26.45 33.65
C VAL D 394 -4.05 -25.58 32.53
N HIS D 395 -3.69 -24.30 32.45
CA HIS D 395 -4.12 -23.41 31.37
C HIS D 395 -3.08 -22.31 31.12
N PHE D 396 -2.94 -21.90 29.86
CA PHE D 396 -2.02 -20.84 29.45
C PHE D 396 -2.62 -19.96 28.35
N HIS D 397 -2.38 -18.65 28.42
CA HIS D 397 -2.83 -17.67 27.43
C HIS D 397 -1.69 -16.71 27.09
N CYS D 398 -1.42 -16.52 25.80
CA CYS D 398 -0.40 -15.62 25.28
C CYS D 398 -0.95 -14.65 24.21
N SER D 399 -0.47 -13.40 24.24
CA SER D 399 -0.75 -12.33 23.26
C SER D 399 0.55 -11.65 22.84
N GLY D 400 0.54 -10.96 21.69
CA GLY D 400 1.68 -10.24 21.15
C GLY D 400 2.42 -11.04 20.09
N ALA D 401 3.76 -11.01 20.12
CA ALA D 401 4.60 -11.76 19.20
C ALA D 401 4.46 -13.29 19.39
N PRO D 402 4.54 -14.10 18.31
CA PRO D 402 4.68 -15.56 18.38
C PRO D 402 5.94 -15.99 19.17
N VAL D 403 5.91 -17.14 19.83
CA VAL D 403 7.09 -17.71 20.50
C VAL D 403 8.04 -18.35 19.50
N ALA D 404 7.52 -18.92 18.40
CA ALA D 404 8.33 -19.26 17.24
C ALA D 404 8.96 -17.96 16.69
N PRO D 405 10.31 -17.79 16.75
CA PRO D 405 10.92 -16.47 16.62
C PRO D 405 10.85 -15.91 15.20
N LEU D 406 10.85 -14.58 15.09
CA LEU D 406 10.73 -13.84 13.82
C LEU D 406 12.13 -13.55 13.23
N GLN D 407 12.87 -14.62 12.93
CA GLN D 407 14.24 -14.59 12.38
C GLN D 407 14.28 -14.46 10.85
N ASP E 273 -23.32 -43.89 18.41
CA ASP E 273 -21.95 -43.38 18.30
C ASP E 273 -21.02 -44.31 17.51
N ALA E 274 -21.38 -45.60 17.37
CA ALA E 274 -20.61 -46.59 16.61
C ALA E 274 -20.51 -46.23 15.13
N ARG E 275 -21.63 -45.89 14.48
CA ARG E 275 -21.67 -45.48 13.07
C ARG E 275 -20.95 -44.15 12.82
N LYS E 276 -21.00 -43.21 13.77
CA LYS E 276 -20.23 -41.96 13.72
C LYS E 276 -18.72 -42.17 13.81
N GLN E 277 -18.26 -43.05 14.70
CA GLN E 277 -16.84 -43.44 14.78
C GLN E 277 -16.34 -44.12 13.49
N GLU E 278 -17.20 -44.85 12.78
CA GLU E 278 -16.90 -45.47 11.48
C GLU E 278 -16.63 -44.42 10.37
N ILE E 279 -17.47 -43.37 10.30
CA ILE E 279 -17.26 -42.25 9.37
C ILE E 279 -16.00 -41.47 9.72
N ILE E 280 -15.73 -41.24 11.01
CA ILE E 280 -14.50 -40.61 11.49
C ILE E 280 -13.27 -41.42 11.04
N LYS E 281 -13.26 -42.73 11.31
CA LYS E 281 -12.18 -43.64 10.92
C LYS E 281 -11.92 -43.62 9.42
N THR E 282 -12.97 -43.71 8.60
CA THR E 282 -12.88 -43.68 7.14
C THR E 282 -12.41 -42.32 6.61
N THR E 283 -12.74 -41.21 7.28
CA THR E 283 -12.26 -39.87 6.92
C THR E 283 -10.78 -39.69 7.26
N GLU E 284 -10.30 -40.24 8.37
CA GLU E 284 -8.89 -40.29 8.72
C GLU E 284 -8.05 -41.14 7.74
N GLN E 285 -8.59 -42.24 7.22
CA GLN E 285 -7.95 -43.00 6.14
C GLN E 285 -7.78 -42.19 4.85
N LEU E 286 -8.74 -41.34 4.48
CA LEU E 286 -8.63 -40.46 3.32
C LEU E 286 -7.49 -39.46 3.54
N ILE E 287 -7.47 -38.78 4.68
CA ILE E 287 -6.51 -37.72 4.97
C ILE E 287 -5.07 -38.26 4.99
N GLU E 288 -4.83 -39.42 5.59
CA GLU E 288 -3.49 -40.01 5.56
C GLU E 288 -3.11 -40.62 4.19
N ALA E 289 -4.05 -41.14 3.39
CA ALA E 289 -3.73 -41.53 2.01
C ALA E 289 -3.31 -40.33 1.14
N VAL E 290 -3.96 -39.17 1.31
CA VAL E 290 -3.57 -37.92 0.63
C VAL E 290 -2.16 -37.48 1.04
N ASN E 291 -1.86 -37.34 2.34
CA ASN E 291 -0.55 -36.83 2.75
C ASN E 291 0.61 -37.85 2.60
N ASN E 292 0.32 -39.14 2.41
CA ASN E 292 1.28 -40.13 1.91
C ASN E 292 1.54 -40.05 0.40
N GLY E 293 0.69 -39.36 -0.38
CA GLY E 293 0.77 -39.34 -1.84
C GLY E 293 0.30 -40.63 -2.51
N ASP E 294 -0.54 -41.42 -1.84
CA ASP E 294 -0.99 -42.74 -2.27
C ASP E 294 -2.22 -42.66 -3.22
N PHE E 295 -2.02 -42.18 -4.45
CA PHE E 295 -3.12 -41.95 -5.40
C PHE E 295 -3.93 -43.21 -5.73
N GLU E 296 -3.30 -44.38 -5.72
CA GLU E 296 -3.99 -45.65 -5.95
C GLU E 296 -4.95 -46.03 -4.81
N ALA E 297 -4.69 -45.62 -3.56
CA ALA E 297 -5.66 -45.76 -2.47
C ALA E 297 -6.73 -44.66 -2.50
N TYR E 298 -6.36 -43.43 -2.82
CA TYR E 298 -7.30 -42.31 -2.99
C TYR E 298 -8.37 -42.64 -4.04
N ALA E 299 -7.98 -43.19 -5.18
CA ALA E 299 -8.90 -43.63 -6.23
C ALA E 299 -9.91 -44.72 -5.79
N LYS E 300 -9.66 -45.49 -4.73
CA LYS E 300 -10.61 -46.49 -4.18
C LYS E 300 -11.61 -45.90 -3.19
N ILE E 301 -11.30 -44.76 -2.58
CA ILE E 301 -12.16 -44.01 -1.67
C ILE E 301 -13.17 -43.11 -2.41
N CYS E 302 -12.84 -42.65 -3.62
CA CYS E 302 -13.62 -41.67 -4.39
C CYS E 302 -14.54 -42.33 -5.43
N ASP E 303 -15.77 -41.84 -5.57
CA ASP E 303 -16.65 -42.14 -6.69
C ASP E 303 -16.13 -41.56 -8.03
N PRO E 304 -16.30 -42.22 -9.20
CA PRO E 304 -15.80 -41.70 -10.48
C PRO E 304 -16.42 -40.36 -10.92
N GLY E 305 -17.64 -40.05 -10.46
CA GLY E 305 -18.36 -38.80 -10.71
C GLY E 305 -18.26 -37.76 -9.60
N LEU E 306 -17.35 -37.93 -8.61
CA LEU E 306 -17.09 -36.98 -7.52
C LEU E 306 -16.96 -35.53 -8.03
N THR E 307 -17.56 -34.57 -7.33
CA THR E 307 -17.46 -33.13 -7.61
C THR E 307 -16.83 -32.37 -6.44
N SER E 308 -16.15 -31.25 -6.69
CA SER E 308 -15.57 -30.45 -5.60
C SER E 308 -15.45 -28.94 -5.84
N PHE E 309 -15.56 -28.20 -4.74
CA PHE E 309 -15.15 -26.80 -4.60
C PHE E 309 -13.92 -26.71 -3.70
N GLU E 310 -12.87 -26.00 -4.12
CA GLU E 310 -11.65 -25.79 -3.34
C GLU E 310 -10.90 -24.54 -3.82
N PRO E 311 -10.03 -23.92 -3.01
CA PRO E 311 -9.31 -22.69 -3.40
C PRO E 311 -8.49 -22.79 -4.69
N GLU E 312 -7.88 -23.94 -4.99
CA GLU E 312 -7.09 -24.19 -6.20
C GLU E 312 -7.89 -24.12 -7.51
N ALA E 313 -9.21 -24.35 -7.48
CA ALA E 313 -10.09 -24.36 -8.65
C ALA E 313 -10.69 -22.97 -9.02
N LEU E 314 -10.28 -21.89 -8.34
CA LEU E 314 -10.57 -20.49 -8.67
C LEU E 314 -12.07 -20.12 -8.74
N GLY E 315 -12.93 -20.78 -7.95
CA GLY E 315 -14.37 -20.55 -7.93
C GLY E 315 -15.20 -21.48 -8.83
N ASN E 316 -14.61 -22.44 -9.54
CA ASN E 316 -15.30 -23.39 -10.42
C ASN E 316 -15.60 -24.73 -9.74
N LEU E 317 -16.66 -25.43 -10.14
CA LEU E 317 -16.96 -26.79 -9.68
C LEU E 317 -16.27 -27.85 -10.56
N VAL E 318 -15.27 -28.53 -10.01
CA VAL E 318 -14.51 -29.61 -10.67
C VAL E 318 -15.28 -30.93 -10.62
N GLU E 319 -15.15 -31.78 -11.64
CA GLU E 319 -15.69 -33.13 -11.68
C GLU E 319 -14.61 -34.18 -12.03
N GLY E 320 -14.63 -35.36 -11.40
CA GLY E 320 -13.71 -36.47 -11.66
C GLY E 320 -12.32 -36.34 -11.01
N MET E 321 -11.43 -37.28 -11.31
CA MET E 321 -10.13 -37.46 -10.62
C MET E 321 -8.95 -36.65 -11.20
N ASP E 322 -9.02 -36.22 -12.46
CA ASP E 322 -7.83 -35.78 -13.20
C ASP E 322 -7.28 -34.40 -12.81
N PHE E 323 -8.10 -33.53 -12.21
CA PHE E 323 -7.64 -32.25 -11.65
C PHE E 323 -6.77 -32.46 -10.41
N HIS E 324 -7.13 -33.43 -9.56
CA HIS E 324 -6.43 -33.73 -8.32
C HIS E 324 -5.15 -34.54 -8.56
N ARG E 325 -5.15 -35.46 -9.53
CA ARG E 325 -4.00 -36.26 -10.00
C ARG E 325 -2.73 -35.44 -10.17
N PHE E 326 -2.82 -34.23 -10.72
CA PHE E 326 -1.68 -33.33 -10.90
C PHE E 326 -0.90 -33.01 -9.61
N TYR E 327 -1.58 -32.86 -8.47
CA TYR E 327 -0.95 -32.59 -7.17
C TYR E 327 -0.30 -33.81 -6.53
N PHE E 328 -0.80 -35.02 -6.80
CA PHE E 328 -0.11 -36.25 -6.39
C PHE E 328 1.22 -36.39 -7.12
N GLU E 329 1.21 -36.19 -8.43
CA GLU E 329 2.38 -36.34 -9.30
C GLU E 329 3.43 -35.23 -9.13
N ASN E 330 3.07 -34.03 -8.67
CA ASN E 330 3.98 -32.88 -8.61
C ASN E 330 4.31 -32.40 -7.19
N LEU E 331 3.74 -33.01 -6.16
CA LEU E 331 4.05 -32.76 -4.74
C LEU E 331 4.03 -34.05 -3.93
N LEU E 332 2.85 -34.65 -3.73
CA LEU E 332 2.62 -35.58 -2.62
C LEU E 332 3.45 -36.87 -2.73
N ALA E 333 3.73 -37.36 -3.94
CA ALA E 333 4.63 -38.50 -4.18
C ALA E 333 6.13 -38.18 -3.98
N LYS E 334 6.51 -36.89 -3.95
CA LYS E 334 7.89 -36.38 -4.00
C LYS E 334 8.38 -35.76 -2.68
N ASN E 335 7.50 -35.17 -1.88
CA ASN E 335 7.85 -34.50 -0.62
C ASN E 335 8.36 -35.46 0.47
N SER E 336 9.19 -34.94 1.39
CA SER E 336 9.82 -35.69 2.50
C SER E 336 9.80 -34.98 3.87
N LYS E 337 9.52 -33.67 3.93
CA LYS E 337 9.56 -32.89 5.19
C LYS E 337 8.42 -33.27 6.15
N PRO E 338 8.61 -33.12 7.47
CA PRO E 338 7.60 -33.47 8.48
C PRO E 338 6.38 -32.54 8.44
N ILE E 339 5.19 -33.13 8.61
CA ILE E 339 3.88 -32.46 8.66
C ILE E 339 3.07 -33.05 9.82
N HIS E 340 2.34 -32.22 10.55
CA HIS E 340 1.37 -32.64 11.57
C HIS E 340 -0.01 -31.99 11.33
N THR E 341 -1.09 -32.73 11.54
CA THR E 341 -2.45 -32.28 11.31
C THR E 341 -3.35 -32.52 12.53
N THR E 342 -4.10 -31.50 12.92
CA THR E 342 -5.09 -31.54 14.00
C THR E 342 -6.49 -31.38 13.42
N ILE E 343 -7.42 -32.26 13.78
CA ILE E 343 -8.85 -32.15 13.44
C ILE E 343 -9.62 -31.67 14.68
N LEU E 344 -10.32 -30.54 14.53
CA LEU E 344 -11.06 -29.87 15.61
C LEU E 344 -12.57 -29.91 15.39
N ASN E 345 -13.28 -30.16 16.49
CA ASN E 345 -14.74 -30.03 16.63
C ASN E 345 -15.57 -30.76 15.53
N PRO E 346 -15.27 -32.03 15.17
CA PRO E 346 -16.00 -32.73 14.11
C PRO E 346 -17.49 -32.89 14.43
N HIS E 347 -18.35 -32.78 13.42
CA HIS E 347 -19.80 -33.03 13.52
C HIS E 347 -20.24 -33.96 12.38
N VAL E 348 -21.03 -34.99 12.70
CA VAL E 348 -21.50 -36.00 11.74
C VAL E 348 -23.03 -35.99 11.69
N HIS E 349 -23.60 -35.95 10.48
CA HIS E 349 -25.02 -36.20 10.22
C HIS E 349 -25.15 -37.55 9.54
N VAL E 350 -25.90 -38.49 10.11
CA VAL E 350 -26.12 -39.82 9.54
C VAL E 350 -27.55 -39.86 8.98
N ILE E 351 -27.71 -40.24 7.72
CA ILE E 351 -28.88 -39.86 6.92
C ILE E 351 -29.55 -41.15 6.40
N GLY E 352 -30.15 -41.93 7.30
CA GLY E 352 -30.56 -43.32 7.06
C GLY E 352 -29.41 -44.32 7.24
N GLU E 353 -29.30 -45.33 6.38
CA GLU E 353 -28.25 -46.36 6.43
C GLU E 353 -27.25 -46.29 5.27
N ASP E 354 -27.58 -45.64 4.17
CA ASP E 354 -26.73 -45.52 2.97
C ASP E 354 -25.85 -44.26 2.94
N ALA E 355 -26.15 -43.22 3.74
CA ALA E 355 -25.59 -41.88 3.55
C ALA E 355 -25.14 -41.21 4.85
N ALA E 356 -24.11 -40.38 4.77
CA ALA E 356 -23.60 -39.57 5.88
C ALA E 356 -22.87 -38.31 5.39
N CYS E 357 -22.75 -37.30 6.25
CA CYS E 357 -22.03 -36.06 6.01
C CYS E 357 -21.17 -35.74 7.23
N ILE E 358 -19.93 -35.25 7.05
CA ILE E 358 -19.03 -34.84 8.14
C ILE E 358 -18.45 -33.44 7.88
N ALA E 359 -18.35 -32.62 8.93
CA ALA E 359 -17.80 -31.27 8.88
C ALA E 359 -16.79 -31.04 10.00
N TYR E 360 -15.63 -30.45 9.70
CA TYR E 360 -14.56 -30.25 10.69
C TYR E 360 -13.64 -29.08 10.33
N ILE E 361 -12.93 -28.57 11.34
CA ILE E 361 -11.82 -27.62 11.18
C ILE E 361 -10.52 -28.42 11.17
N ARG E 362 -9.63 -28.07 10.25
CA ARG E 362 -8.32 -28.70 10.07
C ARG E 362 -7.23 -27.66 10.27
N LEU E 363 -6.28 -27.95 11.15
CA LEU E 363 -5.05 -27.17 11.34
C LEU E 363 -3.85 -28.00 10.87
N THR E 364 -2.98 -27.44 10.04
CA THR E 364 -1.76 -28.11 9.55
C THR E 364 -0.49 -27.36 9.95
N GLN E 365 0.41 -28.05 10.65
CA GLN E 365 1.76 -27.63 11.02
C GLN E 365 2.76 -28.22 10.01
N TYR E 366 3.60 -27.36 9.43
CA TYR E 366 4.50 -27.73 8.32
C TYR E 366 5.77 -26.87 8.34
N ILE E 367 6.82 -27.29 7.62
CA ILE E 367 8.09 -26.57 7.50
C ILE E 367 8.15 -25.87 6.14
N ASP E 368 8.47 -24.58 6.12
CA ASP E 368 8.54 -23.79 4.88
C ASP E 368 9.79 -24.08 4.01
N GLY E 369 9.94 -23.35 2.91
CA GLY E 369 11.07 -23.47 1.97
C GLY E 369 12.44 -23.06 2.54
N GLN E 370 12.52 -22.65 3.81
CA GLN E 370 13.75 -22.25 4.48
C GLN E 370 13.82 -22.71 5.96
N GLY E 371 13.08 -23.77 6.31
CA GLY E 371 13.24 -24.49 7.58
C GLY E 371 12.46 -23.95 8.78
N ARG E 372 11.63 -22.91 8.63
CA ARG E 372 10.78 -22.36 9.71
C ARG E 372 9.45 -23.12 9.79
N PRO E 373 9.01 -23.57 10.98
CA PRO E 373 7.65 -24.07 11.19
C PRO E 373 6.57 -23.00 10.97
N ARG E 374 5.46 -23.38 10.36
CA ARG E 374 4.28 -22.56 10.00
C ARG E 374 2.97 -23.28 10.33
N THR E 375 1.86 -22.53 10.46
CA THR E 375 0.49 -23.06 10.61
C THR E 375 -0.50 -22.46 9.60
N SER E 376 -1.48 -23.25 9.19
CA SER E 376 -2.62 -22.81 8.36
C SER E 376 -3.92 -23.57 8.69
N GLN E 377 -5.07 -22.95 8.39
CA GLN E 377 -6.41 -23.45 8.70
C GLN E 377 -7.29 -23.64 7.45
N SER E 378 -8.05 -24.74 7.40
CA SER E 378 -9.15 -24.94 6.47
C SER E 378 -10.43 -25.39 7.18
N GLU E 379 -11.57 -25.14 6.56
CA GLU E 379 -12.88 -25.66 6.93
C GLU E 379 -13.35 -26.60 5.82
N GLU E 380 -13.75 -27.82 6.16
CA GLU E 380 -14.01 -28.88 5.19
C GLU E 380 -15.35 -29.59 5.43
N THR E 381 -16.09 -29.86 4.35
CA THR E 381 -17.30 -30.69 4.29
C THR E 381 -17.07 -31.88 3.38
N ARG E 382 -17.48 -33.09 3.77
CA ARG E 382 -17.40 -34.31 2.94
C ARG E 382 -18.70 -35.11 2.97
N VAL E 383 -19.19 -35.54 1.81
CA VAL E 383 -20.46 -36.27 1.65
C VAL E 383 -20.19 -37.73 1.21
N TRP E 384 -20.68 -38.69 1.99
CA TRP E 384 -20.39 -40.13 1.88
C TRP E 384 -21.64 -40.95 1.52
N HIS E 385 -21.50 -41.89 0.58
CA HIS E 385 -22.53 -42.85 0.17
C HIS E 385 -21.99 -44.28 0.31
N ARG E 386 -22.83 -45.28 0.56
CA ARG E 386 -22.46 -46.70 0.64
C ARG E 386 -23.02 -47.56 -0.51
N PRO E 387 -22.62 -47.36 -1.78
CA PRO E 387 -22.92 -48.32 -2.84
C PRO E 387 -22.14 -49.64 -2.62
N ASP E 388 -22.75 -50.78 -2.93
CA ASP E 388 -22.10 -52.11 -2.94
C ASP E 388 -21.36 -52.49 -1.63
N GLY E 389 -21.85 -52.03 -0.48
CA GLY E 389 -21.30 -52.33 0.85
C GLY E 389 -20.07 -51.52 1.28
N LYS E 390 -19.49 -50.68 0.40
CA LYS E 390 -18.29 -49.87 0.66
C LYS E 390 -18.60 -48.36 0.66
N TRP E 391 -18.19 -47.63 1.70
CA TRP E 391 -18.30 -46.17 1.74
C TRP E 391 -17.41 -45.48 0.69
N GLN E 392 -17.98 -44.58 -0.11
CA GLN E 392 -17.26 -43.77 -1.10
C GLN E 392 -17.71 -42.30 -1.14
N ASN E 393 -16.77 -41.41 -1.41
CA ASN E 393 -16.96 -39.97 -1.38
C ASN E 393 -17.57 -39.46 -2.70
N VAL E 394 -18.65 -38.67 -2.64
CA VAL E 394 -19.38 -38.16 -3.83
C VAL E 394 -19.30 -36.63 -4.03
N HIS E 395 -19.07 -35.85 -2.98
CA HIS E 395 -18.89 -34.40 -3.05
C HIS E 395 -18.01 -33.89 -1.90
N PHE E 396 -17.21 -32.87 -2.17
CA PHE E 396 -16.31 -32.24 -1.21
C PHE E 396 -16.25 -30.70 -1.38
N HIS E 397 -16.23 -29.96 -0.28
CA HIS E 397 -16.12 -28.49 -0.27
C HIS E 397 -15.09 -28.05 0.77
N CYS E 398 -14.15 -27.19 0.38
CA CYS E 398 -13.11 -26.63 1.23
C CYS E 398 -13.07 -25.09 1.17
N SER E 399 -12.87 -24.45 2.32
CA SER E 399 -12.63 -23.00 2.51
C SER E 399 -11.35 -22.78 3.32
N GLY E 400 -10.78 -21.59 3.23
CA GLY E 400 -9.60 -21.19 4.01
C GLY E 400 -8.32 -21.31 3.20
N ALA E 401 -7.25 -21.81 3.82
CA ALA E 401 -5.98 -22.03 3.15
C ALA E 401 -6.06 -23.13 2.05
N PRO E 402 -5.33 -23.00 0.93
CA PRO E 402 -5.15 -24.05 -0.06
C PRO E 402 -4.55 -25.34 0.56
N VAL E 403 -4.83 -26.51 -0.01
CA VAL E 403 -4.21 -27.77 0.44
C VAL E 403 -2.78 -27.88 -0.07
N ALA E 404 -2.48 -27.31 -1.24
CA ALA E 404 -1.11 -27.09 -1.67
C ALA E 404 -0.42 -26.12 -0.67
N PRO E 405 0.62 -26.55 0.06
CA PRO E 405 1.12 -25.80 1.22
C PRO E 405 1.82 -24.50 0.82
N LEU E 406 1.78 -23.50 1.69
CA LEU E 406 2.34 -22.16 1.49
C LEU E 406 3.78 -22.08 2.03
N GLN E 407 4.67 -22.88 1.43
CA GLN E 407 6.10 -23.00 1.78
C GLN E 407 6.95 -21.91 1.12
N ASP F 273 -25.48 -32.53 -33.19
CA ASP F 273 -24.34 -32.63 -32.27
C ASP F 273 -23.05 -33.08 -32.97
N ALA F 274 -23.15 -33.71 -34.15
CA ALA F 274 -22.00 -34.17 -34.93
C ALA F 274 -21.10 -33.01 -35.38
N ARG F 275 -21.70 -31.94 -35.95
CA ARG F 275 -20.97 -30.74 -36.38
C ARG F 275 -20.37 -29.96 -35.22
N LYS F 276 -21.03 -29.93 -34.06
CA LYS F 276 -20.48 -29.34 -32.82
C LYS F 276 -19.27 -30.11 -32.29
N GLN F 277 -19.31 -31.44 -32.28
CA GLN F 277 -18.16 -32.27 -31.91
C GLN F 277 -16.96 -32.07 -32.85
N GLU F 278 -17.20 -31.79 -34.13
CA GLU F 278 -16.16 -31.46 -35.12
C GLU F 278 -15.41 -30.15 -34.80
N ILE F 279 -16.16 -29.10 -34.42
CA ILE F 279 -15.58 -27.82 -33.97
C ILE F 279 -14.80 -27.99 -32.68
N ILE F 280 -15.33 -28.78 -31.72
CA ILE F 280 -14.63 -29.12 -30.47
C ILE F 280 -13.31 -29.83 -30.77
N LYS F 281 -13.33 -30.88 -31.59
CA LYS F 281 -12.14 -31.63 -32.00
C LYS F 281 -11.08 -30.74 -32.65
N THR F 282 -11.47 -29.88 -33.59
CA THR F 282 -10.55 -28.93 -34.26
C THR F 282 -9.98 -27.87 -33.31
N THR F 283 -10.75 -27.43 -32.32
CA THR F 283 -10.30 -26.51 -31.29
C THR F 283 -9.28 -27.15 -30.34
N GLU F 284 -9.47 -28.41 -29.98
CA GLU F 284 -8.50 -29.20 -29.22
C GLU F 284 -7.19 -29.43 -29.98
N GLN F 285 -7.23 -29.63 -31.31
CA GLN F 285 -6.03 -29.67 -32.15
C GLN F 285 -5.23 -28.36 -32.13
N LEU F 286 -5.90 -27.20 -32.12
CA LEU F 286 -5.24 -25.90 -32.01
C LEU F 286 -4.51 -25.80 -30.67
N ILE F 287 -5.20 -26.09 -29.56
CA ILE F 287 -4.66 -25.93 -28.21
C ILE F 287 -3.45 -26.82 -27.97
N GLU F 288 -3.48 -28.09 -28.41
CA GLU F 288 -2.31 -28.96 -28.29
C GLU F 288 -1.18 -28.61 -29.27
N ALA F 289 -1.45 -28.10 -30.48
CA ALA F 289 -0.38 -27.58 -31.34
C ALA F 289 0.34 -26.37 -30.71
N VAL F 290 -0.38 -25.47 -30.04
CA VAL F 290 0.20 -24.34 -29.30
C VAL F 290 1.09 -24.83 -28.16
N ASN F 291 0.59 -25.68 -27.26
CA ASN F 291 1.38 -26.11 -26.10
C ASN F 291 2.52 -27.11 -26.43
N ASN F 292 2.51 -27.73 -27.61
CA ASN F 292 3.66 -28.43 -28.17
C ASN F 292 4.73 -27.49 -28.79
N GLY F 293 4.40 -26.22 -29.03
CA GLY F 293 5.29 -25.28 -29.74
C GLY F 293 5.40 -25.54 -31.24
N ASP F 294 4.41 -26.19 -31.84
CA ASP F 294 4.40 -26.62 -33.24
C ASP F 294 3.91 -25.50 -34.20
N PHE F 295 4.73 -24.46 -34.39
CA PHE F 295 4.34 -23.28 -35.17
C PHE F 295 3.98 -23.61 -36.63
N GLU F 296 4.60 -24.63 -37.23
CA GLU F 296 4.27 -25.07 -38.58
C GLU F 296 2.88 -25.71 -38.70
N ALA F 297 2.35 -26.33 -37.64
CA ALA F 297 0.96 -26.78 -37.61
C ALA F 297 -0.01 -25.63 -37.28
N TYR F 298 0.36 -24.74 -36.36
CA TYR F 298 -0.42 -23.55 -36.04
C TYR F 298 -0.68 -22.69 -37.29
N ALA F 299 0.33 -22.45 -38.11
CA ALA F 299 0.21 -21.74 -39.36
C ALA F 299 -0.76 -22.35 -40.39
N LYS F 300 -1.08 -23.66 -40.30
CA LYS F 300 -2.08 -24.33 -41.18
C LYS F 300 -3.52 -24.20 -40.67
N ILE F 301 -3.70 -23.94 -39.38
CA ILE F 301 -4.99 -23.72 -38.73
C ILE F 301 -5.49 -22.27 -38.88
N CYS F 302 -4.59 -21.30 -39.01
CA CYS F 302 -4.88 -19.87 -39.03
C CYS F 302 -4.98 -19.29 -40.45
N ASP F 303 -5.97 -18.42 -40.69
CA ASP F 303 -6.03 -17.57 -41.88
C ASP F 303 -4.90 -16.51 -41.90
N PRO F 304 -4.33 -16.13 -43.06
CA PRO F 304 -3.23 -15.14 -43.11
C PRO F 304 -3.62 -13.73 -42.62
N GLY F 305 -4.90 -13.36 -42.69
CA GLY F 305 -5.48 -12.11 -42.20
C GLY F 305 -6.11 -12.18 -40.81
N LEU F 306 -5.91 -13.26 -40.04
CA LEU F 306 -6.40 -13.44 -38.66
C LEU F 306 -6.13 -12.18 -37.79
N THR F 307 -7.11 -11.77 -36.98
CA THR F 307 -7.01 -10.68 -36.02
C THR F 307 -7.21 -11.16 -34.58
N SER F 308 -6.62 -10.50 -33.59
CA SER F 308 -6.82 -10.89 -32.18
C SER F 308 -6.74 -9.77 -31.14
N PHE F 309 -7.52 -9.96 -30.07
CA PHE F 309 -7.39 -9.27 -28.78
C PHE F 309 -6.89 -10.25 -27.71
N GLU F 310 -5.86 -9.88 -26.96
CA GLU F 310 -5.31 -10.69 -25.87
C GLU F 310 -4.53 -9.82 -24.88
N PRO F 311 -4.34 -10.24 -23.61
CA PRO F 311 -3.65 -9.43 -22.60
C PRO F 311 -2.23 -8.96 -23.01
N GLU F 312 -1.46 -9.80 -23.71
CA GLU F 312 -0.11 -9.47 -24.18
C GLU F 312 -0.03 -8.27 -25.15
N ALA F 313 -1.11 -7.97 -25.89
CA ALA F 313 -1.17 -6.87 -26.86
C ALA F 313 -1.59 -5.49 -26.26
N LEU F 314 -1.74 -5.40 -24.93
CA LEU F 314 -1.93 -4.16 -24.17
C LEU F 314 -3.14 -3.30 -24.58
N GLY F 315 -4.23 -3.91 -25.08
CA GLY F 315 -5.44 -3.23 -25.54
C GLY F 315 -5.53 -2.96 -27.04
N ASN F 316 -4.56 -3.36 -27.85
CA ASN F 316 -4.54 -3.16 -29.31
C ASN F 316 -5.06 -4.39 -30.09
N LEU F 317 -5.62 -4.19 -31.27
CA LEU F 317 -6.01 -5.30 -32.18
C LEU F 317 -4.85 -5.69 -33.10
N VAL F 318 -4.27 -6.86 -32.90
CA VAL F 318 -3.18 -7.43 -33.70
C VAL F 318 -3.72 -8.07 -34.98
N GLU F 319 -2.96 -8.03 -36.07
CA GLU F 319 -3.26 -8.69 -37.35
C GLU F 319 -2.07 -9.56 -37.82
N GLY F 320 -2.34 -10.74 -38.39
CA GLY F 320 -1.34 -11.67 -38.94
C GLY F 320 -0.58 -12.51 -37.90
N MET F 321 0.41 -13.28 -38.37
CA MET F 321 1.11 -14.31 -37.58
C MET F 321 2.32 -13.84 -36.77
N ASP F 322 2.94 -12.71 -37.13
CA ASP F 322 4.30 -12.37 -36.66
C ASP F 322 4.40 -11.91 -35.20
N PHE F 323 3.31 -11.42 -34.61
CA PHE F 323 3.25 -11.10 -33.18
C PHE F 323 3.29 -12.37 -32.31
N HIS F 324 2.61 -13.42 -32.75
CA HIS F 324 2.51 -14.69 -32.04
C HIS F 324 3.78 -15.54 -32.19
N ARG F 325 4.40 -15.53 -33.38
CA ARG F 325 5.68 -16.18 -33.71
C ARG F 325 6.75 -16.00 -32.65
N PHE F 326 6.87 -14.81 -32.06
CA PHE F 326 7.83 -14.51 -30.99
C PHE F 326 7.70 -15.44 -29.76
N TYR F 327 6.49 -15.82 -29.36
CA TYR F 327 6.26 -16.71 -28.21
C TYR F 327 6.54 -18.18 -28.52
N PHE F 328 6.40 -18.61 -29.77
CA PHE F 328 6.84 -19.95 -30.16
C PHE F 328 8.35 -20.08 -30.07
N GLU F 329 9.08 -19.08 -30.60
CA GLU F 329 10.54 -19.05 -30.63
C GLU F 329 11.21 -18.81 -29.28
N ASN F 330 10.54 -18.19 -28.30
CA ASN F 330 11.15 -17.80 -27.03
C ASN F 330 10.58 -18.53 -25.79
N LEU F 331 9.58 -19.40 -25.97
CA LEU F 331 9.03 -20.27 -24.92
C LEU F 331 8.67 -21.63 -25.47
N LEU F 332 7.65 -21.71 -26.33
CA LEU F 332 6.90 -22.96 -26.54
C LEU F 332 7.76 -24.06 -27.21
N ALA F 333 8.72 -23.70 -28.06
CA ALA F 333 9.70 -24.64 -28.63
C ALA F 333 10.79 -25.11 -27.63
N LYS F 334 10.97 -24.41 -26.50
CA LYS F 334 12.08 -24.56 -25.55
C LYS F 334 11.68 -25.17 -24.21
N ASN F 335 10.43 -25.00 -23.76
CA ASN F 335 9.95 -25.49 -22.47
C ASN F 335 9.86 -27.03 -22.39
N SER F 336 9.98 -27.56 -21.16
CA SER F 336 9.95 -29.02 -20.87
C SER F 336 9.08 -29.43 -19.66
N LYS F 337 8.69 -28.49 -18.78
CA LYS F 337 7.95 -28.79 -17.54
C LYS F 337 6.51 -29.25 -17.81
N PRO F 338 5.91 -30.08 -16.94
CA PRO F 338 4.55 -30.59 -17.12
C PRO F 338 3.48 -29.50 -16.99
N ILE F 339 2.47 -29.55 -17.86
CA ILE F 339 1.29 -28.67 -17.91
C ILE F 339 0.03 -29.54 -18.09
N HIS F 340 -1.06 -29.16 -17.42
CA HIS F 340 -2.39 -29.73 -17.63
C HIS F 340 -3.44 -28.63 -17.87
N THR F 341 -4.38 -28.88 -18.78
CA THR F 341 -5.41 -27.91 -19.17
C THR F 341 -6.81 -28.53 -19.11
N THR F 342 -7.74 -27.83 -18.49
CA THR F 342 -9.17 -28.19 -18.38
C THR F 342 -10.00 -27.18 -19.18
N ILE F 343 -10.88 -27.66 -20.03
CA ILE F 343 -11.88 -26.85 -20.75
C ILE F 343 -13.24 -27.03 -20.10
N LEU F 344 -13.85 -25.94 -19.65
CA LEU F 344 -15.13 -25.92 -18.93
C LEU F 344 -16.25 -25.24 -19.71
N ASN F 345 -17.42 -25.86 -19.65
CA ASN F 345 -18.71 -25.33 -20.12
C ASN F 345 -18.70 -24.80 -21.57
N PRO F 346 -18.13 -25.51 -22.57
CA PRO F 346 -18.08 -25.02 -23.94
C PRO F 346 -19.46 -24.78 -24.55
N HIS F 347 -19.61 -23.74 -25.37
CA HIS F 347 -20.83 -23.44 -26.12
C HIS F 347 -20.47 -23.16 -27.58
N VAL F 348 -21.20 -23.74 -28.53
CA VAL F 348 -20.95 -23.63 -29.98
C VAL F 348 -22.18 -23.02 -30.67
N HIS F 349 -21.98 -22.01 -31.50
CA HIS F 349 -22.97 -21.48 -32.43
C HIS F 349 -22.57 -21.89 -33.85
N VAL F 350 -23.42 -22.60 -34.57
CA VAL F 350 -23.16 -23.04 -35.95
C VAL F 350 -24.01 -22.18 -36.87
N ILE F 351 -23.39 -21.54 -37.87
CA ILE F 351 -23.94 -20.36 -38.52
C ILE F 351 -24.08 -20.63 -40.04
N GLY F 352 -25.01 -21.51 -40.41
CA GLY F 352 -25.08 -22.12 -41.74
C GLY F 352 -24.15 -23.34 -41.88
N GLU F 353 -23.48 -23.47 -43.02
CA GLU F 353 -22.56 -24.60 -43.30
C GLU F 353 -21.09 -24.17 -43.40
N ASP F 354 -20.80 -22.89 -43.65
CA ASP F 354 -19.45 -22.35 -43.81
C ASP F 354 -18.83 -21.80 -42.51
N ALA F 355 -19.61 -21.53 -41.46
CA ALA F 355 -19.18 -20.71 -40.33
C ALA F 355 -19.58 -21.30 -38.96
N ALA F 356 -18.77 -21.05 -37.94
CA ALA F 356 -19.05 -21.43 -36.56
C ALA F 356 -18.30 -20.53 -35.55
N CYS F 357 -18.76 -20.49 -34.30
CA CYS F 357 -18.15 -19.76 -33.20
C CYS F 357 -18.14 -20.66 -31.95
N ILE F 358 -17.08 -20.68 -31.15
CA ILE F 358 -17.00 -21.44 -29.88
C ILE F 358 -16.52 -20.56 -28.72
N ALA F 359 -17.10 -20.75 -27.55
CA ALA F 359 -16.73 -20.02 -26.33
C ALA F 359 -16.58 -20.96 -25.14
N TYR F 360 -15.52 -20.81 -24.34
CA TYR F 360 -15.20 -21.70 -23.23
C TYR F 360 -14.35 -21.02 -22.15
N ILE F 361 -14.38 -21.59 -20.94
CA ILE F 361 -13.44 -21.27 -19.85
C ILE F 361 -12.29 -22.28 -19.89
N ARG F 362 -11.08 -21.77 -19.69
CA ARG F 362 -9.84 -22.57 -19.69
C ARG F 362 -9.15 -22.42 -18.35
N LEU F 363 -8.86 -23.53 -17.69
CA LEU F 363 -8.02 -23.59 -16.49
C LEU F 363 -6.70 -24.28 -16.83
N THR F 364 -5.57 -23.69 -16.45
CA THR F 364 -4.24 -24.28 -16.67
C THR F 364 -3.49 -24.51 -15.35
N GLN F 365 -3.08 -25.76 -15.11
CA GLN F 365 -2.22 -26.21 -14.03
C GLN F 365 -0.77 -26.32 -14.54
N TYR F 366 0.16 -25.65 -13.85
CA TYR F 366 1.56 -25.49 -14.28
C TYR F 366 2.51 -25.43 -13.06
N ILE F 367 3.81 -25.64 -13.29
CA ILE F 367 4.85 -25.53 -12.26
C ILE F 367 5.61 -24.21 -12.41
N ASP F 368 5.77 -23.44 -11.34
CA ASP F 368 6.47 -22.15 -11.39
C ASP F 368 8.01 -22.28 -11.50
N GLY F 369 8.71 -21.14 -11.48
CA GLY F 369 10.17 -21.07 -11.56
C GLY F 369 10.94 -21.68 -10.39
N GLN F 370 10.26 -22.23 -9.38
CA GLN F 370 10.86 -22.86 -8.20
C GLN F 370 10.12 -24.14 -7.74
N GLY F 371 9.41 -24.80 -8.65
CA GLY F 371 8.89 -26.17 -8.44
C GLY F 371 7.51 -26.29 -7.78
N ARG F 372 6.82 -25.19 -7.46
CA ARG F 372 5.47 -25.20 -6.85
C ARG F 372 4.38 -25.26 -7.93
N PRO F 373 3.39 -26.16 -7.84
CA PRO F 373 2.19 -26.11 -8.70
C PRO F 373 1.33 -24.85 -8.49
N ARG F 374 0.78 -24.32 -9.59
CA ARG F 374 -0.04 -23.10 -9.71
C ARG F 374 -1.23 -23.31 -10.64
N THR F 375 -2.27 -22.48 -10.52
CA THR F 375 -3.45 -22.42 -11.42
C THR F 375 -3.75 -21.02 -11.93
N SER F 376 -4.25 -20.91 -13.16
CA SER F 376 -4.76 -19.66 -13.76
C SER F 376 -5.96 -19.90 -14.69
N GLN F 377 -6.82 -18.88 -14.86
CA GLN F 377 -8.05 -18.91 -15.65
C GLN F 377 -8.04 -17.89 -16.82
N SER F 378 -8.53 -18.31 -17.99
CA SER F 378 -8.89 -17.42 -19.10
C SER F 378 -10.28 -17.71 -19.64
N GLU F 379 -10.87 -16.72 -20.29
CA GLU F 379 -12.11 -16.81 -21.06
C GLU F 379 -11.79 -16.53 -22.52
N GLU F 380 -12.21 -17.40 -23.43
CA GLU F 380 -11.77 -17.37 -24.83
C GLU F 380 -12.93 -17.52 -25.82
N THR F 381 -12.89 -16.72 -26.90
CA THR F 381 -13.77 -16.80 -28.07
C THR F 381 -12.96 -17.07 -29.34
N ARG F 382 -13.39 -18.01 -30.18
CA ARG F 382 -12.75 -18.32 -31.48
C ARG F 382 -13.78 -18.40 -32.61
N VAL F 383 -13.50 -17.76 -33.74
CA VAL F 383 -14.39 -17.67 -34.91
C VAL F 383 -13.81 -18.45 -36.08
N TRP F 384 -14.56 -19.41 -36.63
CA TRP F 384 -14.13 -20.37 -37.64
C TRP F 384 -14.87 -20.21 -38.97
N HIS F 385 -14.15 -20.28 -40.09
CA HIS F 385 -14.67 -20.29 -41.46
C HIS F 385 -14.17 -21.53 -42.20
N ARG F 386 -14.91 -22.06 -43.17
CA ARG F 386 -14.51 -23.20 -44.00
C ARG F 386 -14.22 -22.86 -45.48
N PRO F 387 -13.21 -22.02 -45.81
CA PRO F 387 -12.78 -21.86 -47.19
C PRO F 387 -12.14 -23.18 -47.71
N ASP F 388 -12.35 -23.50 -48.99
CA ASP F 388 -11.70 -24.63 -49.69
C ASP F 388 -11.79 -26.00 -48.98
N GLY F 389 -12.89 -26.26 -48.27
CA GLY F 389 -13.16 -27.52 -47.56
C GLY F 389 -12.46 -27.71 -46.21
N LYS F 390 -11.57 -26.81 -45.79
CA LYS F 390 -10.80 -26.87 -44.53
C LYS F 390 -11.20 -25.75 -43.56
N TRP F 391 -11.54 -26.10 -42.31
CA TRP F 391 -11.80 -25.11 -41.25
C TRP F 391 -10.55 -24.30 -40.89
N GLN F 392 -10.64 -22.97 -40.87
CA GLN F 392 -9.57 -22.05 -40.46
C GLN F 392 -10.06 -20.90 -39.59
N ASN F 393 -9.18 -20.45 -38.70
CA ASN F 393 -9.49 -19.46 -37.68
C ASN F 393 -9.27 -18.03 -38.20
N VAL F 394 -10.27 -17.14 -38.07
CA VAL F 394 -10.24 -15.77 -38.63
C VAL F 394 -10.20 -14.66 -37.57
N HIS F 395 -10.67 -14.91 -36.35
CA HIS F 395 -10.64 -13.95 -35.25
C HIS F 395 -10.60 -14.67 -33.90
N PHE F 396 -9.87 -14.11 -32.93
CA PHE F 396 -9.73 -14.65 -31.59
C PHE F 396 -9.74 -13.54 -30.52
N HIS F 397 -10.41 -13.76 -29.39
CA HIS F 397 -10.47 -12.83 -28.26
C HIS F 397 -10.23 -13.58 -26.94
N CYS F 398 -9.33 -13.08 -26.11
CA CYS F 398 -9.00 -13.64 -24.80
C CYS F 398 -9.08 -12.59 -23.66
N SER F 399 -9.61 -12.99 -22.51
CA SER F 399 -9.66 -12.26 -21.24
C SER F 399 -9.12 -13.13 -20.10
N GLY F 400 -8.73 -12.51 -18.99
CA GLY F 400 -8.21 -13.19 -17.80
C GLY F 400 -6.69 -13.23 -17.78
N ALA F 401 -6.11 -14.35 -17.36
CA ALA F 401 -4.67 -14.54 -17.31
C ALA F 401 -4.00 -14.50 -18.70
N PRO F 402 -2.78 -13.95 -18.83
CA PRO F 402 -1.96 -14.06 -20.05
C PRO F 402 -1.68 -15.53 -20.43
N VAL F 403 -1.50 -15.83 -21.73
CA VAL F 403 -1.11 -17.17 -22.18
C VAL F 403 0.37 -17.43 -21.89
N ALA F 404 1.21 -16.39 -21.94
CA ALA F 404 2.56 -16.46 -21.41
C ALA F 404 2.48 -16.71 -19.88
N PRO F 405 2.94 -17.87 -19.37
CA PRO F 405 2.62 -18.29 -18.00
C PRO F 405 3.32 -17.45 -16.93
N LEU F 406 2.72 -17.37 -15.74
CA LEU F 406 3.19 -16.56 -14.62
C LEU F 406 4.03 -17.42 -13.65
N GLN F 407 5.18 -17.88 -14.16
CA GLN F 407 6.16 -18.71 -13.44
C GLN F 407 7.15 -17.88 -12.60
N ASP G 273 -17.04 -3.44 -50.06
CA ASP G 273 -17.15 -2.47 -48.96
C ASP G 273 -18.61 -2.16 -48.59
N ALA G 274 -19.56 -2.42 -49.49
CA ALA G 274 -20.99 -2.21 -49.25
C ALA G 274 -21.53 -3.07 -48.10
N ARG G 275 -21.22 -4.37 -48.10
CA ARG G 275 -21.62 -5.31 -47.03
C ARG G 275 -20.95 -5.01 -45.69
N LYS G 276 -19.71 -4.53 -45.70
CA LYS G 276 -19.00 -4.07 -44.49
C LYS G 276 -19.63 -2.81 -43.89
N GLN G 277 -20.00 -1.83 -44.70
CA GLN G 277 -20.73 -0.63 -44.25
C GLN G 277 -22.11 -0.98 -43.65
N GLU G 278 -22.77 -2.02 -44.14
CA GLU G 278 -24.04 -2.55 -43.59
C GLU G 278 -23.88 -3.10 -42.16
N ILE G 279 -22.83 -3.89 -41.90
CA ILE G 279 -22.50 -4.39 -40.56
C ILE G 279 -22.12 -3.24 -39.63
N ILE G 280 -21.35 -2.25 -40.10
CA ILE G 280 -21.01 -1.05 -39.34
C ILE G 280 -22.29 -0.30 -38.93
N LYS G 281 -23.18 -0.01 -39.89
CA LYS G 281 -24.46 0.67 -39.66
C LYS G 281 -25.32 -0.06 -38.62
N THR G 282 -25.47 -1.37 -38.74
CA THR G 282 -26.24 -2.19 -37.80
C THR G 282 -25.61 -2.24 -36.41
N THR G 283 -24.28 -2.21 -36.30
CA THR G 283 -23.56 -2.16 -35.02
C THR G 283 -23.74 -0.81 -34.33
N GLU G 284 -23.75 0.29 -35.09
CA GLU G 284 -24.08 1.63 -34.57
C GLU G 284 -25.53 1.75 -34.08
N GLN G 285 -26.49 1.10 -34.74
CA GLN G 285 -27.87 0.99 -34.23
C GLN G 285 -27.96 0.28 -32.89
N LEU G 286 -27.18 -0.78 -32.66
CA LEU G 286 -27.12 -1.47 -31.37
C LEU G 286 -26.61 -0.52 -30.29
N ILE G 287 -25.47 0.13 -30.54
CA ILE G 287 -24.80 0.99 -29.56
C ILE G 287 -25.69 2.17 -29.14
N GLU G 288 -26.38 2.82 -30.06
CA GLU G 288 -27.31 3.89 -29.71
C GLU G 288 -28.62 3.39 -29.09
N ALA G 289 -29.14 2.21 -29.42
CA ALA G 289 -30.28 1.65 -28.69
C ALA G 289 -29.93 1.35 -27.22
N VAL G 290 -28.71 0.86 -26.93
CA VAL G 290 -28.24 0.63 -25.57
C VAL G 290 -28.13 1.95 -24.80
N ASN G 291 -27.44 2.97 -25.32
CA ASN G 291 -27.26 4.22 -24.56
C ASN G 291 -28.51 5.11 -24.49
N ASN G 292 -29.54 4.87 -25.33
CA ASN G 292 -30.89 5.40 -25.14
C ASN G 292 -31.71 4.66 -24.07
N GLY G 293 -31.30 3.47 -23.62
CA GLY G 293 -32.07 2.62 -22.71
C GLY G 293 -33.28 1.95 -23.35
N ASP G 294 -33.27 1.77 -24.68
CA ASP G 294 -34.39 1.25 -25.47
C ASP G 294 -34.41 -0.29 -25.51
N PHE G 295 -34.74 -0.94 -24.38
CA PHE G 295 -34.69 -2.40 -24.26
C PHE G 295 -35.59 -3.14 -25.26
N GLU G 296 -36.72 -2.54 -25.66
CA GLU G 296 -37.59 -3.13 -26.67
C GLU G 296 -36.99 -3.15 -28.08
N ALA G 297 -36.08 -2.21 -28.43
CA ALA G 297 -35.31 -2.29 -29.66
C ALA G 297 -34.11 -3.24 -29.53
N TYR G 298 -33.43 -3.23 -28.39
CA TYR G 298 -32.34 -4.17 -28.09
C TYR G 298 -32.78 -5.63 -28.26
N ALA G 299 -33.94 -6.00 -27.70
CA ALA G 299 -34.51 -7.33 -27.82
C ALA G 299 -34.81 -7.79 -29.26
N LYS G 300 -34.94 -6.87 -30.23
CA LYS G 300 -35.14 -7.21 -31.66
C LYS G 300 -33.83 -7.43 -32.44
N ILE G 301 -32.72 -6.89 -31.94
CA ILE G 301 -31.37 -7.06 -32.47
C ILE G 301 -30.72 -8.38 -31.98
N CYS G 302 -31.03 -8.83 -30.77
CA CYS G 302 -30.43 -10.01 -30.15
C CYS G 302 -31.19 -11.31 -30.47
N ASP G 303 -30.47 -12.40 -30.68
CA ASP G 303 -31.03 -13.77 -30.69
C ASP G 303 -31.45 -14.22 -29.26
N PRO G 304 -32.55 -14.98 -29.07
CA PRO G 304 -32.97 -15.44 -27.75
C PRO G 304 -31.95 -16.33 -27.00
N GLY G 305 -31.06 -17.01 -27.73
CA GLY G 305 -29.97 -17.84 -27.21
C GLY G 305 -28.60 -17.16 -27.17
N LEU G 306 -28.50 -15.85 -27.38
CA LEU G 306 -27.28 -15.04 -27.31
C LEU G 306 -26.45 -15.37 -26.04
N THR G 307 -25.12 -15.52 -26.18
CA THR G 307 -24.18 -15.73 -25.08
C THR G 307 -23.20 -14.56 -24.95
N SER G 308 -22.68 -14.28 -23.76
CA SER G 308 -21.67 -13.24 -23.59
C SER G 308 -20.64 -13.41 -22.47
N PHE G 309 -19.44 -12.89 -22.72
CA PHE G 309 -18.40 -12.58 -21.73
C PHE G 309 -18.27 -11.07 -21.57
N GLU G 310 -18.28 -10.56 -20.34
CA GLU G 310 -18.11 -9.13 -20.04
C GLU G 310 -17.64 -8.91 -18.59
N PRO G 311 -17.01 -7.77 -18.24
CA PRO G 311 -16.49 -7.54 -16.89
C PRO G 311 -17.51 -7.68 -15.75
N GLU G 312 -18.77 -7.31 -15.96
CA GLU G 312 -19.85 -7.42 -14.98
C GLU G 312 -20.22 -8.86 -14.58
N ALA G 313 -19.95 -9.86 -15.42
CA ALA G 313 -20.28 -11.27 -15.17
C ALA G 313 -19.18 -12.07 -14.43
N LEU G 314 -18.11 -11.40 -13.96
CA LEU G 314 -17.09 -11.95 -13.05
C LEU G 314 -16.35 -13.21 -13.57
N GLY G 315 -16.17 -13.35 -14.88
CA GLY G 315 -15.52 -14.50 -15.52
C GLY G 315 -16.44 -15.63 -15.99
N ASN G 316 -17.75 -15.56 -15.77
CA ASN G 316 -18.73 -16.56 -16.20
C ASN G 316 -19.32 -16.27 -17.60
N LEU G 317 -19.75 -17.29 -18.35
CA LEU G 317 -20.47 -17.11 -19.62
C LEU G 317 -21.99 -17.02 -19.41
N VAL G 318 -22.56 -15.85 -19.66
CA VAL G 318 -24.01 -15.57 -19.54
C VAL G 318 -24.75 -16.04 -20.79
N GLU G 319 -26.00 -16.49 -20.64
CA GLU G 319 -26.92 -16.84 -21.73
C GLU G 319 -28.28 -16.11 -21.60
N GLY G 320 -28.86 -15.65 -22.71
CA GLY G 320 -30.17 -14.99 -22.76
C GLY G 320 -30.19 -13.51 -22.33
N MET G 321 -31.38 -12.92 -22.27
CA MET G 321 -31.59 -11.48 -22.10
C MET G 321 -31.64 -10.97 -20.66
N ASP G 322 -31.95 -11.83 -19.68
CA ASP G 322 -32.38 -11.40 -18.34
C ASP G 322 -31.28 -10.83 -17.44
N PHE G 323 -30.01 -11.18 -17.68
CA PHE G 323 -28.88 -10.58 -16.99
C PHE G 323 -28.68 -9.10 -17.39
N HIS G 324 -28.87 -8.80 -18.67
CA HIS G 324 -28.68 -7.45 -19.22
C HIS G 324 -29.86 -6.52 -18.90
N ARG G 325 -31.10 -7.06 -18.89
CA ARG G 325 -32.35 -6.39 -18.52
C ARG G 325 -32.23 -5.55 -17.24
N PHE G 326 -31.54 -6.06 -16.22
CA PHE G 326 -31.31 -5.35 -14.96
C PHE G 326 -30.64 -3.98 -15.13
N TYR G 327 -29.70 -3.82 -16.06
CA TYR G 327 -29.02 -2.54 -16.31
C TYR G 327 -29.85 -1.54 -17.11
N PHE G 328 -30.77 -2.01 -17.96
CA PHE G 328 -31.72 -1.11 -18.59
C PHE G 328 -32.68 -0.51 -17.56
N GLU G 329 -33.21 -1.33 -16.67
CA GLU G 329 -34.16 -0.93 -15.63
C GLU G 329 -33.56 -0.10 -14.49
N ASN G 330 -32.26 -0.20 -14.21
CA ASN G 330 -31.62 0.46 -13.06
C ASN G 330 -30.61 1.57 -13.45
N LEU G 331 -30.34 1.77 -14.74
CA LEU G 331 -29.52 2.88 -15.26
C LEU G 331 -30.11 3.45 -16.54
N LEU G 332 -30.09 2.70 -17.63
CA LEU G 332 -30.15 3.27 -18.98
C LEU G 332 -31.49 3.97 -19.28
N ALA G 333 -32.60 3.50 -18.70
CA ALA G 333 -33.91 4.15 -18.79
C ALA G 333 -34.06 5.42 -17.92
N LYS G 334 -33.15 5.63 -16.95
CA LYS G 334 -33.24 6.65 -15.89
C LYS G 334 -32.22 7.79 -16.02
N ASN G 335 -31.06 7.55 -16.63
CA ASN G 335 -29.99 8.54 -16.77
C ASN G 335 -30.36 9.71 -17.71
N SER G 336 -29.72 10.87 -17.48
CA SER G 336 -29.94 12.10 -18.27
C SER G 336 -28.65 12.86 -18.66
N LYS G 337 -27.50 12.57 -18.04
CA LYS G 337 -26.24 13.31 -18.27
C LYS G 337 -25.65 13.05 -19.68
N PRO G 338 -24.91 14.01 -20.26
CA PRO G 338 -24.32 13.87 -21.59
C PRO G 338 -23.20 12.80 -21.64
N ILE G 339 -23.19 12.02 -22.72
CA ILE G 339 -22.20 10.98 -23.03
C ILE G 339 -21.79 11.12 -24.50
N HIS G 340 -20.50 10.91 -24.80
CA HIS G 340 -19.97 10.81 -26.17
C HIS G 340 -19.14 9.53 -26.34
N THR G 341 -19.25 8.88 -27.50
CA THR G 341 -18.56 7.62 -27.80
C THR G 341 -17.83 7.69 -29.13
N THR G 342 -16.57 7.25 -29.13
CA THR G 342 -15.71 7.15 -30.31
C THR G 342 -15.42 5.68 -30.60
N ILE G 343 -15.61 5.24 -31.84
CA ILE G 343 -15.23 3.91 -32.32
C ILE G 343 -13.95 4.02 -33.15
N LEU G 344 -12.91 3.29 -32.76
CA LEU G 344 -11.58 3.33 -33.36
C LEU G 344 -11.22 2.01 -34.06
N ASN G 345 -10.60 2.15 -35.22
CA ASN G 345 -9.95 1.08 -35.99
C ASN G 345 -10.81 -0.17 -36.23
N PRO G 346 -12.10 -0.07 -36.64
CA PRO G 346 -12.96 -1.24 -36.82
C PRO G 346 -12.43 -2.20 -37.89
N HIS G 347 -12.59 -3.50 -37.69
CA HIS G 347 -12.25 -4.55 -38.66
C HIS G 347 -13.42 -5.53 -38.80
N VAL G 348 -13.81 -5.88 -40.02
CA VAL G 348 -14.94 -6.75 -40.33
C VAL G 348 -14.47 -7.99 -41.09
N HIS G 349 -14.87 -9.17 -40.66
CA HIS G 349 -14.74 -10.43 -41.40
C HIS G 349 -16.13 -10.85 -41.90
N VAL G 350 -16.30 -11.00 -43.21
CA VAL G 350 -17.57 -11.43 -43.81
C VAL G 350 -17.42 -12.87 -44.26
N ILE G 351 -18.32 -13.74 -43.81
CA ILE G 351 -18.08 -15.19 -43.74
C ILE G 351 -19.14 -15.93 -44.58
N GLY G 352 -19.07 -15.78 -45.91
CA GLY G 352 -20.15 -16.15 -46.83
C GLY G 352 -21.21 -15.06 -46.95
N GLU G 353 -22.49 -15.43 -47.00
CA GLU G 353 -23.62 -14.48 -47.13
C GLU G 353 -24.51 -14.41 -45.87
N ASP G 354 -24.46 -15.41 -44.99
CA ASP G 354 -25.28 -15.48 -43.77
C ASP G 354 -24.60 -14.94 -42.52
N ALA G 355 -23.28 -14.77 -42.49
CA ALA G 355 -22.53 -14.53 -41.26
C ALA G 355 -21.46 -13.43 -41.39
N ALA G 356 -21.18 -12.74 -40.28
CA ALA G 356 -20.13 -11.73 -40.18
C ALA G 356 -19.64 -11.55 -38.74
N CYS G 357 -18.45 -11.00 -38.57
CA CYS G 357 -17.84 -10.68 -37.28
C CYS G 357 -17.24 -9.27 -37.35
N ILE G 358 -17.35 -8.47 -36.29
CA ILE G 358 -16.75 -7.12 -36.21
C ILE G 358 -15.99 -6.93 -34.90
N ALA G 359 -14.83 -6.26 -34.94
CA ALA G 359 -14.02 -5.96 -33.77
C ALA G 359 -13.53 -4.50 -33.76
N TYR G 360 -13.61 -3.82 -32.63
CA TYR G 360 -13.27 -2.39 -32.51
C TYR G 360 -12.86 -1.98 -31.10
N ILE G 361 -12.14 -0.87 -31.00
CA ILE G 361 -11.87 -0.15 -29.74
C ILE G 361 -12.95 0.91 -29.54
N ARG G 362 -13.42 1.04 -28.31
CA ARG G 362 -14.46 1.99 -27.91
C ARG G 362 -13.92 2.89 -26.82
N LEU G 363 -13.99 4.20 -27.03
CA LEU G 363 -13.69 5.22 -26.00
C LEU G 363 -14.98 5.94 -25.62
N THR G 364 -15.29 6.03 -24.32
CA THR G 364 -16.46 6.77 -23.82
C THR G 364 -16.07 7.94 -22.93
N GLN G 365 -16.56 9.13 -23.29
CA GLN G 365 -16.48 10.38 -22.53
C GLN G 365 -17.80 10.59 -21.78
N TYR G 366 -17.72 10.83 -20.47
CA TYR G 366 -18.87 10.88 -19.56
C TYR G 366 -18.61 11.83 -18.38
N ILE G 367 -19.68 12.26 -17.70
CA ILE G 367 -19.60 13.12 -16.50
C ILE G 367 -19.80 12.26 -15.25
N ASP G 368 -18.91 12.36 -14.27
CA ASP G 368 -18.98 11.56 -13.04
C ASP G 368 -20.05 12.04 -12.03
N GLY G 369 -20.12 11.37 -10.87
CA GLY G 369 -21.07 11.68 -9.80
C GLY G 369 -20.90 13.04 -9.11
N GLN G 370 -19.88 13.83 -9.50
CA GLN G 370 -19.63 15.18 -8.99
C GLN G 370 -19.24 16.17 -10.10
N GLY G 371 -19.62 15.90 -11.35
CA GLY G 371 -19.60 16.88 -12.44
C GLY G 371 -18.31 16.97 -13.26
N ARG G 372 -17.28 16.16 -12.99
CA ARG G 372 -16.01 16.14 -13.75
C ARG G 372 -16.13 15.25 -14.99
N PRO G 373 -15.70 15.69 -16.18
CA PRO G 373 -15.52 14.81 -17.34
C PRO G 373 -14.44 13.72 -17.12
N ARG G 374 -14.71 12.50 -17.58
CA ARG G 374 -13.88 11.29 -17.47
C ARG G 374 -13.83 10.53 -18.80
N THR G 375 -12.80 9.69 -18.99
CA THR G 375 -12.67 8.75 -20.13
C THR G 375 -12.41 7.31 -19.69
N SER G 376 -12.93 6.34 -20.45
CA SER G 376 -12.64 4.91 -20.29
C SER G 376 -12.60 4.16 -21.63
N GLN G 377 -11.91 3.02 -21.68
CA GLN G 377 -11.69 2.20 -22.88
C GLN G 377 -12.22 0.76 -22.72
N SER G 378 -12.85 0.23 -23.78
CA SER G 378 -13.14 -1.20 -23.92
C SER G 378 -12.68 -1.72 -25.29
N GLU G 379 -12.48 -3.04 -25.36
CA GLU G 379 -12.24 -3.79 -26.58
C GLU G 379 -13.39 -4.78 -26.77
N GLU G 380 -14.02 -4.80 -27.94
CA GLU G 380 -15.28 -5.51 -28.17
C GLU G 380 -15.27 -6.34 -29.45
N THR G 381 -15.83 -7.56 -29.37
CA THR G 381 -16.10 -8.46 -30.51
C THR G 381 -17.60 -8.77 -30.58
N ARG G 382 -18.21 -8.72 -31.77
CA ARG G 382 -19.62 -9.06 -32.00
C ARG G 382 -19.79 -9.99 -33.20
N VAL G 383 -20.57 -11.06 -33.04
CA VAL G 383 -20.80 -12.10 -34.04
C VAL G 383 -22.25 -12.03 -34.54
N TRP G 384 -22.44 -11.88 -35.84
CA TRP G 384 -23.73 -11.61 -36.50
C TRP G 384 -24.14 -12.75 -37.44
N HIS G 385 -25.40 -13.13 -37.41
CA HIS G 385 -26.04 -14.11 -38.32
C HIS G 385 -27.26 -13.46 -38.99
N ARG G 386 -27.63 -13.88 -40.20
CA ARG G 386 -28.81 -13.40 -40.93
C ARG G 386 -29.92 -14.47 -41.08
N PRO G 387 -30.56 -14.96 -40.00
CA PRO G 387 -31.76 -15.79 -40.11
C PRO G 387 -32.94 -14.96 -40.64
N ASP G 388 -33.82 -15.56 -41.43
CA ASP G 388 -35.08 -14.96 -41.92
C ASP G 388 -34.94 -13.55 -42.53
N GLY G 389 -33.80 -13.26 -43.18
CA GLY G 389 -33.54 -11.99 -43.86
C GLY G 389 -33.08 -10.83 -42.97
N LYS G 390 -33.08 -10.97 -41.64
CA LYS G 390 -32.73 -9.94 -40.65
C LYS G 390 -31.43 -10.28 -39.90
N TRP G 391 -30.46 -9.37 -39.87
CA TRP G 391 -29.25 -9.55 -39.06
C TRP G 391 -29.54 -9.55 -37.55
N GLN G 392 -29.08 -10.57 -36.84
CA GLN G 392 -29.20 -10.68 -35.37
C GLN G 392 -27.92 -11.19 -34.70
N ASN G 393 -27.71 -10.78 -33.45
CA ASN G 393 -26.48 -10.98 -32.73
C ASN G 393 -26.53 -12.27 -31.88
N VAL G 394 -25.53 -13.14 -32.00
CA VAL G 394 -25.50 -14.49 -31.36
C VAL G 394 -24.44 -14.66 -30.28
N HIS G 395 -23.35 -13.91 -30.32
CA HIS G 395 -22.31 -13.93 -29.28
C HIS G 395 -21.60 -12.59 -29.16
N PHE G 396 -21.20 -12.21 -27.95
CA PHE G 396 -20.50 -10.96 -27.64
C PHE G 396 -19.40 -11.16 -26.59
N HIS G 397 -18.25 -10.51 -26.78
CA HIS G 397 -17.13 -10.53 -25.84
C HIS G 397 -16.59 -9.12 -25.63
N CYS G 398 -16.42 -8.71 -24.36
CA CYS G 398 -15.90 -7.42 -23.96
C CYS G 398 -14.74 -7.53 -22.94
N SER G 399 -13.73 -6.69 -23.10
CA SER G 399 -12.57 -6.52 -22.21
C SER G 399 -12.35 -5.03 -21.90
N GLY G 400 -11.63 -4.72 -20.82
CA GLY G 400 -11.34 -3.36 -20.40
C GLY G 400 -12.31 -2.86 -19.33
N ALA G 401 -12.74 -1.59 -19.42
CA ALA G 401 -13.69 -1.01 -18.49
C ALA G 401 -15.09 -1.66 -18.59
N PRO G 402 -15.83 -1.79 -17.47
CA PRO G 402 -17.25 -2.17 -17.47
C PRO G 402 -18.12 -1.18 -18.26
N VAL G 403 -19.25 -1.62 -18.80
CA VAL G 403 -20.22 -0.73 -19.49
C VAL G 403 -21.07 0.03 -18.49
N ALA G 404 -21.37 -0.56 -17.32
CA ALA G 404 -21.85 0.19 -16.18
C ALA G 404 -20.78 1.24 -15.79
N PRO G 405 -21.06 2.55 -15.91
CA PRO G 405 -20.00 3.56 -15.91
C PRO G 405 -19.36 3.78 -14.52
N LEU G 406 -18.10 4.21 -14.51
CA LEU G 406 -17.31 4.44 -13.29
C LEU G 406 -17.47 5.89 -12.82
N GLN G 407 -18.71 6.28 -12.51
CA GLN G 407 -19.10 7.62 -12.02
C GLN G 407 -18.87 7.79 -10.51
N ASP H 273 -34.48 -37.79 -13.85
CA ASP H 273 -34.45 -36.33 -13.85
C ASP H 273 -35.60 -35.70 -13.05
N ALA H 274 -36.68 -36.46 -12.80
CA ALA H 274 -37.83 -36.00 -12.01
C ALA H 274 -37.46 -35.67 -10.56
N ARG H 275 -36.71 -36.56 -9.89
CA ARG H 275 -36.23 -36.36 -8.51
C ARG H 275 -35.21 -35.24 -8.40
N LYS H 276 -34.37 -35.03 -9.41
CA LYS H 276 -33.43 -33.90 -9.49
C LYS H 276 -34.16 -32.56 -9.64
N GLN H 277 -35.18 -32.47 -10.49
CA GLN H 277 -36.03 -31.28 -10.61
C GLN H 277 -36.76 -30.93 -9.30
N GLU H 278 -37.14 -31.93 -8.50
CA GLU H 278 -37.75 -31.76 -7.18
C GLU H 278 -36.79 -31.08 -6.16
N ILE H 279 -35.52 -31.51 -6.13
CA ILE H 279 -34.48 -30.89 -5.29
C ILE H 279 -34.19 -29.45 -5.77
N ILE H 280 -34.13 -29.22 -7.08
CA ILE H 280 -33.97 -27.89 -7.67
C ILE H 280 -35.12 -26.98 -7.23
N LYS H 281 -36.37 -27.41 -7.40
CA LYS H 281 -37.57 -26.67 -7.01
C LYS H 281 -37.56 -26.30 -5.52
N THR H 282 -37.25 -27.26 -4.65
CA THR H 282 -37.17 -27.03 -3.20
C THR H 282 -36.03 -26.10 -2.80
N THR H 283 -34.91 -26.12 -3.52
CA THR H 283 -33.78 -25.20 -3.30
C THR H 283 -34.12 -23.77 -3.72
N GLU H 284 -34.86 -23.60 -4.81
CA GLU H 284 -35.41 -22.29 -5.23
C GLU H 284 -36.43 -21.71 -4.24
N GLN H 285 -37.26 -22.55 -3.61
CA GLN H 285 -38.13 -22.12 -2.51
C GLN H 285 -37.36 -21.59 -1.30
N LEU H 286 -36.23 -22.21 -0.94
CA LEU H 286 -35.36 -21.73 0.13
C LEU H 286 -34.82 -20.33 -0.22
N ILE H 287 -34.24 -20.19 -1.41
CA ILE H 287 -33.58 -18.95 -1.84
C ILE H 287 -34.56 -17.76 -1.88
N GLU H 288 -35.77 -17.95 -2.40
CA GLU H 288 -36.78 -16.89 -2.39
C GLU H 288 -37.40 -16.64 -1.00
N ALA H 289 -37.55 -17.64 -0.12
CA ALA H 289 -37.95 -17.36 1.27
C ALA H 289 -36.91 -16.51 2.03
N VAL H 290 -35.61 -16.74 1.80
CA VAL H 290 -34.54 -15.91 2.37
C VAL H 290 -34.60 -14.48 1.85
N ASN H 291 -34.64 -14.24 0.54
CA ASN H 291 -34.62 -12.87 0.02
C ASN H 291 -35.95 -12.11 0.19
N ASN H 292 -37.07 -12.79 0.49
CA ASN H 292 -38.29 -12.18 1.00
C ASN H 292 -38.22 -11.80 2.49
N GLY H 293 -37.25 -12.30 3.26
CA GLY H 293 -37.18 -12.11 4.71
C GLY H 293 -38.21 -12.93 5.50
N ASP H 294 -38.70 -14.03 4.93
CA ASP H 294 -39.77 -14.86 5.49
C ASP H 294 -39.23 -15.92 6.48
N PHE H 295 -38.78 -15.48 7.67
CA PHE H 295 -38.14 -16.37 8.65
C PHE H 295 -39.05 -17.52 9.11
N GLU H 296 -40.37 -17.32 9.16
CA GLU H 296 -41.31 -18.38 9.52
C GLU H 296 -41.41 -19.49 8.47
N ALA H 297 -41.17 -19.20 7.18
CA ALA H 297 -41.05 -20.24 6.15
C ALA H 297 -39.65 -20.89 6.16
N TYR H 298 -38.60 -20.10 6.36
CA TYR H 298 -37.23 -20.60 6.50
C TYR H 298 -37.12 -21.65 7.62
N ALA H 299 -37.70 -21.37 8.78
CA ALA H 299 -37.75 -22.30 9.90
C ALA H 299 -38.45 -23.65 9.60
N LYS H 300 -39.35 -23.74 8.62
CA LYS H 300 -40.00 -24.99 8.20
C LYS H 300 -39.17 -25.83 7.22
N ILE H 301 -38.23 -25.21 6.51
CA ILE H 301 -37.29 -25.84 5.59
C ILE H 301 -36.06 -26.42 6.33
N CYS H 302 -35.63 -25.81 7.43
CA CYS H 302 -34.42 -26.19 8.17
C CYS H 302 -34.70 -27.21 9.28
N ASP H 303 -33.80 -28.18 9.47
CA ASP H 303 -33.78 -29.06 10.64
C ASP H 303 -33.32 -28.31 11.92
N PRO H 304 -33.84 -28.62 13.13
CA PRO H 304 -33.45 -27.92 14.36
C PRO H 304 -31.96 -28.03 14.75
N GLY H 305 -31.27 -29.09 14.30
CA GLY H 305 -29.84 -29.33 14.50
C GLY H 305 -28.94 -28.94 13.31
N LEU H 306 -29.45 -28.21 12.31
CA LEU H 306 -28.70 -27.73 11.14
C LEU H 306 -27.35 -27.10 11.52
N THR H 307 -26.28 -27.39 10.78
CA THR H 307 -24.94 -26.80 10.93
C THR H 307 -24.51 -26.03 9.69
N SER H 308 -23.66 -25.01 9.83
CA SER H 308 -23.14 -24.29 8.66
C SER H 308 -21.75 -23.67 8.78
N PHE H 309 -21.06 -23.62 7.64
CA PHE H 309 -19.89 -22.77 7.37
C PHE H 309 -20.27 -21.65 6.39
N GLU H 310 -19.94 -20.41 6.71
CA GLU H 310 -20.19 -19.24 5.85
C GLU H 310 -19.25 -18.08 6.21
N PRO H 311 -18.98 -17.10 5.32
CA PRO H 311 -18.04 -16.01 5.59
C PRO H 311 -18.37 -15.17 6.85
N GLU H 312 -19.64 -14.95 7.17
CA GLU H 312 -20.08 -14.21 8.36
C GLU H 312 -19.67 -14.84 9.70
N ALA H 313 -19.46 -16.15 9.77
CA ALA H 313 -19.09 -16.88 10.99
C ALA H 313 -17.58 -16.96 11.27
N LEU H 314 -16.75 -16.28 10.48
CA LEU H 314 -15.30 -16.06 10.70
C LEU H 314 -14.45 -17.34 10.83
N GLY H 315 -14.82 -18.42 10.12
CA GLY H 315 -14.13 -19.72 10.17
C GLY H 315 -14.65 -20.74 11.18
N ASN H 316 -15.71 -20.43 11.93
CA ASN H 316 -16.32 -21.32 12.92
C ASN H 316 -17.53 -22.11 12.37
N LEU H 317 -17.82 -23.30 12.92
CA LEU H 317 -19.01 -24.08 12.55
C LEU H 317 -20.21 -23.71 13.44
N VAL H 318 -21.21 -23.04 12.89
CA VAL H 318 -22.45 -22.63 13.58
C VAL H 318 -23.44 -23.80 13.66
N GLU H 319 -24.23 -23.88 14.73
CA GLU H 319 -25.33 -24.83 14.91
C GLU H 319 -26.65 -24.12 15.28
N GLY H 320 -27.79 -24.58 14.74
CA GLY H 320 -29.13 -24.06 15.03
C GLY H 320 -29.50 -22.76 14.30
N MET H 321 -30.68 -22.21 14.62
CA MET H 321 -31.31 -21.11 13.89
C MET H 321 -30.91 -19.69 14.34
N ASP H 322 -30.42 -19.51 15.57
CA ASP H 322 -30.35 -18.19 16.21
C ASP H 322 -29.27 -17.25 15.69
N PHE H 323 -28.20 -17.78 15.07
CA PHE H 323 -27.19 -16.97 14.40
C PHE H 323 -27.75 -16.30 13.13
N HIS H 324 -28.58 -17.03 12.38
CA HIS H 324 -29.16 -16.56 11.13
C HIS H 324 -30.33 -15.59 11.35
N ARG H 325 -31.14 -15.83 12.39
CA ARG H 325 -32.25 -14.99 12.85
C ARG H 325 -31.91 -13.50 12.90
N PHE H 326 -30.71 -13.14 13.36
CA PHE H 326 -30.23 -11.76 13.41
C PHE H 326 -30.25 -11.03 12.06
N TYR H 327 -29.96 -11.71 10.95
CA TYR H 327 -29.97 -11.11 9.60
C TYR H 327 -31.38 -10.96 9.03
N PHE H 328 -32.33 -11.80 9.41
CA PHE H 328 -33.73 -11.59 9.04
C PHE H 328 -34.29 -10.33 9.72
N GLU H 329 -34.03 -10.18 11.01
CA GLU H 329 -34.50 -9.06 11.83
C GLU H 329 -33.82 -7.70 11.53
N ASN H 330 -32.59 -7.69 11.00
CA ASN H 330 -31.82 -6.45 10.80
C ASN H 330 -31.57 -6.08 9.32
N LEU H 331 -32.00 -6.91 8.37
CA LEU H 331 -31.94 -6.63 6.93
C LEU H 331 -33.18 -7.14 6.21
N LEU H 332 -33.37 -8.46 6.13
CA LEU H 332 -34.22 -9.07 5.10
C LEU H 332 -35.71 -8.72 5.27
N ALA H 333 -36.20 -8.52 6.49
CA ALA H 333 -37.55 -8.03 6.77
C ALA H 333 -37.76 -6.52 6.46
N LYS H 334 -36.68 -5.75 6.32
CA LYS H 334 -36.67 -4.28 6.26
C LYS H 334 -36.31 -3.71 4.88
N ASN H 335 -35.52 -4.43 4.07
CA ASN H 335 -35.06 -3.99 2.75
C ASN H 335 -36.21 -3.87 1.71
N SER H 336 -36.03 -2.98 0.73
CA SER H 336 -37.00 -2.71 -0.36
C SER H 336 -36.39 -2.62 -1.78
N LYS H 337 -35.07 -2.44 -1.92
CA LYS H 337 -34.42 -2.24 -3.23
C LYS H 337 -34.44 -3.50 -4.11
N PRO H 338 -34.44 -3.38 -5.44
CA PRO H 338 -34.48 -4.51 -6.36
C PRO H 338 -33.19 -5.36 -6.33
N ILE H 339 -33.36 -6.68 -6.39
CA ILE H 339 -32.31 -7.70 -6.43
C ILE H 339 -32.66 -8.74 -7.50
N HIS H 340 -31.64 -9.21 -8.25
CA HIS H 340 -31.77 -10.34 -9.18
C HIS H 340 -30.69 -11.39 -8.92
N THR H 341 -31.04 -12.67 -9.02
CA THR H 341 -30.14 -13.80 -8.75
C THR H 341 -30.15 -14.81 -9.89
N THR H 342 -28.95 -15.21 -10.31
CA THR H 342 -28.72 -16.23 -11.34
C THR H 342 -28.07 -17.45 -10.69
N ILE H 343 -28.60 -18.64 -10.94
CA ILE H 343 -28.01 -19.93 -10.54
C ILE H 343 -27.35 -20.58 -11.76
N LEU H 344 -26.05 -20.87 -11.67
CA LEU H 344 -25.24 -21.42 -12.75
C LEU H 344 -24.75 -22.84 -12.45
N ASN H 345 -24.82 -23.68 -13.49
CA ASN H 345 -24.22 -25.01 -13.56
C ASN H 345 -24.57 -25.95 -12.37
N PRO H 346 -25.83 -26.06 -11.93
CA PRO H 346 -26.19 -26.89 -10.79
C PRO H 346 -25.87 -28.38 -11.02
N HIS H 347 -25.43 -29.08 -9.97
CA HIS H 347 -25.18 -30.52 -9.98
C HIS H 347 -25.84 -31.17 -8.77
N VAL H 348 -26.57 -32.28 -8.95
CA VAL H 348 -27.30 -32.98 -7.90
C VAL H 348 -26.79 -34.41 -7.75
N HIS H 349 -26.50 -34.84 -6.54
CA HIS H 349 -26.25 -36.25 -6.19
C HIS H 349 -27.45 -36.76 -5.40
N VAL H 350 -28.10 -37.82 -5.85
CA VAL H 350 -29.25 -38.43 -5.18
C VAL H 350 -28.78 -39.74 -4.56
N ILE H 351 -29.01 -39.91 -3.25
CA ILE H 351 -28.23 -40.82 -2.40
C ILE H 351 -29.21 -41.85 -1.77
N GLY H 352 -29.78 -42.75 -2.58
CA GLY H 352 -30.93 -43.57 -2.21
C GLY H 352 -32.26 -42.84 -2.38
N GLU H 353 -33.20 -43.01 -1.45
CA GLU H 353 -34.52 -42.36 -1.49
C GLU H 353 -34.74 -41.31 -0.40
N ASP H 354 -33.95 -41.33 0.68
CA ASP H 354 -34.07 -40.40 1.82
C ASP H 354 -33.17 -39.16 1.72
N ALA H 355 -32.12 -39.15 0.89
CA ALA H 355 -31.06 -38.15 0.94
C ALA H 355 -30.65 -37.61 -0.44
N ALA H 356 -30.19 -36.36 -0.48
CA ALA H 356 -29.67 -35.71 -1.67
C ALA H 356 -28.70 -34.57 -1.32
N CYS H 357 -27.86 -34.18 -2.27
CA CYS H 357 -26.92 -33.07 -2.16
C CYS H 357 -26.97 -32.23 -3.45
N ILE H 358 -26.89 -30.91 -3.36
CA ILE H 358 -26.86 -30.01 -4.53
C ILE H 358 -25.74 -28.98 -4.41
N ALA H 359 -25.06 -28.68 -5.51
CA ALA H 359 -23.99 -27.68 -5.57
C ALA H 359 -24.12 -26.75 -6.78
N TYR H 360 -23.94 -25.44 -6.59
CA TYR H 360 -24.14 -24.44 -7.64
C TYR H 360 -23.33 -23.16 -7.42
N ILE H 361 -23.12 -22.41 -8.51
CA ILE H 361 -22.63 -21.03 -8.48
C ILE H 361 -23.82 -20.08 -8.46
N ARG H 362 -23.73 -19.04 -7.62
CA ARG H 362 -24.75 -18.01 -7.46
C ARG H 362 -24.15 -16.65 -7.79
N LEU H 363 -24.79 -15.92 -8.72
CA LEU H 363 -24.50 -14.53 -9.02
C LEU H 363 -25.65 -13.65 -8.54
N THR H 364 -25.36 -12.59 -7.80
CA THR H 364 -26.38 -11.63 -7.32
C THR H 364 -26.11 -10.22 -7.85
N GLN H 365 -27.12 -9.65 -8.52
CA GLN H 365 -27.19 -8.27 -8.99
C GLN H 365 -28.01 -7.43 -8.00
N TYR H 366 -27.45 -6.33 -7.53
CA TYR H 366 -28.02 -5.52 -6.45
C TYR H 366 -27.66 -4.04 -6.62
N ILE H 367 -28.38 -3.16 -5.95
CA ILE H 367 -28.14 -1.71 -5.93
C ILE H 367 -27.43 -1.33 -4.63
N ASP H 368 -26.32 -0.60 -4.71
CA ASP H 368 -25.54 -0.21 -3.52
C ASP H 368 -26.19 0.94 -2.71
N GLY H 369 -25.49 1.41 -1.66
CA GLY H 369 -25.94 2.51 -0.80
C GLY H 369 -26.04 3.89 -1.47
N GLN H 370 -25.74 4.00 -2.76
CA GLN H 370 -25.80 5.24 -3.54
C GLN H 370 -26.31 5.05 -4.99
N GLY H 371 -27.06 3.98 -5.23
CA GLY H 371 -27.85 3.78 -6.45
C GLY H 371 -27.13 3.14 -7.64
N ARG H 372 -25.86 2.73 -7.51
CA ARG H 372 -25.11 2.04 -8.59
C ARG H 372 -25.40 0.54 -8.56
N PRO H 373 -25.73 -0.11 -9.69
CA PRO H 373 -25.77 -1.58 -9.79
C PRO H 373 -24.39 -2.24 -9.59
N ARG H 374 -24.37 -3.38 -8.89
CA ARG H 374 -23.19 -4.18 -8.51
C ARG H 374 -23.46 -5.68 -8.73
N THR H 375 -22.40 -6.49 -8.84
CA THR H 375 -22.42 -7.97 -8.89
C THR H 375 -21.48 -8.62 -7.87
N SER H 376 -21.86 -9.77 -7.34
CA SER H 376 -21.02 -10.63 -6.50
C SER H 376 -21.30 -12.12 -6.71
N GLN H 377 -20.32 -12.97 -6.41
CA GLN H 377 -20.37 -14.43 -6.60
C GLN H 377 -20.19 -15.21 -5.29
N SER H 378 -20.98 -16.27 -5.09
CA SER H 378 -20.75 -17.31 -4.08
C SER H 378 -20.78 -18.71 -4.69
N GLU H 379 -20.14 -19.65 -4.01
CA GLU H 379 -20.21 -21.09 -4.28
C GLU H 379 -20.88 -21.76 -3.10
N GLU H 380 -21.91 -22.57 -3.32
CA GLU H 380 -22.77 -23.10 -2.26
C GLU H 380 -23.00 -24.61 -2.39
N THR H 381 -22.97 -25.32 -1.26
CA THR H 381 -23.32 -26.74 -1.08
C THR H 381 -24.48 -26.85 -0.10
N ARG H 382 -25.50 -27.66 -0.37
CA ARG H 382 -26.63 -27.91 0.54
C ARG H 382 -26.96 -29.41 0.63
N VAL H 383 -27.14 -29.92 1.85
CA VAL H 383 -27.40 -31.34 2.14
C VAL H 383 -28.82 -31.54 2.66
N TRP H 384 -29.60 -32.36 1.97
CA TRP H 384 -31.05 -32.56 2.18
C TRP H 384 -31.38 -33.97 2.66
N HIS H 385 -32.27 -34.09 3.64
CA HIS H 385 -32.81 -35.34 4.18
C HIS H 385 -34.35 -35.31 4.12
N ARG H 386 -35.01 -36.46 3.99
CA ARG H 386 -36.47 -36.58 3.97
C ARG H 386 -37.06 -37.29 5.21
N PRO H 387 -36.93 -36.77 6.43
CA PRO H 387 -37.67 -37.29 7.58
C PRO H 387 -39.18 -37.02 7.43
N ASP H 388 -40.03 -37.93 7.88
CA ASP H 388 -41.50 -37.77 7.95
C ASP H 388 -42.17 -37.30 6.63
N GLY H 389 -41.64 -37.69 5.48
CA GLY H 389 -42.17 -37.38 4.15
C GLY H 389 -41.84 -35.98 3.60
N LYS H 390 -41.20 -35.10 4.39
CA LYS H 390 -40.85 -33.71 4.04
C LYS H 390 -39.33 -33.51 3.91
N TRP H 391 -38.85 -32.97 2.80
CA TRP H 391 -37.44 -32.59 2.65
C TRP H 391 -37.04 -31.44 3.58
N GLN H 392 -35.96 -31.61 4.33
CA GLN H 392 -35.38 -30.58 5.21
C GLN H 392 -33.85 -30.54 5.17
N ASN H 393 -33.31 -29.37 5.43
CA ASN H 393 -31.88 -29.07 5.26
C ASN H 393 -31.11 -29.31 6.56
N VAL H 394 -30.01 -30.08 6.51
CA VAL H 394 -29.22 -30.50 7.70
C VAL H 394 -27.81 -29.92 7.77
N HIS H 395 -27.21 -29.54 6.65
CA HIS H 395 -25.90 -28.90 6.61
C HIS H 395 -25.78 -27.98 5.38
N PHE H 396 -25.05 -26.88 5.52
CA PHE H 396 -24.81 -25.90 4.46
C PHE H 396 -23.37 -25.34 4.51
N HIS H 397 -22.73 -25.17 3.35
CA HIS H 397 -21.39 -24.58 3.23
C HIS H 397 -21.40 -23.53 2.10
N CYS H 398 -20.88 -22.35 2.38
CA CYS H 398 -20.75 -21.23 1.44
C CYS H 398 -19.31 -20.68 1.40
N SER H 399 -18.85 -20.32 0.20
CA SER H 399 -17.57 -19.63 -0.07
C SER H 399 -17.80 -18.44 -1.00
N GLY H 400 -16.86 -17.50 -1.05
CA GLY H 400 -16.92 -16.32 -1.90
C GLY H 400 -17.47 -15.11 -1.15
N ALA H 401 -18.32 -14.32 -1.80
CA ALA H 401 -18.93 -13.14 -1.21
C ALA H 401 -19.88 -13.48 -0.04
N PRO H 402 -19.92 -12.67 1.03
CA PRO H 402 -20.92 -12.77 2.10
C PRO H 402 -22.37 -12.66 1.57
N VAL H 403 -23.34 -13.28 2.24
CA VAL H 403 -24.76 -13.16 1.85
C VAL H 403 -25.32 -11.81 2.29
N ALA H 404 -24.83 -11.25 3.40
CA ALA H 404 -25.07 -9.87 3.74
C ALA H 404 -24.45 -8.96 2.65
N PRO H 405 -25.23 -8.19 1.89
CA PRO H 405 -24.74 -7.55 0.67
C PRO H 405 -23.74 -6.43 0.95
N LEU H 406 -22.82 -6.21 0.01
CA LEU H 406 -21.74 -5.22 0.10
C LEU H 406 -22.19 -3.89 -0.53
N GLN H 407 -23.19 -3.26 0.08
CA GLN H 407 -23.80 -1.98 -0.34
C GLN H 407 -23.03 -0.77 0.19
N ASP I 273 -20.36 -32.25 36.80
CA ASP I 273 -20.89 -31.28 35.83
C ASP I 273 -21.70 -30.15 36.50
N ALA I 274 -22.20 -30.37 37.72
CA ALA I 274 -22.98 -29.39 38.48
C ALA I 274 -22.15 -28.12 38.80
N ARG I 275 -20.93 -28.30 39.31
CA ARG I 275 -20.00 -27.18 39.61
C ARG I 275 -19.54 -26.44 38.36
N LYS I 276 -19.36 -27.14 37.24
CA LYS I 276 -19.05 -26.53 35.93
C LYS I 276 -20.20 -25.67 35.40
N GLN I 277 -21.44 -26.15 35.48
CA GLN I 277 -22.64 -25.38 35.12
C GLN I 277 -22.80 -24.11 35.98
N GLU I 278 -22.39 -24.15 37.25
CA GLU I 278 -22.37 -22.99 38.16
C GLU I 278 -21.40 -21.87 37.70
N ILE I 279 -20.18 -22.25 37.28
CA ILE I 279 -19.19 -21.32 36.72
C ILE I 279 -19.69 -20.75 35.38
N ILE I 280 -20.30 -21.57 34.53
CA ILE I 280 -20.91 -21.13 33.27
C ILE I 280 -22.00 -20.08 33.55
N LYS I 281 -22.96 -20.39 34.45
CA LYS I 281 -24.03 -19.48 34.85
C LYS I 281 -23.51 -18.14 35.38
N THR I 282 -22.51 -18.16 36.25
CA THR I 282 -21.89 -16.94 36.79
C THR I 282 -21.14 -16.14 35.73
N THR I 283 -20.51 -16.80 34.75
CA THR I 283 -19.84 -16.13 33.62
C THR I 283 -20.85 -15.46 32.69
N GLU I 284 -21.99 -16.07 32.45
CA GLU I 284 -23.10 -15.46 31.71
C GLU I 284 -23.73 -14.25 32.41
N GLN I 285 -23.83 -14.26 33.75
CA GLN I 285 -24.23 -13.09 34.52
C GLN I 285 -23.26 -11.90 34.36
N LEU I 286 -21.95 -12.16 34.31
CA LEU I 286 -20.94 -11.12 34.07
C LEU I 286 -21.17 -10.49 32.69
N ILE I 287 -21.26 -11.32 31.64
CA ILE I 287 -21.35 -10.87 30.25
C ILE I 287 -22.62 -10.03 30.02
N GLU I 288 -23.78 -10.44 30.55
CA GLU I 288 -25.00 -9.63 30.44
C GLU I 288 -24.99 -8.38 31.33
N ALA I 289 -24.36 -8.37 32.51
CA ALA I 289 -24.19 -7.13 33.27
C ALA I 289 -23.32 -6.10 32.52
N VAL I 290 -22.27 -6.54 31.82
CA VAL I 290 -21.44 -5.67 30.97
C VAL I 290 -22.26 -5.08 29.82
N ASN I 291 -22.95 -5.90 29.02
CA ASN I 291 -23.66 -5.37 27.85
C ASN I 291 -24.96 -4.62 28.19
N ASN I 292 -25.50 -4.75 29.42
CA ASN I 292 -26.51 -3.84 29.96
C ASN I 292 -25.94 -2.50 30.46
N GLY I 293 -24.63 -2.35 30.62
CA GLY I 293 -24.01 -1.16 31.21
C GLY I 293 -24.20 -1.03 32.72
N ASP I 294 -24.45 -2.14 33.41
CA ASP I 294 -24.78 -2.18 34.84
C ASP I 294 -23.52 -2.19 35.74
N PHE I 295 -22.79 -1.07 35.81
CA PHE I 295 -21.51 -0.99 36.52
C PHE I 295 -21.63 -1.33 38.02
N GLU I 296 -22.76 -1.04 38.65
CA GLU I 296 -22.99 -1.39 40.05
C GLU I 296 -23.13 -2.90 40.29
N ALA I 297 -23.59 -3.69 39.31
CA ALA I 297 -23.55 -5.15 39.39
C ALA I 297 -22.17 -5.71 39.02
N TYR I 298 -21.50 -5.14 38.02
CA TYR I 298 -20.12 -5.49 37.66
C TYR I 298 -19.16 -5.37 38.84
N ALA I 299 -19.24 -4.26 39.59
CA ALA I 299 -18.45 -4.05 40.80
C ALA I 299 -18.65 -5.08 41.93
N LYS I 300 -19.75 -5.84 41.96
CA LYS I 300 -19.99 -6.93 42.94
C LYS I 300 -19.43 -8.29 42.50
N ILE I 301 -19.22 -8.47 41.19
CA ILE I 301 -18.62 -9.66 40.58
C ILE I 301 -17.08 -9.61 40.63
N CYS I 302 -16.46 -8.43 40.58
CA CYS I 302 -15.02 -8.23 40.53
C CYS I 302 -14.38 -8.04 41.91
N ASP I 303 -13.22 -8.66 42.15
CA ASP I 303 -12.36 -8.35 43.31
C ASP I 303 -11.71 -6.95 43.19
N PRO I 304 -11.53 -6.19 44.29
CA PRO I 304 -10.93 -4.84 44.23
C PRO I 304 -9.50 -4.78 43.69
N GLY I 305 -8.75 -5.88 43.77
CA GLY I 305 -7.39 -6.03 43.24
C GLY I 305 -7.30 -6.75 41.89
N LEU I 306 -8.41 -7.00 41.18
CA LEU I 306 -8.48 -7.61 39.85
C LEU I 306 -7.43 -7.02 38.87
N THR I 307 -6.78 -7.87 38.09
CA THR I 307 -5.83 -7.49 37.03
C THR I 307 -6.30 -7.93 35.65
N SER I 308 -5.92 -7.23 34.59
CA SER I 308 -6.28 -7.64 33.22
C SER I 308 -5.31 -7.28 32.09
N PHE I 309 -5.29 -8.15 31.09
CA PHE I 309 -4.76 -7.91 29.74
C PHE I 309 -5.92 -7.84 28.73
N GLU I 310 -5.96 -6.81 27.90
CA GLU I 310 -6.95 -6.63 26.83
C GLU I 310 -6.44 -5.68 25.75
N PRO I 311 -6.97 -5.72 24.51
CA PRO I 311 -6.49 -4.87 23.41
C PRO I 311 -6.50 -3.36 23.69
N GLU I 312 -7.49 -2.84 24.43
CA GLU I 312 -7.61 -1.42 24.79
C GLU I 312 -6.47 -0.90 25.68
N ALA I 313 -5.78 -1.76 26.45
CA ALA I 313 -4.68 -1.38 27.34
C ALA I 313 -3.29 -1.36 26.66
N LEU I 314 -3.20 -1.57 25.35
CA LEU I 314 -2.00 -1.38 24.51
C LEU I 314 -0.76 -2.22 24.91
N GLY I 315 -0.96 -3.41 25.47
CA GLY I 315 0.11 -4.30 25.94
C GLY I 315 0.49 -4.18 27.42
N ASN I 316 -0.17 -3.34 28.21
CA ASN I 316 0.09 -3.12 29.64
C ASN I 316 -0.85 -3.95 30.55
N LEU I 317 -0.40 -4.35 31.74
CA LEU I 317 -1.27 -5.00 32.73
C LEU I 317 -1.99 -3.97 33.62
N VAL I 318 -3.30 -3.85 33.49
CA VAL I 318 -4.16 -2.94 34.28
C VAL I 318 -4.51 -3.58 35.62
N GLU I 319 -4.66 -2.76 36.67
CA GLU I 319 -5.13 -3.16 38.01
C GLU I 319 -6.32 -2.30 38.48
N GLY I 320 -7.32 -2.90 39.14
CA GLY I 320 -8.49 -2.22 39.71
C GLY I 320 -9.59 -1.86 38.70
N MET I 321 -10.63 -1.15 39.17
CA MET I 321 -11.88 -0.90 38.43
C MET I 321 -11.87 0.34 37.52
N ASP I 322 -11.00 1.33 37.76
CA ASP I 322 -11.15 2.68 37.20
C ASP I 322 -10.84 2.82 35.71
N PHE I 323 -10.04 1.91 35.13
CA PHE I 323 -9.80 1.86 33.68
C PHE I 323 -11.05 1.40 32.91
N HIS I 324 -11.79 0.45 33.48
CA HIS I 324 -12.99 -0.11 32.86
C HIS I 324 -14.21 0.81 33.02
N ARG I 325 -14.33 1.50 34.15
CA ARG I 325 -15.36 2.50 34.47
C ARG I 325 -15.60 3.49 33.34
N PHE I 326 -14.56 3.96 32.65
CA PHE I 326 -14.66 4.88 31.52
C PHE I 326 -15.54 4.37 30.37
N TYR I 327 -15.53 3.07 30.06
CA TYR I 327 -16.35 2.49 28.98
C TYR I 327 -17.81 2.28 29.39
N PHE I 328 -18.10 2.08 30.69
CA PHE I 328 -19.48 2.08 31.15
C PHE I 328 -20.11 3.47 30.99
N GLU I 329 -19.39 4.51 31.40
CA GLU I 329 -19.84 5.90 31.36
C GLU I 329 -19.91 6.51 29.96
N ASN I 330 -19.15 6.01 28.98
CA ASN I 330 -19.07 6.62 27.64
C ASN I 330 -19.63 5.74 26.50
N LEU I 331 -20.07 4.51 26.80
CA LEU I 331 -20.76 3.63 25.84
C LEU I 331 -21.90 2.87 26.52
N LEU I 332 -21.60 1.95 27.43
CA LEU I 332 -22.52 0.87 27.79
C LEU I 332 -23.81 1.38 28.46
N ALA I 333 -23.75 2.47 29.24
CA ALA I 333 -24.93 3.11 29.82
C ALA I 333 -25.79 3.91 28.81
N LYS I 334 -25.25 4.22 27.62
CA LYS I 334 -25.81 5.15 26.63
C LYS I 334 -26.33 4.48 25.36
N ASN I 335 -25.77 3.34 24.96
CA ASN I 335 -26.12 2.63 23.73
C ASN I 335 -27.55 2.00 23.77
N SER I 336 -28.17 1.87 22.59
CA SER I 336 -29.54 1.33 22.41
C SER I 336 -29.69 0.29 21.28
N LYS I 337 -28.73 0.18 20.35
CA LYS I 337 -28.84 -0.72 19.18
C LYS I 337 -28.77 -2.21 19.56
N PRO I 338 -29.40 -3.11 18.79
CA PRO I 338 -29.41 -4.54 19.09
C PRO I 338 -28.02 -5.20 18.92
N ILE I 339 -27.70 -6.11 19.84
CA ILE I 339 -26.48 -6.92 19.89
C ILE I 339 -26.85 -8.37 20.20
N HIS I 340 -26.17 -9.33 19.57
CA HIS I 340 -26.26 -10.76 19.89
C HIS I 340 -24.87 -11.37 20.10
N THR I 341 -24.73 -12.26 21.07
CA THR I 341 -23.45 -12.89 21.44
C THR I 341 -23.58 -14.41 21.50
N THR I 342 -22.63 -15.10 20.88
CA THR I 342 -22.51 -16.56 20.87
C THR I 342 -21.24 -16.96 21.63
N ILE I 343 -21.35 -17.89 22.57
CA ILE I 343 -20.21 -18.49 23.28
C ILE I 343 -19.96 -19.90 22.71
N LEU I 344 -18.75 -20.14 22.21
CA LEU I 344 -18.35 -21.38 21.56
C LEU I 344 -17.30 -22.15 22.35
N ASN I 345 -17.49 -23.47 22.39
CA ASN I 345 -16.53 -24.47 22.89
C ASN I 345 -15.96 -24.18 24.30
N PRO I 346 -16.77 -23.82 25.32
CA PRO I 346 -16.25 -23.49 26.64
C PRO I 346 -15.54 -24.68 27.31
N HIS I 347 -14.46 -24.41 28.04
CA HIS I 347 -13.73 -25.40 28.84
C HIS I 347 -13.50 -24.87 30.26
N VAL I 348 -13.77 -25.67 31.29
CA VAL I 348 -13.66 -25.30 32.70
C VAL I 348 -12.65 -26.20 33.41
N HIS I 349 -11.71 -25.60 34.15
CA HIS I 349 -10.83 -26.30 35.09
C HIS I 349 -11.28 -25.95 36.51
N VAL I 350 -11.64 -26.94 37.33
CA VAL I 350 -12.06 -26.73 38.72
C VAL I 350 -10.92 -27.18 39.62
N ILE I 351 -10.47 -26.31 40.52
CA ILE I 351 -9.14 -26.39 41.13
C ILE I 351 -9.28 -26.49 42.66
N GLY I 352 -9.77 -27.64 43.15
CA GLY I 352 -10.25 -27.80 44.52
C GLY I 352 -11.69 -27.33 44.71
N GLU I 353 -11.99 -26.66 45.82
CA GLU I 353 -13.33 -26.13 46.12
C GLU I 353 -13.43 -24.60 46.12
N ASP I 354 -12.30 -23.90 46.26
CA ASP I 354 -12.24 -22.43 46.30
C ASP I 354 -12.01 -21.76 44.93
N ALA I 355 -11.55 -22.49 43.91
CA ALA I 355 -10.98 -21.89 42.70
C ALA I 355 -11.46 -22.56 41.40
N ALA I 356 -11.55 -21.78 40.32
CA ALA I 356 -11.88 -22.28 38.98
C ALA I 356 -11.34 -21.34 37.88
N CYS I 357 -11.19 -21.87 36.67
CA CYS I 357 -10.78 -21.14 35.47
C CYS I 357 -11.69 -21.53 34.30
N ILE I 358 -12.11 -20.58 33.45
CA ILE I 358 -12.93 -20.84 32.26
C ILE I 358 -12.32 -20.19 31.01
N ALA I 359 -12.34 -20.88 29.88
CA ALA I 359 -11.85 -20.39 28.59
C ALA I 359 -12.85 -20.64 27.47
N TYR I 360 -13.12 -19.64 26.64
CA TYR I 360 -14.13 -19.73 25.57
C TYR I 360 -13.83 -18.79 24.40
N ILE I 361 -14.41 -19.09 23.24
CA ILE I 361 -14.47 -18.21 22.08
C ILE I 361 -15.81 -17.46 22.11
N ARG I 362 -15.76 -16.17 21.78
CA ARG I 362 -16.91 -15.27 21.77
C ARG I 362 -17.07 -14.66 20.39
N LEU I 363 -18.25 -14.80 19.80
CA LEU I 363 -18.65 -14.12 18.57
C LEU I 363 -19.74 -13.08 18.90
N THR I 364 -19.57 -11.83 18.44
CA THR I 364 -20.56 -10.76 18.63
C THR I 364 -21.08 -10.22 17.31
N GLN I 365 -22.41 -10.24 17.14
CA GLN I 365 -23.17 -9.66 16.04
C GLN I 365 -23.74 -8.30 16.48
N TYR I 366 -23.47 -7.26 15.69
CA TYR I 366 -23.75 -5.87 16.03
C TYR I 366 -24.08 -5.04 14.78
N ILE I 367 -24.72 -3.88 14.96
CA ILE I 367 -25.03 -2.92 13.88
C ILE I 367 -24.03 -1.77 13.90
N ASP I 368 -23.43 -1.44 12.76
CA ASP I 368 -22.45 -0.35 12.67
C ASP I 368 -23.07 1.07 12.71
N GLY I 369 -22.25 2.11 12.57
CA GLY I 369 -22.66 3.52 12.58
C GLY I 369 -23.54 3.96 11.39
N GLN I 370 -23.88 3.06 10.47
CA GLN I 370 -24.72 3.33 9.29
C GLN I 370 -25.68 2.17 8.95
N GLY I 371 -25.99 1.32 9.92
CA GLY I 371 -27.09 0.35 9.87
C GLY I 371 -26.78 -1.04 9.30
N ARG I 372 -25.53 -1.33 8.91
CA ARG I 372 -25.13 -2.66 8.40
C ARG I 372 -24.80 -3.62 9.56
N PRO I 373 -25.32 -4.85 9.59
CA PRO I 373 -24.83 -5.89 10.51
C PRO I 373 -23.38 -6.31 10.26
N ARG I 374 -22.62 -6.54 11.33
CA ARG I 374 -21.19 -6.91 11.38
C ARG I 374 -20.93 -8.03 12.40
N THR I 375 -19.82 -8.75 12.25
CA THR I 375 -19.34 -9.78 13.20
C THR I 375 -17.88 -9.57 13.63
N SER I 376 -17.55 -9.93 14.88
CA SER I 376 -16.18 -9.95 15.40
C SER I 376 -15.96 -11.10 16.39
N GLN I 377 -14.70 -11.54 16.54
CA GLN I 377 -14.28 -12.65 17.39
C GLN I 377 -13.27 -12.24 18.47
N SER I 378 -13.43 -12.75 19.70
CA SER I 378 -12.42 -12.70 20.76
C SER I 378 -12.20 -14.07 21.40
N GLU I 379 -11.04 -14.23 22.03
CA GLU I 379 -10.66 -15.38 22.86
C GLU I 379 -10.42 -14.88 24.28
N GLU I 380 -11.06 -15.49 25.27
CA GLU I 380 -11.12 -14.96 26.64
C GLU I 380 -10.82 -16.03 27.68
N THR I 381 -10.02 -15.65 28.69
CA THR I 381 -9.72 -16.43 29.92
C THR I 381 -10.20 -15.66 31.15
N ARG I 382 -10.89 -16.31 32.08
CA ARG I 382 -11.34 -15.71 33.35
C ARG I 382 -11.02 -16.63 34.54
N VAL I 383 -10.46 -16.06 35.61
CA VAL I 383 -10.00 -16.79 36.81
C VAL I 383 -10.88 -16.40 38.01
N TRP I 384 -11.52 -17.38 38.64
CA TRP I 384 -12.52 -17.22 39.70
C TRP I 384 -12.06 -17.78 41.05
N HIS I 385 -12.30 -17.04 42.13
CA HIS I 385 -12.07 -17.44 43.52
C HIS I 385 -13.37 -17.34 44.32
N ARG I 386 -13.57 -18.15 45.37
CA ARG I 386 -14.75 -18.09 46.25
C ARG I 386 -14.44 -17.60 47.68
N PRO I 387 -13.99 -16.35 47.89
CA PRO I 387 -13.88 -15.79 49.23
C PRO I 387 -15.28 -15.57 49.85
N ASP I 388 -15.42 -15.75 51.17
CA ASP I 388 -16.66 -15.45 51.92
C ASP I 388 -17.96 -16.05 51.32
N GLY I 389 -17.87 -17.21 50.69
CA GLY I 389 -19.01 -17.93 50.10
C GLY I 389 -19.49 -17.45 48.72
N LYS I 390 -18.96 -16.33 48.20
CA LYS I 390 -19.34 -15.71 46.91
C LYS I 390 -18.21 -15.78 45.87
N TRP I 391 -18.51 -16.29 44.68
CA TRP I 391 -17.55 -16.29 43.56
C TRP I 391 -17.22 -14.87 43.06
N GLN I 392 -15.93 -14.55 42.93
CA GLN I 392 -15.45 -13.26 42.41
C GLN I 392 -14.24 -13.40 41.48
N ASN I 393 -14.15 -12.50 40.52
CA ASN I 393 -13.16 -12.53 39.44
C ASN I 393 -11.86 -11.83 39.86
N VAL I 394 -10.70 -12.51 39.72
CA VAL I 394 -9.39 -12.00 40.18
C VAL I 394 -8.41 -11.68 39.04
N HIS I 395 -8.55 -12.31 37.87
CA HIS I 395 -7.73 -12.01 36.69
C HIS I 395 -8.49 -12.30 35.40
N PHE I 396 -8.25 -11.50 34.36
CA PHE I 396 -8.87 -11.68 33.04
C PHE I 396 -7.88 -11.40 31.89
N HIS I 397 -7.91 -12.20 30.84
CA HIS I 397 -7.07 -12.02 29.65
C HIS I 397 -7.93 -12.15 28.38
N CYS I 398 -7.82 -11.18 27.47
CA CYS I 398 -8.53 -11.15 26.19
C CYS I 398 -7.58 -10.95 24.99
N SER I 399 -7.85 -11.66 23.90
CA SER I 399 -7.20 -11.55 22.58
C SER I 399 -8.26 -11.40 21.48
N GLY I 400 -7.86 -10.93 20.30
CA GLY I 400 -8.72 -10.77 19.14
C GLY I 400 -9.29 -9.35 19.04
N ALA I 401 -10.56 -9.22 18.67
CA ALA I 401 -11.23 -7.93 18.58
C ALA I 401 -11.34 -7.21 19.94
N PRO I 402 -11.23 -5.87 19.99
CA PRO I 402 -11.56 -5.05 21.17
C PRO I 402 -13.02 -5.23 21.63
N VAL I 403 -13.31 -5.03 22.92
CA VAL I 403 -14.69 -5.05 23.43
C VAL I 403 -15.43 -3.77 23.08
N ALA I 404 -14.72 -2.64 23.04
CA ALA I 404 -15.23 -1.42 22.42
C ALA I 404 -15.51 -1.69 20.93
N PRO I 405 -16.77 -1.61 20.46
CA PRO I 405 -17.15 -2.17 19.16
C PRO I 405 -16.63 -1.33 17.99
N LEU I 406 -16.39 -1.98 16.85
CA LEU I 406 -15.88 -1.36 15.62
C LEU I 406 -17.05 -0.94 14.70
N GLN I 407 -17.85 0.01 15.18
CA GLN I 407 -19.01 0.61 14.48
C GLN I 407 -18.60 1.75 13.54
N ASP J 273 11.19 7.64 51.24
CA ASP J 273 9.99 7.62 50.40
C ASP J 273 9.19 8.93 50.47
N ALA J 274 9.39 9.74 51.52
CA ALA J 274 8.72 11.03 51.71
C ALA J 274 9.07 12.03 50.60
N ARG J 275 10.36 12.19 50.27
CA ARG J 275 10.84 13.06 49.19
C ARG J 275 10.40 12.58 47.81
N LYS J 276 10.32 11.27 47.59
CA LYS J 276 9.78 10.68 46.34
C LYS J 276 8.29 10.96 46.17
N GLN J 277 7.49 10.82 47.21
CA GLN J 277 6.06 11.18 47.19
C GLN J 277 5.83 12.68 46.91
N GLU J 278 6.74 13.56 47.35
CA GLU J 278 6.71 14.99 47.06
C GLU J 278 6.90 15.31 45.56
N ILE J 279 7.86 14.65 44.90
CA ILE J 279 8.08 14.74 43.45
C ILE J 279 6.88 14.20 42.68
N ILE J 280 6.31 13.07 43.11
CA ILE J 280 5.10 12.49 42.52
C ILE J 280 3.94 13.49 42.61
N LYS J 281 3.66 14.04 43.80
CA LYS J 281 2.62 15.04 44.04
C LYS J 281 2.78 16.27 43.14
N THR J 282 3.97 16.83 43.06
CA THR J 282 4.28 17.99 42.22
C THR J 282 4.14 17.68 40.72
N THR J 283 4.46 16.47 40.29
CA THR J 283 4.28 16.02 38.90
C THR J 283 2.81 15.86 38.54
N GLU J 284 1.99 15.35 39.45
CA GLU J 284 0.53 15.31 39.29
C GLU J 284 -0.13 16.69 39.22
N GLN J 285 0.38 17.68 39.97
CA GLN J 285 -0.05 19.08 39.82
C GLN J 285 0.24 19.66 38.43
N LEU J 286 1.38 19.33 37.82
CA LEU J 286 1.71 19.75 36.47
C LEU J 286 0.70 19.16 35.48
N ILE J 287 0.49 17.84 35.54
CA ILE J 287 -0.37 17.12 34.59
C ILE J 287 -1.82 17.63 34.64
N GLU J 288 -2.39 17.86 35.82
CA GLU J 288 -3.74 18.42 35.93
C GLU J 288 -3.80 19.92 35.58
N ALA J 289 -2.78 20.74 35.82
CA ALA J 289 -2.77 22.11 35.31
C ALA J 289 -2.76 22.16 33.77
N VAL J 290 -2.04 21.25 33.09
CA VAL J 290 -2.05 21.13 31.63
C VAL J 290 -3.43 20.74 31.11
N ASN J 291 -4.05 19.66 31.62
CA ASN J 291 -5.34 19.22 31.09
C ASN J 291 -6.54 20.09 31.51
N ASN J 292 -6.39 20.97 32.51
CA ASN J 292 -7.32 22.07 32.78
C ASN J 292 -7.14 23.27 31.84
N GLY J 293 -6.04 23.37 31.10
CA GLY J 293 -5.72 24.54 30.28
C GLY J 293 -5.28 25.76 31.08
N ASP J 294 -4.77 25.57 32.29
CA ASP J 294 -4.40 26.62 33.24
C ASP J 294 -2.97 27.16 32.99
N PHE J 295 -2.76 27.90 31.89
CA PHE J 295 -1.42 28.35 31.49
C PHE J 295 -0.74 29.26 32.54
N GLU J 296 -1.51 30.02 33.31
CA GLU J 296 -0.95 30.84 34.39
C GLU J 296 -0.41 30.02 35.56
N ALA J 297 -0.92 28.82 35.84
CA ALA J 297 -0.31 27.90 36.80
C ALA J 297 0.87 27.13 36.19
N TYR J 298 0.78 26.71 34.93
CA TYR J 298 1.87 26.07 34.19
C TYR J 298 3.13 26.95 34.19
N ALA J 299 2.98 28.24 33.91
CA ALA J 299 4.07 29.21 33.94
C ALA J 299 4.78 29.36 35.32
N LYS J 300 4.14 28.99 36.43
CA LYS J 300 4.76 29.01 37.78
C LYS J 300 5.54 27.72 38.12
N ILE J 301 5.24 26.62 37.43
CA ILE J 301 5.93 25.33 37.56
C ILE J 301 7.22 25.26 36.71
N CYS J 302 7.28 25.99 35.60
CA CYS J 302 8.37 25.93 34.62
C CYS J 302 9.43 27.02 34.83
N ASP J 303 10.70 26.68 34.69
CA ASP J 303 11.80 27.63 34.58
C ASP J 303 11.74 28.43 33.24
N PRO J 304 12.12 29.72 33.20
CA PRO J 304 12.06 30.51 31.96
C PRO J 304 12.95 30.00 30.82
N GLY J 305 14.04 29.29 31.13
CA GLY J 305 14.97 28.66 30.20
C GLY J 305 14.71 27.18 29.94
N LEU J 306 13.57 26.61 30.36
CA LEU J 306 13.15 25.21 30.12
C LEU J 306 13.37 24.80 28.65
N THR J 307 13.89 23.59 28.42
CA THR J 307 14.06 22.99 27.09
C THR J 307 13.26 21.70 26.94
N SER J 308 12.84 21.34 25.73
CA SER J 308 12.10 20.09 25.51
C SER J 308 12.26 19.41 24.15
N PHE J 309 12.17 18.08 24.18
CA PHE J 309 11.94 17.21 23.02
C PHE J 309 10.53 16.60 23.10
N GLU J 310 9.75 16.68 22.03
CA GLU J 310 8.41 16.10 21.95
C GLU J 310 7.99 15.87 20.49
N PRO J 311 7.04 14.97 20.19
CA PRO J 311 6.64 14.66 18.82
C PRO J 311 6.18 15.87 17.98
N GLU J 312 5.52 16.86 18.58
CA GLU J 312 5.06 18.08 17.92
C GLU J 312 6.19 18.98 17.38
N ALA J 313 7.41 18.90 17.93
CA ALA J 313 8.55 19.72 17.52
C ALA J 313 9.41 19.11 16.38
N LEU J 314 8.97 18.00 15.78
CA LEU J 314 9.53 17.40 14.55
C LEU J 314 11.04 17.03 14.62
N GLY J 315 11.55 16.68 15.81
CA GLY J 315 12.96 16.34 16.03
C GLY J 315 13.87 17.48 16.50
N ASN J 316 13.36 18.69 16.73
CA ASN J 316 14.11 19.85 17.20
C ASN J 316 14.04 20.05 18.73
N LEU J 317 15.06 20.64 19.35
CA LEU J 317 15.03 21.02 20.77
C LEU J 317 14.47 22.43 20.96
N VAL J 318 13.27 22.53 21.53
CA VAL J 318 12.57 23.80 21.83
C VAL J 318 13.11 24.41 23.12
N GLU J 319 13.13 25.74 23.22
CA GLU J 319 13.47 26.50 24.43
C GLU J 319 12.38 27.54 24.78
N GLY J 320 12.07 27.72 26.07
CA GLY J 320 11.11 28.70 26.58
C GLY J 320 9.63 28.30 26.45
N MET J 321 8.73 29.21 26.81
CA MET J 321 7.29 28.95 26.97
C MET J 321 6.43 29.09 25.70
N ASP J 322 6.89 29.85 24.70
CA ASP J 322 6.02 30.35 23.62
C ASP J 322 5.58 29.31 22.59
N PHE J 323 6.33 28.21 22.43
CA PHE J 323 5.91 27.09 21.58
C PHE J 323 4.71 26.33 22.19
N HIS J 324 4.71 26.17 23.52
CA HIS J 324 3.66 25.45 24.24
C HIS J 324 2.38 26.28 24.40
N ARG J 325 2.53 27.60 24.61
CA ARG J 325 1.45 28.59 24.71
C ARG J 325 0.38 28.44 23.62
N PHE J 326 0.78 28.16 22.38
CA PHE J 326 -0.14 27.94 21.24
C PHE J 326 -1.17 26.83 21.49
N TYR J 327 -0.81 25.73 22.16
CA TYR J 327 -1.73 24.62 22.46
C TYR J 327 -2.68 24.92 23.63
N PHE J 328 -2.30 25.77 24.58
CA PHE J 328 -3.23 26.24 25.59
C PHE J 328 -4.33 27.10 24.97
N GLU J 329 -3.94 28.04 24.11
CA GLU J 329 -4.85 28.98 23.43
C GLU J 329 -5.74 28.35 22.36
N ASN J 330 -5.35 27.23 21.74
CA ASN J 330 -6.08 26.62 20.62
C ASN J 330 -6.71 25.25 20.93
N LEU J 331 -6.46 24.67 22.10
CA LEU J 331 -7.12 23.45 22.59
C LEU J 331 -7.52 23.59 24.06
N LEU J 332 -6.55 23.63 24.96
CA LEU J 332 -6.75 23.23 26.35
C LEU J 332 -7.69 24.18 27.11
N ALA J 333 -7.71 25.47 26.77
CA ALA J 333 -8.65 26.46 27.31
C ALA J 333 -10.10 26.31 26.76
N LYS J 334 -10.28 25.59 25.65
CA LYS J 334 -11.52 25.53 24.85
C LYS J 334 -12.25 24.17 24.93
N ASN J 335 -11.54 23.08 25.15
CA ASN J 335 -12.10 21.71 25.20
C ASN J 335 -13.04 21.49 26.40
N SER J 336 -14.00 20.57 26.24
CA SER J 336 -15.01 20.20 27.27
C SER J 336 -15.24 18.68 27.44
N LYS J 337 -14.81 17.83 26.50
CA LYS J 337 -15.07 16.37 26.54
C LYS J 337 -14.31 15.66 27.67
N PRO J 338 -14.82 14.55 28.22
CA PRO J 338 -14.18 13.81 29.30
C PRO J 338 -12.86 13.12 28.86
N ILE J 339 -11.86 13.18 29.73
CA ILE J 339 -10.54 12.56 29.59
C ILE J 339 -10.15 11.86 30.90
N HIS J 340 -9.53 10.68 30.81
CA HIS J 340 -8.94 9.97 31.96
C HIS J 340 -7.48 9.60 31.67
N THR J 341 -6.61 9.71 32.68
CA THR J 341 -5.17 9.45 32.54
C THR J 341 -4.69 8.49 33.64
N THR J 342 -3.93 7.48 33.24
CA THR J 342 -3.28 6.50 34.11
C THR J 342 -1.77 6.68 34.04
N ILE J 343 -1.10 6.76 35.19
CA ILE J 343 0.37 6.78 35.30
C ILE J 343 0.84 5.40 35.78
N LEU J 344 1.70 4.75 35.00
CA LEU J 344 2.21 3.42 35.24
C LEU J 344 3.71 3.39 35.55
N ASN J 345 4.06 2.56 36.54
CA ASN J 345 5.42 2.17 36.91
C ASN J 345 6.40 3.35 37.12
N PRO J 346 6.05 4.43 37.86
CA PRO J 346 6.92 5.58 38.04
C PRO J 346 8.23 5.21 38.74
N HIS J 347 9.34 5.84 38.35
CA HIS J 347 10.65 5.70 38.98
C HIS J 347 11.26 7.08 39.23
N VAL J 348 11.78 7.33 40.43
CA VAL J 348 12.35 8.62 40.85
C VAL J 348 13.82 8.45 41.23
N HIS J 349 14.69 9.31 40.70
CA HIS J 349 16.08 9.47 41.14
C HIS J 349 16.20 10.80 41.90
N VAL J 350 16.63 10.77 43.15
CA VAL J 350 16.81 11.98 43.96
C VAL J 350 18.31 12.24 44.08
N ILE J 351 18.74 13.44 43.74
CA ILE J 351 20.13 13.72 43.33
C ILE J 351 20.74 14.78 44.26
N GLY J 352 20.95 14.43 45.53
CA GLY J 352 21.22 15.39 46.62
C GLY J 352 19.93 15.97 47.21
N GLU J 353 19.93 17.28 47.52
CA GLU J 353 18.77 17.97 48.09
C GLU J 353 18.12 19.00 47.16
N ASP J 354 18.84 19.47 46.13
CA ASP J 354 18.34 20.47 45.17
C ASP J 354 17.70 19.87 43.91
N ALA J 355 17.92 18.59 43.59
CA ALA J 355 17.65 18.03 42.27
C ALA J 355 16.94 16.68 42.31
N ALA J 356 16.09 16.41 41.31
CA ALA J 356 15.41 15.13 41.13
C ALA J 356 15.03 14.88 39.67
N CYS J 357 14.79 13.62 39.31
CA CYS J 357 14.37 13.18 37.98
C CYS J 357 13.25 12.12 38.14
N ILE J 358 12.21 12.15 37.30
CA ILE J 358 11.11 11.18 37.32
C ILE J 358 10.82 10.64 35.91
N ALA J 359 10.56 9.34 35.79
CA ALA J 359 10.23 8.67 34.54
C ALA J 359 9.01 7.76 34.69
N TYR J 360 8.07 7.81 33.75
CA TYR J 360 6.80 7.07 33.82
C TYR J 360 6.19 6.80 32.45
N ILE J 361 5.30 5.81 32.40
CA ILE J 361 4.41 5.55 31.25
C ILE J 361 3.06 6.20 31.53
N ARG J 362 2.51 6.84 30.50
CA ARG J 362 1.22 7.54 30.56
C ARG J 362 0.26 6.92 29.56
N LEU J 363 -0.92 6.50 30.02
CA LEU J 363 -2.03 6.07 29.18
C LEU J 363 -3.16 7.09 29.26
N THR J 364 -3.70 7.55 28.14
CA THR J 364 -4.82 8.50 28.09
C THR J 364 -6.03 7.92 27.36
N GLN J 365 -7.17 7.88 28.05
CA GLN J 365 -8.50 7.53 27.54
C GLN J 365 -9.26 8.82 27.20
N TYR J 366 -9.75 8.91 25.96
CA TYR J 366 -10.38 10.12 25.42
C TYR J 366 -11.50 9.78 24.42
N ILE J 367 -12.38 10.74 24.13
CA ILE J 367 -13.45 10.61 23.14
C ILE J 367 -13.03 11.31 21.84
N ASP J 368 -13.15 10.63 20.70
CA ASP J 368 -12.76 11.20 19.41
C ASP J 368 -13.76 12.23 18.84
N GLY J 369 -13.49 12.75 17.64
CA GLY J 369 -14.33 13.73 16.93
C GLY J 369 -15.70 13.23 16.47
N GLN J 370 -16.06 11.98 16.75
CA GLN J 370 -17.36 11.39 16.45
C GLN J 370 -17.89 10.46 17.57
N GLY J 371 -17.41 10.65 18.80
CA GLY J 371 -18.01 10.07 20.00
C GLY J 371 -17.52 8.69 20.43
N ARG J 372 -16.55 8.08 19.74
CA ARG J 372 -15.96 6.77 20.12
C ARG J 372 -14.83 6.97 21.16
N PRO J 373 -14.81 6.20 22.28
CA PRO J 373 -13.64 6.15 23.17
C PRO J 373 -12.39 5.55 22.49
N ARG J 374 -11.22 6.11 22.80
CA ARG J 374 -9.89 5.78 22.26
C ARG J 374 -8.83 5.75 23.37
N THR J 375 -7.71 5.05 23.13
CA THR J 375 -6.50 5.04 24.01
C THR J 375 -5.21 5.35 23.24
N SER J 376 -4.28 6.03 23.91
CA SER J 376 -2.91 6.27 23.42
C SER J 376 -1.87 6.23 24.55
N GLN J 377 -0.62 5.95 24.21
CA GLN J 377 0.51 5.81 25.14
C GLN J 377 1.65 6.80 24.86
N SER J 378 2.24 7.37 25.91
CA SER J 378 3.53 8.08 25.86
C SER J 378 4.49 7.62 26.96
N GLU J 379 5.78 7.86 26.73
CA GLU J 379 6.86 7.67 27.68
C GLU J 379 7.49 9.03 27.98
N GLU J 380 7.63 9.40 29.25
CA GLU J 380 7.98 10.77 29.63
C GLU J 380 9.09 10.81 30.70
N THR J 381 10.04 11.74 30.54
CA THR J 381 11.09 12.10 31.51
C THR J 381 10.96 13.56 31.92
N ARG J 382 11.05 13.88 33.22
CA ARG J 382 11.01 15.26 33.74
C ARG J 382 12.13 15.50 34.75
N VAL J 383 12.85 16.61 34.60
CA VAL J 383 14.02 17.00 35.42
C VAL J 383 13.67 18.22 36.26
N TRP J 384 13.81 18.11 37.58
CA TRP J 384 13.36 19.07 38.58
C TRP J 384 14.52 19.67 39.38
N HIS J 385 14.52 20.98 39.58
CA HIS J 385 15.48 21.73 40.42
C HIS J 385 14.72 22.53 41.47
N ARG J 386 15.30 22.80 42.64
CA ARG J 386 14.72 23.63 43.71
C ARG J 386 15.44 24.97 43.94
N PRO J 387 15.45 25.92 42.98
CA PRO J 387 15.88 27.29 43.26
C PRO J 387 14.90 27.98 44.22
N ASP J 388 15.40 28.81 45.13
CA ASP J 388 14.60 29.68 46.02
C ASP J 388 13.49 28.96 46.83
N GLY J 389 13.73 27.70 47.21
CA GLY J 389 12.80 26.89 48.02
C GLY J 389 11.62 26.25 47.27
N LYS J 390 11.42 26.55 45.98
CA LYS J 390 10.32 26.02 45.14
C LYS J 390 10.83 25.11 44.02
N TRP J 391 10.25 23.91 43.88
CA TRP J 391 10.55 23.00 42.76
C TRP J 391 10.08 23.56 41.41
N GLN J 392 10.97 23.60 40.42
CA GLN J 392 10.67 24.01 39.04
C GLN J 392 11.33 23.11 38.00
N ASN J 393 10.64 22.97 36.86
CA ASN J 393 11.00 22.06 35.79
C ASN J 393 11.98 22.73 34.80
N VAL J 394 13.10 22.08 34.48
CA VAL J 394 14.19 22.64 33.63
C VAL J 394 14.38 21.91 32.30
N HIS J 395 14.00 20.65 32.19
CA HIS J 395 14.05 19.88 30.94
C HIS J 395 12.98 18.78 30.90
N PHE J 396 12.43 18.53 29.71
CA PHE J 396 11.40 17.51 29.48
C PHE J 396 11.62 16.75 28.17
N HIS J 397 11.41 15.44 28.17
CA HIS J 397 11.51 14.59 26.97
C HIS J 397 10.29 13.65 26.89
N CYS J 398 9.63 13.60 25.74
CA CYS J 398 8.47 12.75 25.46
C CYS J 398 8.66 11.90 24.18
N SER J 399 8.19 10.65 24.22
CA SER J 399 8.13 9.70 23.10
C SER J 399 6.75 9.05 23.04
N GLY J 400 6.39 8.48 21.89
CA GLY J 400 5.11 7.82 21.66
C GLY J 400 4.09 8.75 21.00
N ALA J 401 2.84 8.70 21.45
CA ALA J 401 1.77 9.55 20.94
C ALA J 401 2.01 11.06 21.24
N PRO J 402 1.61 11.97 20.33
CA PRO J 402 1.54 13.41 20.61
C PRO J 402 0.60 13.73 21.79
N VAL J 403 0.85 14.82 22.51
CA VAL J 403 -0.07 15.29 23.58
C VAL J 403 -1.27 16.01 22.97
N ALA J 404 -1.09 16.68 21.82
CA ALA J 404 -2.22 17.10 20.99
C ALA J 404 -3.00 15.83 20.54
N PRO J 405 -4.26 15.64 20.98
CA PRO J 405 -4.91 14.34 20.88
C PRO J 405 -5.27 13.96 19.44
N LEU J 406 -5.35 12.65 19.16
CA LEU J 406 -5.65 12.09 17.84
C LEU J 406 -7.16 11.78 17.74
N GLN J 407 -7.97 12.85 17.81
CA GLN J 407 -9.44 12.81 17.71
C GLN J 407 -9.93 12.79 16.25
N ASP K 273 28.63 41.99 15.02
CA ASP K 273 27.29 41.47 15.28
C ASP K 273 26.18 42.47 14.92
N ALA K 274 26.50 43.77 14.82
CA ALA K 274 25.56 44.82 14.46
C ALA K 274 24.99 44.63 13.04
N ARG K 275 25.85 44.38 12.06
CA ARG K 275 25.45 44.12 10.65
C ARG K 275 24.67 42.81 10.50
N LYS K 276 24.99 41.79 11.29
CA LYS K 276 24.22 40.52 11.32
C LYS K 276 22.81 40.71 11.90
N GLN K 277 22.67 41.47 12.98
CA GLN K 277 21.35 41.82 13.54
C GLN K 277 20.49 42.64 12.56
N GLU K 278 21.09 43.46 11.71
CA GLU K 278 20.42 44.21 10.64
C GLU K 278 19.80 43.28 9.55
N ILE K 279 20.55 42.26 9.11
CA ILE K 279 20.06 41.25 8.18
C ILE K 279 18.94 40.42 8.81
N ILE K 280 19.09 40.04 10.09
CA ILE K 280 18.05 39.32 10.84
C ILE K 280 16.76 40.16 10.89
N LYS K 281 16.86 41.44 11.30
CA LYS K 281 15.73 42.37 11.36
C LYS K 281 15.01 42.52 10.01
N THR K 282 15.75 42.70 8.93
CA THR K 282 15.20 42.83 7.58
C THR K 282 14.55 41.53 7.09
N THR K 283 15.07 40.37 7.48
CA THR K 283 14.50 39.06 7.15
C THR K 283 13.19 38.82 7.90
N GLU K 284 13.10 39.24 9.16
CA GLU K 284 11.85 39.23 9.94
C GLU K 284 10.77 40.16 9.37
N GLN K 285 11.14 41.33 8.83
CA GLN K 285 10.21 42.19 8.08
C GLN K 285 9.63 41.52 6.84
N LEU K 286 10.43 40.75 6.09
CA LEU K 286 9.95 39.98 4.94
C LEU K 286 8.91 38.96 5.39
N ILE K 287 9.24 38.15 6.41
CA ILE K 287 8.40 37.04 6.85
C ILE K 287 7.04 37.54 7.38
N GLU K 288 7.01 38.63 8.15
CA GLU K 288 5.74 39.20 8.60
C GLU K 288 4.98 39.95 7.48
N ALA K 289 5.62 40.58 6.50
CA ALA K 289 4.90 41.11 5.34
C ALA K 289 4.21 40.01 4.51
N VAL K 290 4.85 38.84 4.34
CA VAL K 290 4.25 37.69 3.68
C VAL K 290 3.03 37.17 4.45
N ASN K 291 3.15 36.88 5.75
CA ASN K 291 2.02 36.30 6.50
C ASN K 291 0.90 37.30 6.82
N ASN K 292 1.13 38.62 6.69
CA ASN K 292 0.08 39.64 6.64
C ASN K 292 -0.63 39.72 5.27
N GLY K 293 -0.09 39.14 4.21
CA GLY K 293 -0.61 39.28 2.85
C GLY K 293 -0.36 40.65 2.21
N ASP K 294 0.67 41.37 2.68
CA ASP K 294 0.99 42.74 2.27
C ASP K 294 1.86 42.79 0.99
N PHE K 295 1.28 42.44 -0.17
CA PHE K 295 2.03 42.32 -1.43
C PHE K 295 2.72 43.64 -1.85
N GLU K 296 2.14 44.79 -1.52
CA GLU K 296 2.75 46.08 -1.82
C GLU K 296 4.02 46.36 -0.99
N ALA K 297 4.16 45.80 0.23
CA ALA K 297 5.42 45.85 0.97
C ALA K 297 6.41 44.78 0.49
N TYR K 298 5.94 43.57 0.17
CA TYR K 298 6.76 42.50 -0.41
C TYR K 298 7.46 42.96 -1.69
N ALA K 299 6.74 43.63 -2.59
CA ALA K 299 7.29 44.20 -3.81
C ALA K 299 8.41 45.25 -3.60
N LYS K 300 8.51 45.89 -2.43
CA LYS K 300 9.60 46.85 -2.10
C LYS K 300 10.86 46.17 -1.53
N ILE K 301 10.73 44.96 -0.99
CA ILE K 301 11.82 44.13 -0.48
C ILE K 301 12.54 43.35 -1.60
N CYS K 302 11.84 43.00 -2.69
CA CYS K 302 12.33 42.13 -3.76
C CYS K 302 12.89 42.91 -4.96
N ASP K 303 14.00 42.46 -5.52
CA ASP K 303 14.50 42.92 -6.82
C ASP K 303 13.58 42.46 -7.99
N PRO K 304 13.38 43.25 -9.07
CA PRO K 304 12.51 42.87 -10.18
C PRO K 304 12.94 41.60 -10.93
N GLY K 305 14.23 41.27 -10.93
CA GLY K 305 14.82 40.07 -11.51
C GLY K 305 15.04 38.91 -10.54
N LEU K 306 14.49 38.95 -9.31
CA LEU K 306 14.56 37.88 -8.30
C LEU K 306 14.26 36.49 -8.91
N THR K 307 15.03 35.47 -8.53
CA THR K 307 14.82 34.07 -8.92
C THR K 307 14.57 33.17 -7.71
N SER K 308 13.84 32.07 -7.87
CA SER K 308 13.60 31.15 -6.75
C SER K 308 13.39 29.68 -7.10
N PHE K 309 13.82 28.82 -6.17
CA PHE K 309 13.45 27.41 -6.07
C PHE K 309 12.55 27.19 -4.85
N GLU K 310 11.41 26.52 -5.01
CA GLU K 310 10.49 26.20 -3.91
C GLU K 310 9.60 24.99 -4.27
N PRO K 311 9.03 24.27 -3.29
CA PRO K 311 8.21 23.09 -3.56
C PRO K 311 7.04 23.30 -4.52
N GLU K 312 6.38 24.46 -4.49
CA GLU K 312 5.25 24.81 -5.36
C GLU K 312 5.60 24.92 -6.85
N ALA K 313 6.87 25.16 -7.21
CA ALA K 313 7.34 25.32 -8.59
C ALA K 313 7.76 24.00 -9.29
N LEU K 314 7.57 22.84 -8.63
CA LEU K 314 7.72 21.48 -9.18
C LEU K 314 9.12 21.16 -9.75
N GLY K 315 10.19 21.75 -9.21
CA GLY K 315 11.56 21.55 -9.67
C GLY K 315 12.10 22.58 -10.68
N ASN K 316 11.33 23.60 -11.05
CA ASN K 316 11.72 24.66 -12.00
C ASN K 316 12.25 25.92 -11.29
N LEU K 317 13.14 26.69 -11.94
CA LEU K 317 13.59 27.99 -11.43
C LEU K 317 12.70 29.12 -11.94
N VAL K 318 11.92 29.72 -11.03
CA VAL K 318 11.01 30.85 -11.31
C VAL K 318 11.79 32.17 -11.34
N GLU K 319 11.36 33.12 -12.17
CA GLU K 319 11.88 34.49 -12.23
C GLU K 319 10.76 35.55 -12.11
N GLY K 320 10.99 36.65 -11.39
CA GLY K 320 10.06 37.77 -11.22
C GLY K 320 8.94 37.54 -10.19
N MET K 321 8.01 38.50 -10.09
CA MET K 321 7.00 38.58 -9.02
C MET K 321 5.69 37.81 -9.30
N ASP K 322 5.35 37.52 -10.56
CA ASP K 322 3.99 37.14 -10.94
C ASP K 322 3.56 35.73 -10.55
N PHE K 323 4.50 34.81 -10.34
CA PHE K 323 4.22 33.47 -9.81
C PHE K 323 3.77 33.53 -8.34
N HIS K 324 4.40 34.40 -7.55
CA HIS K 324 4.13 34.55 -6.12
C HIS K 324 2.85 35.35 -5.86
N ARG K 325 2.56 36.37 -6.68
CA ARG K 325 1.35 37.20 -6.67
C ARG K 325 0.06 36.39 -6.53
N PHE K 326 -0.04 35.24 -7.20
CA PHE K 326 -1.20 34.34 -7.12
C PHE K 326 -1.54 33.88 -5.69
N TYR K 327 -0.54 33.61 -4.83
CA TYR K 327 -0.76 33.19 -3.45
C TYR K 327 -1.15 34.33 -2.51
N PHE K 328 -0.73 35.57 -2.80
CA PHE K 328 -1.23 36.72 -2.06
C PHE K 328 -2.73 36.93 -2.33
N GLU K 329 -3.13 36.88 -3.59
CA GLU K 329 -4.51 37.09 -4.03
C GLU K 329 -5.48 35.96 -3.67
N ASN K 330 -5.01 34.72 -3.48
CA ASN K 330 -5.89 33.56 -3.26
C ASN K 330 -5.77 32.92 -1.87
N LEU K 331 -4.89 33.41 -1.00
CA LEU K 331 -4.77 33.00 0.40
C LEU K 331 -4.46 34.19 1.31
N LEU K 332 -3.27 34.79 1.18
CA LEU K 332 -2.68 35.59 2.27
C LEU K 332 -3.47 36.87 2.57
N ALA K 333 -4.11 37.49 1.56
CA ALA K 333 -5.02 38.63 1.75
C ALA K 333 -6.40 38.26 2.36
N LYS K 334 -6.76 36.97 2.36
CA LYS K 334 -8.10 36.45 2.69
C LYS K 334 -8.17 35.68 4.02
N ASN K 335 -7.08 35.04 4.44
CA ASN K 335 -7.04 34.22 5.66
C ASN K 335 -7.19 35.05 6.96
N SER K 336 -7.70 34.40 8.02
CA SER K 336 -7.94 35.02 9.35
C SER K 336 -7.50 34.16 10.55
N LYS K 337 -7.23 32.86 10.37
CA LYS K 337 -6.90 31.93 11.48
C LYS K 337 -5.51 32.21 12.09
N PRO K 338 -5.29 31.93 13.39
CA PRO K 338 -4.02 32.19 14.06
C PRO K 338 -2.87 31.28 13.53
N ILE K 339 -1.69 31.87 13.40
CA ILE K 339 -0.44 31.23 12.98
C ILE K 339 0.70 31.71 13.89
N HIS K 340 1.61 30.80 14.25
CA HIS K 340 2.86 31.12 14.96
C HIS K 340 4.07 30.53 14.23
N THR K 341 5.18 31.27 14.19
CA THR K 341 6.41 30.86 13.48
C THR K 341 7.63 30.99 14.39
N THR K 342 8.45 29.94 14.41
CA THR K 342 9.72 29.88 15.13
C THR K 342 10.87 29.81 14.12
N ILE K 343 11.88 30.66 14.28
CA ILE K 343 13.13 30.61 13.50
C ILE K 343 14.25 30.01 14.37
N LEU K 344 14.85 28.92 13.90
CA LEU K 344 15.87 28.15 14.62
C LEU K 344 17.24 28.24 13.95
N ASN K 345 18.26 28.38 14.80
CA ASN K 345 19.68 28.26 14.46
C ASN K 345 20.14 29.12 13.25
N PRO K 346 19.78 30.42 13.14
CA PRO K 346 20.15 31.24 11.98
C PRO K 346 21.67 31.40 11.85
N HIS K 347 22.17 31.41 10.62
CA HIS K 347 23.58 31.67 10.30
C HIS K 347 23.68 32.72 9.18
N VAL K 348 24.53 33.73 9.35
CA VAL K 348 24.71 34.84 8.41
C VAL K 348 26.14 34.88 7.88
N HIS K 349 26.31 34.98 6.57
CA HIS K 349 27.59 35.29 5.92
C HIS K 349 27.51 36.71 5.37
N VAL K 350 28.43 37.58 5.78
CA VAL K 350 28.48 38.98 5.32
C VAL K 350 29.67 39.10 4.36
N ILE K 351 29.43 39.61 3.16
CA ILE K 351 30.29 39.36 2.00
C ILE K 351 30.80 40.70 1.44
N GLY K 352 31.65 41.39 2.20
CA GLY K 352 31.99 42.81 1.99
C GLY K 352 30.98 43.75 2.63
N GLU K 353 30.63 44.85 1.95
CA GLU K 353 29.67 45.85 2.45
C GLU K 353 28.35 45.90 1.66
N ASP K 354 28.32 45.37 0.43
CA ASP K 354 27.14 45.36 -0.45
C ASP K 354 26.27 44.10 -0.33
N ALA K 355 26.77 43.01 0.24
CA ALA K 355 26.17 41.68 0.09
C ALA K 355 26.10 40.87 1.39
N ALA K 356 25.08 40.03 1.53
CA ALA K 356 24.91 39.10 2.62
C ALA K 356 24.07 37.87 2.23
N CYS K 357 24.21 36.78 2.98
CA CYS K 357 23.44 35.55 2.83
C CYS K 357 22.99 35.09 4.22
N ILE K 358 21.75 34.60 4.36
CA ILE K 358 21.22 34.06 5.63
C ILE K 358 20.57 32.70 5.43
N ALA K 359 20.80 31.77 6.35
CA ALA K 359 20.24 30.42 6.31
C ALA K 359 19.63 30.03 7.67
N TYR K 360 18.42 29.46 7.67
CA TYR K 360 17.71 29.14 8.90
C TYR K 360 16.70 28.01 8.73
N ILE K 361 16.33 27.38 9.85
CA ILE K 361 15.20 26.45 9.93
C ILE K 361 13.97 27.20 10.43
N ARG K 362 12.83 26.93 9.80
CA ARG K 362 11.54 27.55 10.10
C ARG K 362 10.53 26.49 10.52
N LEU K 363 9.91 26.66 11.68
CA LEU K 363 8.78 25.84 12.15
C LEU K 363 7.52 26.70 12.17
N THR K 364 6.42 26.22 11.59
CA THR K 364 5.13 26.91 11.59
C THR K 364 4.05 26.09 12.30
N GLN K 365 3.40 26.70 13.29
CA GLN K 365 2.21 26.22 14.01
C GLN K 365 0.96 26.89 13.43
N TYR K 366 -0.03 26.09 13.05
CA TYR K 366 -1.22 26.56 12.33
C TYR K 366 -2.44 25.71 12.65
N ILE K 367 -3.64 26.21 12.37
CA ILE K 367 -4.91 25.48 12.54
C ILE K 367 -5.38 24.94 11.20
N ASP K 368 -5.73 23.66 11.13
CA ASP K 368 -6.17 23.01 9.88
C ASP K 368 -7.61 23.38 9.47
N GLY K 369 -8.12 22.74 8.40
CA GLY K 369 -9.47 22.93 7.87
C GLY K 369 -10.61 22.48 8.80
N GLN K 370 -10.31 21.96 9.99
CA GLN K 370 -11.30 21.49 10.97
C GLN K 370 -10.87 21.75 12.43
N GLY K 371 -10.02 22.76 12.66
CA GLY K 371 -9.77 23.30 14.00
C GLY K 371 -8.67 22.62 14.82
N ARG K 372 -7.99 21.59 14.30
CA ARG K 372 -6.85 20.94 14.98
C ARG K 372 -5.55 21.72 14.74
N PRO K 373 -4.76 22.05 15.78
CA PRO K 373 -3.39 22.55 15.59
C PRO K 373 -2.44 21.53 14.93
N ARG K 374 -1.55 22.00 14.06
CA ARG K 374 -0.57 21.25 13.26
C ARG K 374 0.79 21.95 13.25
N THR K 375 1.87 21.21 12.94
CA THR K 375 3.24 21.74 12.73
C THR K 375 3.86 21.26 11.41
N SER K 376 4.68 22.12 10.79
CA SER K 376 5.50 21.81 9.60
C SER K 376 6.85 22.52 9.62
N GLN K 377 7.84 21.96 8.90
CA GLN K 377 9.23 22.46 8.84
C GLN K 377 9.66 22.80 7.40
N SER K 378 10.38 23.91 7.23
CA SER K 378 11.14 24.23 6.03
C SER K 378 12.59 24.64 6.36
N GLU K 379 13.46 24.48 5.38
CA GLU K 379 14.83 24.98 5.38
C GLU K 379 14.97 26.04 4.30
N GLU K 380 15.47 27.23 4.63
CA GLU K 380 15.43 28.39 3.75
C GLU K 380 16.79 29.09 3.65
N THR K 381 17.16 29.50 2.43
CA THR K 381 18.32 30.34 2.09
C THR K 381 17.85 31.63 1.42
N ARG K 382 18.37 32.79 1.81
CA ARG K 382 18.05 34.10 1.18
C ARG K 382 19.31 34.91 0.90
N VAL K 383 19.42 35.48 -0.30
CA VAL K 383 20.60 36.24 -0.77
C VAL K 383 20.23 37.72 -0.95
N TRP K 384 20.94 38.61 -0.25
CA TRP K 384 20.66 40.04 -0.11
C TRP K 384 21.76 40.92 -0.73
N HIS K 385 21.37 41.94 -1.51
CA HIS K 385 22.25 42.96 -2.10
C HIS K 385 21.80 44.35 -1.64
N ARG K 386 22.68 45.33 -1.55
CA ARG K 386 22.37 46.73 -1.19
C ARG K 386 22.54 47.73 -2.35
N PRO K 387 21.78 47.66 -3.46
CA PRO K 387 21.76 48.74 -4.44
C PRO K 387 21.11 50.00 -3.84
N ASP K 388 21.61 51.19 -4.20
CA ASP K 388 21.02 52.49 -3.85
C ASP K 388 20.72 52.71 -2.35
N GLY K 389 21.54 52.13 -1.47
CA GLY K 389 21.43 52.28 -0.01
C GLY K 389 20.38 51.40 0.69
N LYS K 390 19.54 50.66 -0.05
CA LYS K 390 18.47 49.79 0.48
C LYS K 390 18.74 48.31 0.21
N TRP K 391 18.67 47.46 1.23
CA TRP K 391 18.76 46.00 1.08
C TRP K 391 17.58 45.42 0.29
N GLN K 392 17.86 44.60 -0.73
CA GLN K 392 16.85 43.89 -1.52
C GLN K 392 17.23 42.44 -1.86
N ASN K 393 16.23 41.59 -1.97
CA ASN K 393 16.39 40.15 -2.15
C ASN K 393 16.54 39.79 -3.64
N VAL K 394 17.57 39.02 -4.01
CA VAL K 394 17.88 38.67 -5.42
C VAL K 394 17.72 37.18 -5.75
N HIS K 395 17.82 36.29 -4.77
CA HIS K 395 17.61 34.85 -4.94
C HIS K 395 17.11 34.20 -3.65
N PHE K 396 16.25 33.20 -3.78
CA PHE K 396 15.68 32.46 -2.65
C PHE K 396 15.56 30.96 -2.96
N HIS K 397 15.88 30.11 -1.99
CA HIS K 397 15.77 28.65 -2.10
C HIS K 397 15.11 28.07 -0.84
N CYS K 398 14.09 27.24 -1.01
CA CYS K 398 13.34 26.56 0.05
C CYS K 398 13.24 25.04 -0.16
N SER K 399 13.38 24.26 0.91
CA SER K 399 13.20 22.80 1.00
C SER K 399 12.24 22.46 2.15
N GLY K 400 11.64 21.27 2.10
CA GLY K 400 10.74 20.77 3.15
C GLY K 400 9.28 21.01 2.80
N ALA K 401 8.46 21.41 3.78
CA ALA K 401 7.05 21.69 3.57
C ALA K 401 6.81 22.89 2.62
N PRO K 402 5.77 22.87 1.77
CA PRO K 402 5.29 24.04 1.02
C PRO K 402 4.90 25.21 1.93
N VAL K 403 5.01 26.45 1.45
CA VAL K 403 4.57 27.64 2.21
C VAL K 403 3.05 27.78 2.17
N ALA K 404 2.41 27.33 1.08
CA ALA K 404 0.97 27.11 1.07
C ALA K 404 0.62 26.04 2.13
N PRO K 405 -0.11 26.37 3.21
CA PRO K 405 -0.20 25.51 4.38
C PRO K 405 -1.03 24.24 4.12
N LEU K 406 -0.66 23.15 4.79
CA LEU K 406 -1.27 21.82 4.64
C LEU K 406 -2.48 21.66 5.58
N GLN K 407 -3.52 22.47 5.35
CA GLN K 407 -4.78 22.52 6.13
C GLN K 407 -5.81 21.49 5.66
N ASP L 273 14.52 36.45 -35.63
CA ASP L 273 13.72 36.42 -34.41
C ASP L 273 12.28 36.92 -34.60
N ALA L 274 12.03 37.68 -35.68
CA ALA L 274 10.70 38.20 -36.02
C ALA L 274 9.69 37.08 -36.30
N ARG L 275 10.06 36.09 -37.13
CA ARG L 275 9.22 34.93 -37.46
C ARG L 275 8.99 34.02 -36.24
N LYS L 276 9.97 33.88 -35.35
CA LYS L 276 9.83 33.14 -34.08
C LYS L 276 8.85 33.82 -33.12
N GLN L 277 8.92 35.14 -32.97
CA GLN L 277 7.95 35.91 -32.18
C GLN L 277 6.51 35.80 -32.72
N GLU L 278 6.34 35.66 -34.03
CA GLU L 278 5.05 35.44 -34.68
C GLU L 278 4.41 34.07 -34.29
N ILE L 279 5.21 33.00 -34.29
CA ILE L 279 4.77 31.67 -33.83
C ILE L 279 4.45 31.69 -32.34
N ILE L 280 5.25 32.38 -31.52
CA ILE L 280 4.99 32.55 -30.08
C ILE L 280 3.65 33.26 -29.88
N LYS L 281 3.43 34.41 -30.55
CA LYS L 281 2.19 35.18 -30.48
C LYS L 281 0.96 34.35 -30.86
N THR L 282 1.04 33.61 -31.96
CA THR L 282 -0.06 32.73 -32.41
C THR L 282 -0.33 31.56 -31.46
N THR L 283 0.70 31.02 -30.81
CA THR L 283 0.57 29.96 -29.80
C THR L 283 -0.09 30.48 -28.52
N GLU L 284 0.23 31.71 -28.10
CA GLU L 284 -0.46 32.38 -26.99
C GLU L 284 -1.94 32.68 -27.28
N GLN L 285 -2.30 33.03 -28.52
CA GLN L 285 -3.70 33.14 -28.94
C GLN L 285 -4.48 31.82 -28.82
N LEU L 286 -3.86 30.68 -29.15
CA LEU L 286 -4.47 29.37 -28.98
C LEU L 286 -4.74 29.10 -27.49
N ILE L 287 -3.72 29.29 -26.64
CA ILE L 287 -3.81 28.98 -25.21
C ILE L 287 -4.89 29.82 -24.51
N GLU L 288 -4.99 31.11 -24.80
CA GLU L 288 -6.05 31.94 -24.23
C GLU L 288 -7.43 31.68 -24.85
N ALA L 289 -7.57 31.31 -26.12
CA ALA L 289 -8.86 30.88 -26.65
C ALA L 289 -9.37 29.60 -25.98
N VAL L 290 -8.49 28.63 -25.66
CA VAL L 290 -8.84 27.42 -24.92
C VAL L 290 -9.31 27.76 -23.50
N ASN L 291 -8.55 28.52 -22.71
CA ASN L 291 -8.94 28.80 -21.32
C ASN L 291 -10.09 29.81 -21.17
N ASN L 292 -10.45 30.56 -22.22
CA ASN L 292 -11.71 31.30 -22.32
C ASN L 292 -12.92 30.41 -22.68
N GLY L 293 -12.72 29.19 -23.15
CA GLY L 293 -13.79 28.32 -23.64
C GLY L 293 -14.36 28.74 -25.00
N ASP L 294 -13.59 29.46 -25.81
CA ASP L 294 -14.01 30.04 -27.08
C ASP L 294 -13.86 29.05 -28.25
N PHE L 295 -14.71 28.02 -28.30
CA PHE L 295 -14.60 26.94 -29.30
C PHE L 295 -14.71 27.44 -30.74
N GLU L 296 -15.46 28.51 -31.00
CA GLU L 296 -15.56 29.09 -32.34
C GLU L 296 -14.27 29.77 -32.81
N ALA L 297 -13.42 30.28 -31.90
CA ALA L 297 -12.08 30.75 -32.25
C ALA L 297 -11.08 29.59 -32.38
N TYR L 298 -11.17 28.60 -31.49
CA TYR L 298 -10.36 27.38 -31.55
C TYR L 298 -10.50 26.67 -32.91
N ALA L 299 -11.72 26.51 -33.40
CA ALA L 299 -12.00 25.93 -34.71
C ALA L 299 -11.39 26.68 -35.92
N LYS L 300 -11.00 27.94 -35.80
CA LYS L 300 -10.33 28.72 -36.87
C LYS L 300 -8.81 28.59 -36.85
N ILE L 301 -8.23 28.22 -35.71
CA ILE L 301 -6.80 27.94 -35.51
C ILE L 301 -6.43 26.52 -35.95
N CYS L 302 -7.32 25.54 -35.75
CA CYS L 302 -7.08 24.13 -36.05
C CYS L 302 -7.44 23.76 -37.50
N ASP L 303 -6.61 22.94 -38.14
CA ASP L 303 -6.93 22.28 -39.42
C ASP L 303 -8.00 21.17 -39.24
N PRO L 304 -8.93 20.95 -40.19
CA PRO L 304 -9.98 19.93 -40.04
C PRO L 304 -9.48 18.48 -39.90
N GLY L 305 -8.27 18.18 -40.37
CA GLY L 305 -7.61 16.88 -40.24
C GLY L 305 -6.60 16.77 -39.09
N LEU L 306 -6.53 17.74 -38.18
CA LEU L 306 -5.67 17.76 -36.98
C LEU L 306 -5.66 16.41 -36.24
N THR L 307 -4.47 15.95 -35.83
CA THR L 307 -4.28 14.75 -34.99
C THR L 307 -3.65 15.06 -33.65
N SER L 308 -3.91 14.27 -32.60
CA SER L 308 -3.29 14.50 -31.29
C SER L 308 -3.04 13.28 -30.41
N PHE L 309 -1.96 13.37 -29.61
CA PHE L 309 -1.71 12.56 -28.43
C PHE L 309 -1.84 13.40 -27.16
N GLU L 310 -2.59 12.95 -26.17
CA GLU L 310 -2.75 13.63 -24.87
C GLU L 310 -3.21 12.64 -23.79
N PRO L 311 -3.01 12.92 -22.50
CA PRO L 311 -3.36 11.98 -21.42
C PRO L 311 -4.83 11.51 -21.42
N GLU L 312 -5.79 12.37 -21.77
CA GLU L 312 -7.22 12.06 -21.81
C GLU L 312 -7.62 10.99 -22.85
N ALA L 313 -6.83 10.79 -23.91
CA ALA L 313 -7.11 9.81 -24.98
C ALA L 313 -6.55 8.39 -24.70
N LEU L 314 -6.01 8.15 -23.51
CA LEU L 314 -5.61 6.82 -22.99
C LEU L 314 -4.58 6.04 -23.85
N GLY L 315 -3.69 6.73 -24.55
CA GLY L 315 -2.67 6.13 -25.43
C GLY L 315 -3.06 6.02 -26.91
N ASN L 316 -4.23 6.48 -27.34
CA ASN L 316 -4.72 6.42 -28.71
C ASN L 316 -4.45 7.73 -29.49
N LEU L 317 -4.29 7.68 -30.82
CA LEU L 317 -4.17 8.88 -31.66
C LEU L 317 -5.55 9.37 -32.11
N VAL L 318 -6.00 10.52 -31.63
CA VAL L 318 -7.28 11.16 -31.98
C VAL L 318 -7.15 11.94 -33.29
N GLU L 319 -8.21 12.01 -34.10
CA GLU L 319 -8.31 12.82 -35.31
C GLU L 319 -9.57 13.72 -35.29
N GLY L 320 -9.48 14.96 -35.78
CA GLY L 320 -10.58 15.92 -35.89
C GLY L 320 -10.97 16.63 -34.58
N MET L 321 -12.04 17.43 -34.63
CA MET L 321 -12.44 18.36 -33.57
C MET L 321 -13.35 17.77 -32.48
N ASP L 322 -14.07 16.68 -32.74
CA ASP L 322 -15.21 16.27 -31.92
C ASP L 322 -14.87 15.66 -30.56
N PHE L 323 -13.66 15.10 -30.40
CA PHE L 323 -13.17 14.64 -29.09
C PHE L 323 -12.91 15.81 -28.12
N HIS L 324 -12.38 16.92 -28.64
CA HIS L 324 -12.05 18.09 -27.85
C HIS L 324 -13.28 18.94 -27.51
N ARG L 325 -14.25 19.04 -28.44
CA ARG L 325 -15.54 19.71 -28.28
C ARG L 325 -16.25 19.38 -26.96
N PHE L 326 -16.21 18.14 -26.51
CA PHE L 326 -16.80 17.71 -25.24
C PHE L 326 -16.27 18.50 -24.02
N TYR L 327 -14.99 18.86 -23.96
CA TYR L 327 -14.41 19.61 -22.84
C TYR L 327 -14.73 21.10 -22.89
N PHE L 328 -14.97 21.67 -24.06
CA PHE L 328 -15.48 23.04 -24.15
C PHE L 328 -16.90 23.12 -23.58
N GLU L 329 -17.77 22.18 -23.97
CA GLU L 329 -19.17 22.13 -23.56
C GLU L 329 -19.39 21.73 -22.09
N ASN L 330 -18.46 21.01 -21.46
CA ASN L 330 -18.64 20.48 -20.09
C ASN L 330 -17.72 21.11 -19.03
N LEU L 331 -16.79 21.99 -19.41
CA LEU L 331 -15.93 22.75 -18.49
C LEU L 331 -15.74 24.18 -18.97
N LEU L 332 -15.04 24.37 -20.10
CA LEU L 332 -14.38 25.64 -20.39
C LEU L 332 -15.38 26.78 -20.64
N ALA L 333 -16.56 26.50 -21.17
CA ALA L 333 -17.65 27.47 -21.31
C ALA L 333 -18.37 27.81 -19.98
N LYS L 334 -18.20 26.99 -18.94
CA LYS L 334 -18.96 27.01 -17.67
C LYS L 334 -18.16 27.48 -16.45
N ASN L 335 -16.84 27.27 -16.43
CA ASN L 335 -15.97 27.62 -15.31
C ASN L 335 -15.82 29.15 -15.10
N SER L 336 -15.56 29.55 -13.85
CA SER L 336 -15.41 30.96 -13.41
C SER L 336 -14.20 31.25 -12.50
N LYS L 337 -13.57 30.23 -11.89
CA LYS L 337 -12.47 30.41 -10.92
C LYS L 337 -11.19 30.92 -11.57
N PRO L 338 -10.34 31.66 -10.85
CA PRO L 338 -9.09 32.21 -11.38
C PRO L 338 -8.04 31.12 -11.71
N ILE L 339 -7.36 31.29 -12.83
CA ILE L 339 -6.28 30.44 -13.34
C ILE L 339 -5.11 31.32 -13.81
N HIS L 340 -3.87 30.91 -13.55
CA HIS L 340 -2.66 31.53 -14.09
C HIS L 340 -1.76 30.49 -14.77
N THR L 341 -1.14 30.85 -15.90
CA THR L 341 -0.29 29.94 -16.68
C THR L 341 1.06 30.59 -17.00
N THR L 342 2.13 29.83 -16.77
CA THR L 342 3.51 30.21 -17.08
C THR L 342 4.04 29.31 -18.19
N ILE L 343 4.63 29.89 -19.23
CA ILE L 343 5.34 29.18 -20.31
C ILE L 343 6.85 29.31 -20.09
N LEU L 344 7.55 28.19 -19.97
CA LEU L 344 8.97 28.10 -19.68
C LEU L 344 9.78 27.55 -20.86
N ASN L 345 10.93 28.17 -21.08
CA ASN L 345 12.00 27.72 -21.98
C ASN L 345 11.54 27.35 -23.42
N PRO L 346 10.71 28.16 -24.10
CA PRO L 346 10.21 27.82 -25.44
C PRO L 346 11.33 27.68 -26.47
N HIS L 347 11.21 26.74 -27.40
CA HIS L 347 12.13 26.54 -28.52
C HIS L 347 11.34 26.41 -29.82
N VAL L 348 11.74 27.12 -30.88
CA VAL L 348 11.06 27.15 -32.19
C VAL L 348 12.00 26.66 -33.28
N HIS L 349 11.53 25.73 -34.11
CA HIS L 349 12.16 25.32 -35.37
C HIS L 349 11.36 25.89 -36.52
N VAL L 350 11.96 26.69 -37.40
CA VAL L 350 11.29 27.27 -38.57
C VAL L 350 11.80 26.53 -39.80
N ILE L 351 10.89 26.00 -40.61
CA ILE L 351 11.18 24.90 -41.53
C ILE L 351 10.85 25.36 -42.97
N GLY L 352 11.64 26.28 -43.52
CA GLY L 352 11.31 27.04 -44.73
C GLY L 352 10.40 28.23 -44.45
N GLU L 353 9.42 28.49 -45.31
CA GLU L 353 8.48 29.62 -45.15
C GLU L 353 7.03 29.19 -44.85
N ASP L 354 6.66 27.93 -45.12
CA ASP L 354 5.31 27.40 -44.91
C ASP L 354 5.11 26.69 -43.56
N ALA L 355 6.16 26.29 -42.85
CA ALA L 355 6.07 25.38 -41.71
C ALA L 355 6.91 25.80 -40.50
N ALA L 356 6.46 25.45 -39.30
CA ALA L 356 7.17 25.66 -38.04
C ALA L 356 6.74 24.67 -36.97
N CYS L 357 7.57 24.48 -35.94
CA CYS L 357 7.31 23.64 -34.78
C CYS L 357 7.74 24.38 -33.51
N ILE L 358 6.97 24.29 -32.42
CA ILE L 358 7.29 24.91 -31.13
C ILE L 358 7.16 23.90 -29.98
N ALA L 359 8.07 23.95 -29.00
CA ALA L 359 8.05 23.09 -27.82
C ALA L 359 8.32 23.88 -26.53
N TYR L 360 7.54 23.62 -25.48
CA TYR L 360 7.61 24.37 -24.22
C TYR L 360 7.13 23.58 -23.01
N ILE L 361 7.56 23.99 -21.82
CA ILE L 361 7.01 23.55 -20.53
C ILE L 361 5.92 24.54 -20.11
N ARG L 362 4.82 24.01 -19.59
CA ARG L 362 3.66 24.77 -19.13
C ARG L 362 3.40 24.44 -17.67
N LEU L 363 3.36 25.48 -16.83
CA LEU L 363 2.94 25.39 -15.43
C LEU L 363 1.60 26.10 -15.27
N THR L 364 0.62 25.45 -14.63
CA THR L 364 -0.70 26.03 -14.35
C THR L 364 -0.99 26.10 -12.85
N GLN L 365 -1.31 27.30 -12.38
CA GLN L 365 -1.79 27.62 -11.03
C GLN L 365 -3.31 27.75 -11.05
N TYR L 366 -4.00 27.02 -10.18
CA TYR L 366 -5.46 26.88 -10.18
C TYR L 366 -5.99 26.68 -8.76
N ILE L 367 -7.29 26.91 -8.55
CA ILE L 367 -7.99 26.68 -7.27
C ILE L 367 -8.77 25.37 -7.35
N ASP L 368 -8.61 24.47 -6.38
CA ASP L 368 -9.29 23.18 -6.37
C ASP L 368 -10.79 23.25 -5.99
N GLY L 369 -11.46 22.10 -5.90
CA GLY L 369 -12.87 21.97 -5.54
C GLY L 369 -13.22 22.38 -4.10
N GLN L 370 -12.27 22.84 -3.30
CA GLN L 370 -12.48 23.33 -1.93
C GLN L 370 -11.63 24.57 -1.58
N GLY L 371 -11.22 25.34 -2.60
CA GLY L 371 -10.67 26.69 -2.42
C GLY L 371 -9.15 26.78 -2.18
N ARG L 372 -8.40 25.68 -2.24
CA ARG L 372 -6.93 25.68 -2.06
C ARG L 372 -6.21 25.89 -3.40
N PRO L 373 -5.23 26.80 -3.52
CA PRO L 373 -4.34 26.87 -4.68
C PRO L 373 -3.46 25.61 -4.87
N ARG L 374 -3.31 25.18 -6.13
CA ARG L 374 -2.56 23.99 -6.60
C ARG L 374 -1.72 24.33 -7.85
N THR L 375 -0.70 23.52 -8.13
CA THR L 375 0.14 23.58 -9.35
C THR L 375 0.26 22.23 -10.08
N SER L 376 0.35 22.28 -11.41
CA SER L 376 0.62 21.12 -12.27
C SER L 376 1.48 21.48 -13.49
N GLN L 377 2.19 20.50 -14.06
CA GLN L 377 3.12 20.65 -15.20
C GLN L 377 2.73 19.76 -16.40
N SER L 378 2.83 20.31 -17.61
CA SER L 378 2.82 19.56 -18.87
C SER L 378 4.00 19.94 -19.77
N GLU L 379 4.33 19.02 -20.67
CA GLU L 379 5.29 19.21 -21.76
C GLU L 379 4.53 19.10 -23.07
N GLU L 380 4.64 20.10 -23.95
CA GLU L 380 3.79 20.22 -25.14
C GLU L 380 4.60 20.50 -26.41
N THR L 381 4.22 19.83 -27.51
CA THR L 381 4.72 20.05 -28.88
C THR L 381 3.57 20.44 -29.79
N ARG L 382 3.72 21.47 -30.63
CA ARG L 382 2.71 21.91 -31.61
C ARG L 382 3.34 22.14 -32.99
N VAL L 383 2.70 21.62 -34.04
CA VAL L 383 3.18 21.67 -35.43
C VAL L 383 2.28 22.57 -36.27
N TRP L 384 2.84 23.59 -36.90
CA TRP L 384 2.14 24.66 -37.62
C TRP L 384 2.45 24.67 -39.12
N HIS L 385 1.42 24.87 -39.95
CA HIS L 385 1.49 25.03 -41.41
C HIS L 385 0.81 26.35 -41.82
N ARG L 386 1.22 26.98 -42.91
CA ARG L 386 0.60 28.21 -43.45
C ARG L 386 -0.13 28.01 -44.80
N PRO L 387 -1.22 27.22 -44.88
CA PRO L 387 -2.06 27.19 -46.07
C PRO L 387 -2.80 28.53 -46.24
N ASP L 388 -3.01 28.98 -47.48
CA ASP L 388 -3.83 30.17 -47.82
C ASP L 388 -3.50 31.45 -47.03
N GLY L 389 -2.22 31.64 -46.66
CA GLY L 389 -1.73 32.84 -45.95
C GLY L 389 -1.97 32.86 -44.43
N LYS L 390 -2.71 31.89 -43.87
CA LYS L 390 -3.08 31.80 -42.44
C LYS L 390 -2.42 30.60 -41.75
N TRP L 391 -1.68 30.83 -40.67
CA TRP L 391 -1.13 29.75 -39.84
C TRP L 391 -2.23 28.89 -39.19
N GLN L 392 -2.14 27.57 -39.33
CA GLN L 392 -3.05 26.59 -38.72
C GLN L 392 -2.32 25.36 -38.19
N ASN L 393 -2.92 24.73 -37.18
CA ASN L 393 -2.29 23.68 -36.41
C ASN L 393 -2.70 22.29 -36.92
N VAL L 394 -1.74 21.41 -37.21
CA VAL L 394 -1.97 20.10 -37.88
C VAL L 394 -1.68 18.88 -37.00
N HIS L 395 -0.82 19.00 -35.99
CA HIS L 395 -0.55 17.93 -35.03
C HIS L 395 -0.13 18.51 -33.68
N PHE L 396 -0.52 17.84 -32.60
CA PHE L 396 -0.21 18.22 -31.22
C PHE L 396 0.10 17.00 -30.34
N HIS L 397 1.09 17.10 -29.45
CA HIS L 397 1.46 16.04 -28.50
C HIS L 397 1.66 16.65 -27.11
N CYS L 398 1.04 16.06 -26.09
CA CYS L 398 1.13 16.47 -24.69
C CYS L 398 1.51 15.31 -23.76
N SER L 399 2.35 15.59 -22.77
CA SER L 399 2.77 14.70 -21.67
C SER L 399 2.66 15.43 -20.32
N GLY L 400 2.64 14.68 -19.22
CA GLY L 400 2.52 15.21 -17.87
C GLY L 400 1.07 15.22 -17.38
N ALA L 401 0.66 16.28 -16.70
CA ALA L 401 -0.70 16.44 -16.21
C ALA L 401 -1.74 16.56 -17.35
N PRO L 402 -2.97 16.03 -17.20
CA PRO L 402 -4.09 16.27 -18.11
C PRO L 402 -4.46 17.76 -18.21
N VAL L 403 -5.06 18.19 -19.32
CA VAL L 403 -5.55 19.58 -19.47
C VAL L 403 -6.86 19.77 -18.70
N ALA L 404 -7.70 18.73 -18.61
CA ALA L 404 -8.81 18.71 -17.68
C ALA L 404 -8.25 18.80 -16.24
N PRO L 405 -8.54 19.87 -15.46
CA PRO L 405 -7.80 20.16 -14.24
C PRO L 405 -8.13 19.17 -13.11
N LEU L 406 -7.16 18.94 -12.23
CA LEU L 406 -7.28 18.02 -11.09
C LEU L 406 -7.77 18.76 -9.84
N GLN L 407 -9.00 19.29 -9.91
CA GLN L 407 -9.69 20.00 -8.82
C GLN L 407 -10.39 19.05 -7.83
#